data_7BDJ
#
_entry.id   7BDJ
#
_cell.length_a   99.612
_cell.length_b   118.912
_cell.length_c   187.353
_cell.angle_alpha   90.000
_cell.angle_beta   90.000
_cell.angle_gamma   90.000
#
_symmetry.space_group_name_H-M   'P 21 21 21'
#
loop_
_entity.id
_entity.type
_entity.pdbx_description
1 polymer 'U5 small nuclear ribonucleoprotein 200 kDa helicase'
2 polymer 'Pre-mRNA-processing-splicing factor 8'
3 non-polymer '[[[(2~{R},3~{S},4~{R},5~{R})-5-(6-aminopurin-9-yl)-3-[2-(methylamino)phenyl]carbonyloxy-4-oxidanyl-oxolan-2-yl]methoxy-oxidanyl-phosphoryl]oxy-oxidanyl-phosphoryl]oxy-sulfanyl-phosphinic acid'
4 non-polymer 'MAGNESIUM ION'
5 water water
#
loop_
_entity_poly.entity_id
_entity_poly.type
_entity_poly.pdbx_seq_one_letter_code
_entity_poly.pdbx_strand_id
1 'polypeptide(L)'
;GAEFMDLDQGGEALAPRQVLDLEDLVFTQGSHFMANKRCQLPDGSFRRQRKGYEEVHVPALKPKPFGSEEQLLPVEKLPK
YAQAGFEGFKTLNRIQSKLYRAALETDENLLLCAPTGAGKTNVALMCMLREIGKHINMDGTINVDDFKIIYIAPMRSLVQ
EMVGSFGKRLATYGITVAELTGDHQLCKEEISATQIIVCTPEKWDIITRKGGERTYTQLVRLIILDEIHLLHDDRGPVLE
ALVARAIRNIEMTQEDVRLIGLSATLPNYEDVATFLRVDPAKGLFYFDNSFRPVPLEQTYVGITEKKAIKRFQIMNEIVY
EKIMEHAGKNQVLVFVHSRKETGKTARAIRDMCLEKDTLGLFLREGSASTEVLRTEAEQCKNLELKDLLPYGFAIHHAGM
TRVDRTLVEDLFADKHIQVLVSTATLAWGVNLPAHTVIIKGTQVYSPEKGRWTELGALDILQMLGRAGRPQYDTKGEGIL
ITSHGELQYYLSLLNQQLPIESQMVSKLPDMLNAEIVLGNVQNAKDAVNWLGYAYLYIRMLRSPTLYGISHDDLKGDPLL
DQRRLDLVHTAALMLDKNNLVKYDKKTGNFQVTELGRIASHYYITNDTVQTYNQLLKPTLSEIELFRVFSLSSEFKNITV
REEEKLELQKLLERVPIPVKESIEEPSAKINVLLQAFISQLKLEGFALMADMVYVTQSAGRLMRAIFEIVLNRGWAQLTD
KTLNLCKMIDKRMWQSMCPLRQFRKLPEEVVKKIEKKNFPFERLYDLNHNEIGELIRMPKMGKTIHKYVHLFPKLELSVH
LQPITRSTLKVELTITPDFQWDEKVHGSSEAFWILVEDVDSEVILHHEYFLLKAKYAQDEHLITFFVPVFEPLPPQYFIR
VVSDRWLSCETQLPVSFRHLILPEKYPPPTELLDLQPLPVSALRNSAFESLYQDKFPFFNPIQTQVFNTVYNSDDNVFVG
APTGSGKTICAEFAILRMLLQSSEGRCVYITPMEALAEQVYMDWYEKFQDRLNKKVVLLTGETSTDLKLLGKGNIIISTP
EKWDILSRRWKQRKNVQNINLFVVDEVHLIGGENGPVLEVICSRMRYISSQIERPIRIVALSSSLSNAKDVAHWLGCSAT
STFNFHPNVRPVPLELHIQGFNISHTQTRLLSMAKPVYHAITKHSPKKPVIVFVPSRKQTRLTAIDILTTCAADIQRQRF
LHCTEKDLIPYLEKLSDSTLKETLLNGVGYLHEGLSPMERRLVEQLFSSGAIQVVVASRSLCWGMNVAAHLVIIMDTQYY
NGKIHAYVDYPIYDVLQMVGHANRPLQDDEGRCVIMCQGSKKDFFKKFLYEPLPVESHLDHCMHDHFNAEIVTKTIENKQ
DAVDYLTWTFLYRRMTQNPNYYNLQGISHRHLSDHLSELVEQTLSDLEQSKCISIEDEMDVAPLNLGMIAAYYYINYTTI
ELFSMSLNAKTKVRGLIEIISNAAEYENIPIRHHEDNLLRQLAQKVPHKLNNPKFNDPHVKTNLLLQAHLSRMQLSAELQ
SDTEEILSKAIRLIQACVDVLSSNGWLSPALAAMELAQMVTQAMWSKDSYLKQLPHFTSEHIKRCTDKGVESVFDIMEME
DEERNALLQLTDSQIADVARFCNRYPNIELSYEVVDKDSIRSGGPVVVLVQLEREEEVTGPVIAPLFPQKREEGWWVVIG
DAKSNSLISIKRLTLQQKAKVKLDFVAPATGAHNYTLYFMSDAYMGCDQEYKFSVDVKEAETDSDSD
;
B
2 'polypeptide(L)'
;GPLGSMTQTFSSKTEWRVRAISAANLHLRTNHIYVSSDDIKETGYTYILPKNVLKKFICISDLRAQIAGYLYGVSPPDNP
QVKEIRCIVMVPQWGTHQTVHLPGQLPQHEYLKEMEPLGWIHTQPNESPQLSPQDVTTHAKIMADNPSWDGEKTIIITCS
FTPGSCTLTAYKLTPSGYEWGRQNTDKGNNPKGYLPSHYERVQMLLSDRFLGFFMVPAQSSWNYNFMGVRHDPNMKYELQ
LANPKEFYHEVHRPSHFLNFALL
;
J
#
# COMPACT_ATOMS: atom_id res chain seq x y z
N LEU A 14 -15.77 25.12 31.40
CA LEU A 14 -14.88 24.29 30.59
C LEU A 14 -13.50 24.21 31.23
N ALA A 15 -13.35 24.91 32.36
CA ALA A 15 -12.15 24.83 33.18
C ALA A 15 -12.44 24.14 34.51
N PRO A 16 -13.42 24.61 35.33
CA PRO A 16 -13.63 23.96 36.63
C PRO A 16 -14.47 22.70 36.48
N ARG A 17 -13.80 21.54 36.46
CA ARG A 17 -14.50 20.29 36.19
C ARG A 17 -13.97 19.17 37.08
N GLN A 18 -14.72 18.07 37.08
CA GLN A 18 -14.43 16.89 37.87
C GLN A 18 -13.89 15.78 36.97
N VAL A 19 -13.12 14.88 37.58
CA VAL A 19 -12.72 13.63 36.96
C VAL A 19 -13.64 12.55 37.49
N LEU A 20 -14.32 11.84 36.59
CA LEU A 20 -15.30 10.84 37.00
C LEU A 20 -14.66 9.46 37.06
N ASP A 21 -15.38 8.53 37.69
CA ASP A 21 -15.02 7.12 37.73
C ASP A 21 -15.94 6.39 36.76
N LEU A 22 -15.42 6.08 35.58
CA LEU A 22 -16.25 5.51 34.52
C LEU A 22 -16.84 4.17 34.93
N GLU A 23 -16.07 3.34 35.62
CA GLU A 23 -16.56 2.01 35.99
C GLU A 23 -17.70 2.08 37.00
N ASP A 24 -17.84 3.19 37.73
CA ASP A 24 -18.98 3.37 38.60
C ASP A 24 -20.23 3.84 37.86
N LEU A 25 -20.09 4.25 36.60
CA LEU A 25 -21.23 4.60 35.76
C LEU A 25 -21.69 3.43 34.90
N VAL A 26 -20.99 2.31 34.94
CA VAL A 26 -21.23 1.20 34.04
C VAL A 26 -22.39 0.35 34.55
N PHE A 27 -23.26 -0.05 33.63
CA PHE A 27 -24.26 -1.08 33.92
C PHE A 27 -23.56 -2.44 33.89
N THR A 28 -23.36 -3.02 35.07
CA THR A 28 -22.56 -4.25 35.16
C THR A 28 -23.21 -5.40 34.41
N GLN A 29 -24.53 -5.56 34.55
CA GLN A 29 -25.22 -6.70 33.96
C GLN A 29 -25.28 -6.63 32.43
N GLY A 30 -24.85 -5.53 31.83
CA GLY A 30 -24.81 -5.44 30.38
C GLY A 30 -26.18 -5.58 29.77
N SER A 31 -26.33 -6.56 28.87
CA SER A 31 -27.62 -6.81 28.25
C SER A 31 -28.68 -7.27 29.25
N HIS A 32 -28.26 -7.79 30.40
CA HIS A 32 -29.19 -8.23 31.43
C HIS A 32 -29.65 -7.11 32.34
N PHE A 33 -29.23 -5.87 32.08
CA PHE A 33 -29.68 -4.75 32.89
C PHE A 33 -31.16 -4.48 32.66
N MET A 34 -31.91 -4.30 33.73
CA MET A 34 -33.36 -4.11 33.68
C MET A 34 -33.68 -2.73 34.22
N ALA A 35 -33.97 -1.79 33.32
CA ALA A 35 -34.26 -0.42 33.75
C ALA A 35 -35.66 -0.30 34.34
N ASN A 36 -36.62 -1.05 33.81
CA ASN A 36 -37.99 -0.96 34.31
C ASN A 36 -38.11 -1.61 35.68
N LYS A 37 -38.66 -0.87 36.63
CA LYS A 37 -38.81 -1.40 37.98
C LYS A 37 -39.92 -2.45 38.05
N ARG A 38 -40.96 -2.30 37.24
CA ARG A 38 -42.11 -3.19 37.27
C ARG A 38 -42.36 -3.76 35.88
N CYS A 39 -43.19 -4.79 35.82
CA CYS A 39 -43.54 -5.45 34.57
C CYS A 39 -45.03 -5.79 34.58
N GLN A 40 -45.77 -5.20 33.65
CA GLN A 40 -47.19 -5.46 33.49
C GLN A 40 -47.40 -6.51 32.40
N LEU A 41 -48.11 -7.57 32.75
CA LEU A 41 -48.35 -8.70 31.87
C LEU A 41 -49.71 -8.56 31.19
N PRO A 42 -49.87 -9.13 30.00
CA PRO A 42 -51.16 -9.05 29.30
C PRO A 42 -52.27 -9.73 30.11
N ASP A 43 -53.50 -9.44 29.71
CA ASP A 43 -54.65 -10.06 30.35
C ASP A 43 -54.64 -11.56 30.11
N GLY A 44 -55.01 -12.31 31.14
CA GLY A 44 -55.09 -13.75 31.06
C GLY A 44 -53.86 -14.51 31.55
N SER A 45 -52.88 -13.81 32.11
CA SER A 45 -51.70 -14.47 32.65
C SER A 45 -52.02 -15.08 34.01
N PHE A 46 -51.29 -16.15 34.37
CA PHE A 46 -51.47 -16.78 35.67
C PHE A 46 -50.17 -17.41 36.14
N ARG A 47 -49.76 -17.03 37.36
CA ARG A 47 -48.59 -17.58 38.04
C ARG A 47 -48.99 -18.77 38.91
N ARG A 48 -48.27 -19.88 38.76
CA ARG A 48 -48.58 -21.13 39.46
C ARG A 48 -47.38 -21.62 40.25
N GLN A 49 -47.58 -21.87 41.54
CA GLN A 49 -46.51 -22.36 42.41
C GLN A 49 -46.57 -23.88 42.50
N ARG A 50 -45.64 -24.54 41.82
CA ARG A 50 -45.42 -25.97 41.99
C ARG A 50 -44.19 -26.20 42.87
N LYS A 51 -43.98 -27.45 43.25
CA LYS A 51 -42.90 -27.77 44.20
C LYS A 51 -41.55 -27.60 43.52
N GLY A 52 -40.72 -26.70 44.06
CA GLY A 52 -39.40 -26.47 43.55
C GLY A 52 -39.29 -25.38 42.50
N TYR A 53 -40.38 -25.04 41.82
CA TYR A 53 -40.33 -24.04 40.77
C TYR A 53 -41.72 -23.43 40.59
N GLU A 54 -41.74 -22.22 40.03
CA GLU A 54 -42.97 -21.48 39.77
C GLU A 54 -43.11 -21.25 38.28
N GLU A 55 -44.29 -21.53 37.75
CA GLU A 55 -44.59 -21.34 36.34
C GLU A 55 -45.39 -20.07 36.12
N VAL A 56 -45.10 -19.39 35.02
CA VAL A 56 -45.85 -18.20 34.61
C VAL A 56 -46.29 -18.40 33.17
N HIS A 57 -47.60 -18.36 32.93
CA HIS A 57 -48.16 -18.52 31.61
C HIS A 57 -48.73 -17.20 31.12
N VAL A 58 -48.46 -16.88 29.86
CA VAL A 58 -48.98 -15.68 29.21
C VAL A 58 -49.72 -16.12 27.96
N PRO A 59 -51.00 -15.79 27.81
CA PRO A 59 -51.76 -16.28 26.65
C PRO A 59 -51.30 -15.62 25.36
N ALA A 60 -51.63 -16.28 24.25
CA ALA A 60 -51.31 -15.74 22.94
C ALA A 60 -52.12 -14.49 22.67
N LEU A 61 -51.49 -13.51 22.02
CA LEU A 61 -52.16 -12.25 21.72
C LEU A 61 -53.01 -12.38 20.47
N LYS A 62 -54.11 -11.64 20.45
CA LYS A 62 -55.00 -11.64 19.29
C LYS A 62 -54.52 -10.59 18.31
N PRO A 63 -54.24 -10.96 17.05
CA PRO A 63 -53.96 -9.94 16.04
C PRO A 63 -55.18 -9.07 15.80
N LYS A 64 -55.41 -8.10 16.69
CA LYS A 64 -56.64 -7.31 16.67
C LYS A 64 -56.86 -6.73 15.28
N PRO A 65 -58.04 -6.92 14.69
CA PRO A 65 -58.17 -6.88 13.22
C PRO A 65 -58.08 -5.49 12.60
N PHE A 66 -56.86 -5.02 12.35
CA PHE A 66 -56.62 -3.76 11.66
C PHE A 66 -57.50 -2.63 12.19
N GLY A 67 -58.20 -1.99 11.26
CA GLY A 67 -59.03 -0.83 11.51
C GLY A 67 -59.04 0.07 10.29
N SER A 68 -58.29 1.17 10.39
CA SER A 68 -58.13 2.09 9.26
C SER A 68 -57.36 1.41 8.12
N GLU A 69 -57.30 2.09 6.93
CA GLU A 69 -56.77 1.53 5.66
C GLU A 69 -55.64 0.55 5.82
N GLU A 70 -55.88 -0.69 5.48
CA GLU A 70 -54.78 -1.63 5.51
C GLU A 70 -55.07 -2.65 4.41
N GLN A 71 -54.74 -2.26 3.19
CA GLN A 71 -54.77 -3.15 2.05
C GLN A 71 -53.38 -3.77 1.91
N LEU A 72 -53.34 -5.09 1.77
CA LEU A 72 -52.08 -5.77 1.48
C LEU A 72 -51.65 -5.46 0.05
N LEU A 73 -50.51 -4.79 -0.07
CA LEU A 73 -50.02 -4.26 -1.35
C LEU A 73 -49.46 -5.37 -2.24
N PRO A 74 -50.11 -5.67 -3.36
CA PRO A 74 -49.54 -6.65 -4.29
C PRO A 74 -48.34 -6.06 -5.02
N VAL A 75 -47.32 -6.89 -5.23
CA VAL A 75 -46.09 -6.46 -5.87
C VAL A 75 -46.33 -5.92 -7.29
N GLU A 76 -47.50 -6.17 -7.87
CA GLU A 76 -47.83 -5.58 -9.16
C GLU A 76 -47.93 -4.06 -9.06
N LYS A 77 -48.30 -3.53 -7.89
CA LYS A 77 -48.45 -2.09 -7.72
C LYS A 77 -47.14 -1.39 -7.40
N LEU A 78 -46.11 -2.15 -6.98
CA LEU A 78 -44.83 -1.55 -6.67
C LEU A 78 -44.22 -0.91 -7.92
N PRO A 79 -43.23 -0.02 -7.74
CA PRO A 79 -42.44 0.44 -8.89
C PRO A 79 -41.84 -0.75 -9.63
N LYS A 80 -41.75 -0.60 -10.96
CA LYS A 80 -41.43 -1.74 -11.81
C LYS A 80 -40.00 -2.23 -11.59
N TYR A 81 -39.07 -1.31 -11.34
CA TYR A 81 -37.67 -1.70 -11.17
C TYR A 81 -37.46 -2.53 -9.92
N ALA A 82 -38.36 -2.46 -8.95
CA ALA A 82 -38.22 -3.20 -7.70
C ALA A 82 -38.97 -4.52 -7.68
N GLN A 83 -39.79 -4.81 -8.70
CA GLN A 83 -40.57 -6.03 -8.70
C GLN A 83 -39.70 -7.27 -8.87
N ALA A 84 -38.57 -7.14 -9.56
CA ALA A 84 -37.70 -8.29 -9.76
C ALA A 84 -37.12 -8.80 -8.45
N GLY A 85 -36.93 -7.91 -7.48
CA GLY A 85 -36.48 -8.32 -6.16
C GLY A 85 -37.54 -9.00 -5.32
N PHE A 86 -38.81 -8.92 -5.73
CA PHE A 86 -39.90 -9.59 -5.05
C PHE A 86 -40.50 -10.70 -5.90
N GLU A 87 -39.67 -11.33 -6.74
CA GLU A 87 -40.14 -12.44 -7.56
C GLU A 87 -40.35 -13.68 -6.69
N GLY A 88 -41.52 -14.28 -6.79
CA GLY A 88 -41.92 -15.36 -5.91
C GLY A 88 -42.83 -14.94 -4.79
N PHE A 89 -43.14 -13.65 -4.66
CA PHE A 89 -44.02 -13.12 -3.64
C PHE A 89 -45.23 -12.50 -4.32
N LYS A 90 -46.43 -12.85 -3.85
CA LYS A 90 -47.64 -12.31 -4.47
C LYS A 90 -47.99 -10.93 -3.94
N THR A 91 -47.83 -10.72 -2.64
CA THR A 91 -48.33 -9.51 -2.00
C THR A 91 -47.65 -9.34 -0.65
N LEU A 92 -47.23 -8.11 -0.36
CA LEU A 92 -46.55 -7.82 0.89
C LEU A 92 -47.46 -8.05 2.08
N ASN A 93 -46.86 -8.27 3.25
CA ASN A 93 -47.62 -8.45 4.48
C ASN A 93 -47.99 -7.07 5.02
N ARG A 94 -48.55 -7.04 6.23
CA ARG A 94 -49.03 -5.78 6.78
C ARG A 94 -47.89 -4.84 7.14
N ILE A 95 -46.75 -5.38 7.60
CA ILE A 95 -45.62 -4.53 7.96
C ILE A 95 -45.02 -3.88 6.72
N GLN A 96 -44.76 -4.68 5.68
CA GLN A 96 -44.13 -4.16 4.48
C GLN A 96 -45.04 -3.19 3.74
N SER A 97 -46.35 -3.43 3.75
CA SER A 97 -47.26 -2.58 2.99
C SER A 97 -47.43 -1.21 3.63
N LYS A 98 -47.31 -1.12 4.96
CA LYS A 98 -47.31 0.18 5.62
C LYS A 98 -45.97 0.88 5.56
N LEU A 99 -44.94 0.22 5.02
CA LEU A 99 -43.59 0.76 4.98
C LEU A 99 -43.06 0.99 3.57
N TYR A 100 -43.76 0.54 2.53
CA TYR A 100 -43.13 0.46 1.22
C TYR A 100 -42.93 1.83 0.60
N ARG A 101 -43.84 2.78 0.83
CA ARG A 101 -43.67 4.11 0.27
C ARG A 101 -42.56 4.87 1.00
N ALA A 102 -42.51 4.77 2.33
CA ALA A 102 -41.40 5.38 3.06
C ALA A 102 -40.08 4.72 2.71
N ALA A 103 -40.12 3.44 2.32
CA ALA A 103 -38.88 2.73 2.01
C ALA A 103 -38.45 2.95 0.56
N LEU A 104 -39.41 2.88 -0.38
CA LEU A 104 -39.08 2.92 -1.80
C LEU A 104 -39.22 4.30 -2.43
N GLU A 105 -40.01 5.19 -1.86
CA GLU A 105 -40.32 6.47 -2.49
C GLU A 105 -39.76 7.67 -1.73
N THR A 106 -39.06 7.46 -0.63
CA THR A 106 -38.38 8.54 0.09
C THR A 106 -36.98 8.10 0.47
N ASP A 107 -36.13 9.09 0.75
CA ASP A 107 -34.80 8.84 1.29
C ASP A 107 -34.76 9.05 2.80
N GLU A 108 -35.91 8.97 3.47
CA GLU A 108 -35.99 9.23 4.89
C GLU A 108 -35.32 8.12 5.69
N ASN A 109 -34.57 8.53 6.72
CA ASN A 109 -34.04 7.56 7.67
C ASN A 109 -35.18 6.86 8.39
N LEU A 110 -35.07 5.55 8.52
CA LEU A 110 -36.15 4.74 9.05
C LEU A 110 -35.74 4.03 10.33
N LEU A 111 -36.72 3.75 11.17
CA LEU A 111 -36.56 2.91 12.36
C LEU A 111 -37.82 2.07 12.48
N LEU A 112 -37.67 0.75 12.29
CA LEU A 112 -38.79 -0.20 12.26
C LEU A 112 -38.61 -1.21 13.39
N CYS A 113 -39.52 -1.17 14.37
CA CYS A 113 -39.60 -2.14 15.46
C CYS A 113 -40.77 -3.09 15.22
N ALA A 114 -40.49 -4.39 15.21
CA ALA A 114 -41.50 -5.41 15.00
C ALA A 114 -41.03 -6.67 15.70
N PRO A 115 -41.93 -7.53 16.15
CA PRO A 115 -41.49 -8.82 16.68
C PRO A 115 -40.81 -9.64 15.60
N THR A 116 -39.85 -10.47 16.02
CA THR A 116 -39.08 -11.25 15.06
C THR A 116 -39.99 -12.21 14.29
N GLY A 117 -39.88 -12.17 12.96
CA GLY A 117 -40.78 -12.90 12.10
C GLY A 117 -41.83 -12.06 11.41
N ALA A 118 -41.91 -10.77 11.73
CA ALA A 118 -42.93 -9.90 11.14
C ALA A 118 -42.60 -9.49 9.71
N GLY A 119 -41.35 -9.66 9.27
CA GLY A 119 -40.99 -9.33 7.91
C GLY A 119 -40.21 -8.05 7.76
N LYS A 120 -39.31 -7.77 8.72
CA LYS A 120 -38.51 -6.55 8.63
C LYS A 120 -37.42 -6.67 7.57
N THR A 121 -36.98 -7.90 7.27
CA THR A 121 -35.92 -8.08 6.27
C THR A 121 -36.32 -7.53 4.92
N ASN A 122 -37.58 -7.75 4.52
CA ASN A 122 -38.03 -7.26 3.22
C ASN A 122 -38.14 -5.74 3.19
N VAL A 123 -38.45 -5.12 4.32
CA VAL A 123 -38.50 -3.66 4.38
C VAL A 123 -37.12 -3.08 4.12
N ALA A 124 -36.08 -3.72 4.66
CA ALA A 124 -34.71 -3.31 4.34
C ALA A 124 -34.37 -3.60 2.89
N LEU A 125 -34.93 -4.68 2.32
CA LEU A 125 -34.72 -4.97 0.91
C LEU A 125 -35.32 -3.90 0.02
N MET A 126 -36.42 -3.28 0.46
CA MET A 126 -37.06 -2.24 -0.34
C MET A 126 -36.20 -0.97 -0.38
N CYS A 127 -35.57 -0.61 0.75
CA CYS A 127 -34.64 0.51 0.75
C CYS A 127 -33.40 0.19 -0.07
N MET A 128 -32.95 -1.06 -0.02
CA MET A 128 -31.82 -1.48 -0.86
C MET A 128 -32.17 -1.35 -2.33
N LEU A 129 -33.42 -1.63 -2.69
CA LEU A 129 -33.82 -1.56 -4.09
C LEU A 129 -33.92 -0.11 -4.56
N ARG A 130 -34.39 0.79 -3.69
CA ARG A 130 -34.42 2.20 -4.04
C ARG A 130 -33.03 2.73 -4.34
N GLU A 131 -32.03 2.30 -3.55
CA GLU A 131 -30.66 2.69 -3.82
C GLU A 131 -30.16 2.12 -5.13
N ILE A 132 -30.47 0.85 -5.40
CA ILE A 132 -30.06 0.22 -6.65
C ILE A 132 -30.71 0.92 -7.84
N GLY A 133 -31.95 1.35 -7.68
CA GLY A 133 -32.64 2.03 -8.76
C GLY A 133 -32.03 3.37 -9.13
N LYS A 134 -31.33 4.00 -8.17
CA LYS A 134 -30.70 5.29 -8.42
C LYS A 134 -29.51 5.20 -9.35
N HIS A 135 -29.13 4.01 -9.82
CA HIS A 135 -27.95 3.84 -10.66
C HIS A 135 -28.18 2.83 -11.77
N ILE A 136 -29.40 2.76 -12.29
CA ILE A 136 -29.74 1.86 -13.39
C ILE A 136 -29.44 2.59 -14.70
N ASN A 137 -28.53 2.05 -15.50
CA ASN A 137 -28.19 2.68 -16.77
C ASN A 137 -29.10 2.16 -17.88
N MET A 138 -29.05 2.85 -19.02
CA MET A 138 -29.86 2.51 -20.18
C MET A 138 -29.58 1.10 -20.67
N ASP A 139 -28.36 0.61 -20.46
CA ASP A 139 -27.99 -0.72 -20.95
C ASP A 139 -28.91 -1.79 -20.40
N GLY A 140 -29.47 -1.59 -19.22
CA GLY A 140 -30.25 -2.62 -18.55
C GLY A 140 -29.62 -3.00 -17.24
N THR A 141 -28.30 -3.14 -17.24
CA THR A 141 -27.55 -3.37 -16.00
C THR A 141 -27.46 -2.06 -15.23
N ILE A 142 -26.63 -2.03 -14.18
CA ILE A 142 -26.58 -0.91 -13.27
C ILE A 142 -25.15 -0.40 -13.15
N ASN A 143 -25.00 0.75 -12.50
CA ASN A 143 -23.71 1.39 -12.29
C ASN A 143 -23.17 0.93 -10.94
N VAL A 144 -22.26 -0.06 -10.97
CA VAL A 144 -21.70 -0.59 -9.74
C VAL A 144 -20.82 0.43 -9.03
N ASP A 145 -20.36 1.47 -9.74
CA ASP A 145 -19.45 2.44 -9.15
C ASP A 145 -20.14 3.29 -8.10
N ASP A 146 -21.30 3.85 -8.46
CA ASP A 146 -21.83 5.00 -7.75
C ASP A 146 -22.09 4.68 -6.28
N PHE A 147 -22.52 3.47 -5.97
CA PHE A 147 -23.05 3.16 -4.66
C PHE A 147 -22.37 1.95 -4.04
N LYS A 148 -22.58 1.80 -2.74
CA LYS A 148 -22.21 0.62 -1.97
C LYS A 148 -23.10 0.59 -0.73
N ILE A 149 -23.57 -0.61 -0.37
CA ILE A 149 -24.55 -0.77 0.69
C ILE A 149 -23.93 -1.63 1.78
N ILE A 150 -24.12 -1.22 3.03
CA ILE A 150 -23.61 -1.94 4.19
C ILE A 150 -24.81 -2.46 4.99
N TYR A 151 -24.87 -3.78 5.15
CA TYR A 151 -25.87 -4.44 5.99
C TYR A 151 -25.16 -4.94 7.25
N ILE A 152 -25.53 -4.38 8.39
CA ILE A 152 -24.89 -4.68 9.66
C ILE A 152 -25.74 -5.71 10.39
N ALA A 153 -25.25 -6.95 10.47
CA ALA A 153 -25.93 -8.02 11.17
C ALA A 153 -25.12 -8.45 12.40
N PRO A 154 -25.80 -8.79 13.51
CA PRO A 154 -25.04 -8.99 14.76
C PRO A 154 -24.25 -10.28 14.80
N MET A 155 -24.76 -11.36 14.22
CA MET A 155 -24.15 -12.68 14.34
C MET A 155 -23.51 -13.09 13.02
N ARG A 156 -22.35 -13.73 13.13
CA ARG A 156 -21.63 -14.22 11.95
C ARG A 156 -22.46 -15.22 11.16
N SER A 157 -23.16 -16.11 11.86
CA SER A 157 -24.01 -17.08 11.18
C SER A 157 -25.14 -16.39 10.43
N LEU A 158 -25.70 -15.34 11.00
CA LEU A 158 -26.75 -14.59 10.32
C LEU A 158 -26.21 -13.87 9.09
N VAL A 159 -24.98 -13.36 9.18
CA VAL A 159 -24.37 -12.65 8.05
C VAL A 159 -24.30 -13.55 6.83
N GLN A 160 -23.92 -14.82 7.03
CA GLN A 160 -23.73 -15.73 5.90
C GLN A 160 -25.05 -16.04 5.21
N GLU A 161 -26.13 -16.20 5.98
CA GLU A 161 -27.43 -16.47 5.38
C GLU A 161 -27.92 -15.28 4.56
N MET A 162 -27.68 -14.06 5.06
CA MET A 162 -28.09 -12.87 4.32
C MET A 162 -27.35 -12.76 2.99
N VAL A 163 -26.08 -13.19 2.95
CA VAL A 163 -25.31 -13.13 1.71
C VAL A 163 -25.96 -14.01 0.65
N GLY A 164 -26.45 -15.19 1.05
CA GLY A 164 -27.15 -16.05 0.10
C GLY A 164 -28.51 -15.49 -0.29
N SER A 165 -29.30 -15.10 0.71
CA SER A 165 -30.65 -14.61 0.44
C SER A 165 -30.62 -13.37 -0.44
N PHE A 166 -29.88 -12.33 0.00
CA PHE A 166 -29.80 -11.11 -0.79
C PHE A 166 -29.13 -11.36 -2.14
N GLY A 167 -28.17 -12.29 -2.18
CA GLY A 167 -27.53 -12.59 -3.46
C GLY A 167 -28.47 -13.22 -4.46
N LYS A 168 -29.39 -14.06 -3.99
CA LYS A 168 -30.33 -14.72 -4.89
C LYS A 168 -31.45 -13.77 -5.31
N ARG A 169 -31.95 -12.95 -4.38
CA ARG A 169 -33.05 -12.05 -4.71
C ARG A 169 -32.62 -10.96 -5.68
N LEU A 170 -31.36 -10.50 -5.59
CA LEU A 170 -30.85 -9.44 -6.44
C LEU A 170 -29.95 -9.96 -7.54
N ALA A 171 -29.91 -11.28 -7.76
CA ALA A 171 -29.08 -11.83 -8.82
C ALA A 171 -29.53 -11.35 -10.19
N THR A 172 -30.83 -11.14 -10.37
CA THR A 172 -31.36 -10.64 -11.64
C THR A 172 -30.94 -9.21 -11.93
N TYR A 173 -30.43 -8.48 -10.93
CA TYR A 173 -29.97 -7.11 -11.13
C TYR A 173 -28.49 -7.02 -11.46
N GLY A 174 -27.78 -8.14 -11.46
CA GLY A 174 -26.33 -8.09 -11.62
C GLY A 174 -25.60 -7.60 -10.39
N ILE A 175 -26.21 -7.78 -9.21
CA ILE A 175 -25.65 -7.31 -7.95
C ILE A 175 -24.89 -8.45 -7.29
N THR A 176 -23.75 -8.14 -6.68
CA THR A 176 -22.94 -9.10 -5.94
C THR A 176 -23.02 -8.77 -4.46
N VAL A 177 -23.24 -9.80 -3.64
CA VAL A 177 -23.30 -9.66 -2.18
C VAL A 177 -22.26 -10.60 -1.59
N ALA A 178 -21.45 -10.09 -0.67
CA ALA A 178 -20.39 -10.89 -0.07
C ALA A 178 -20.21 -10.47 1.39
N GLU A 179 -19.70 -11.41 2.18
CA GLU A 179 -19.37 -11.15 3.58
C GLU A 179 -17.91 -10.77 3.71
N LEU A 180 -17.28 -11.12 4.83
CA LEU A 180 -15.85 -10.89 4.96
C LEU A 180 -15.08 -11.73 3.95
N THR A 181 -14.51 -11.05 2.96
CA THR A 181 -13.44 -11.61 2.16
C THR A 181 -12.26 -10.65 2.14
N GLY A 182 -12.39 -9.49 2.77
CA GLY A 182 -11.41 -8.43 2.65
C GLY A 182 -10.68 -8.02 3.90
N ASP A 183 -11.08 -8.57 5.05
CA ASP A 183 -10.33 -8.33 6.28
C ASP A 183 -8.94 -8.93 6.18
N HIS A 184 -8.84 -10.09 5.54
CA HIS A 184 -7.62 -10.87 5.43
C HIS A 184 -6.60 -10.22 4.52
N GLN A 185 -6.95 -9.12 3.85
CA GLN A 185 -6.04 -8.45 2.93
C GLN A 185 -5.16 -7.42 3.64
N GLU A 189 -9.84 -4.62 -3.91
CA GLU A 189 -10.43 -5.88 -4.34
C GLU A 189 -11.37 -6.41 -3.26
N GLU A 190 -11.07 -6.04 -2.02
CA GLU A 190 -11.85 -6.54 -0.88
C GLU A 190 -13.32 -6.15 -1.00
N ILE A 191 -13.59 -4.92 -1.43
CA ILE A 191 -14.89 -4.29 -1.26
C ILE A 191 -15.43 -3.83 -2.60
N SER A 192 -14.53 -3.52 -3.54
CA SER A 192 -14.94 -3.17 -4.88
C SER A 192 -15.35 -4.42 -5.64
N ALA A 193 -16.18 -4.21 -6.69
CA ALA A 193 -16.91 -5.31 -7.33
C ALA A 193 -17.72 -6.08 -6.29
N THR A 194 -18.16 -5.37 -5.25
CA THR A 194 -19.01 -5.93 -4.20
C THR A 194 -19.91 -4.79 -3.74
N GLN A 195 -21.13 -4.75 -4.27
CA GLN A 195 -22.00 -3.60 -4.03
C GLN A 195 -22.74 -3.68 -2.71
N ILE A 196 -22.87 -4.85 -2.11
CA ILE A 196 -23.59 -5.03 -0.85
C ILE A 196 -22.68 -5.79 0.11
N ILE A 197 -22.20 -5.10 1.13
CA ILE A 197 -21.33 -5.69 2.14
C ILE A 197 -22.18 -6.03 3.37
N VAL A 198 -22.22 -7.31 3.70
CA VAL A 198 -22.87 -7.79 4.92
C VAL A 198 -21.78 -8.10 5.93
N CYS A 199 -21.92 -7.58 7.15
CA CYS A 199 -20.84 -7.66 8.13
C CYS A 199 -21.43 -7.50 9.52
N THR A 200 -20.59 -7.76 10.52
CA THR A 200 -20.90 -7.48 11.91
C THR A 200 -20.53 -6.04 12.24
N PRO A 201 -21.10 -5.49 13.32
CA PRO A 201 -20.69 -4.13 13.73
C PRO A 201 -19.19 -4.01 13.97
N GLU A 202 -18.58 -4.99 14.64
CA GLU A 202 -17.16 -4.91 14.96
C GLU A 202 -16.32 -4.88 13.69
N LYS A 203 -16.72 -5.63 12.67
CA LYS A 203 -15.93 -5.69 11.44
C LYS A 203 -16.00 -4.38 10.68
N TRP A 204 -17.18 -3.78 10.57
CA TRP A 204 -17.28 -2.47 9.94
C TRP A 204 -16.60 -1.41 10.79
N ASP A 205 -16.49 -1.64 12.10
CA ASP A 205 -15.79 -0.69 12.96
C ASP A 205 -14.30 -0.67 12.66
N ILE A 206 -13.67 -1.85 12.57
CA ILE A 206 -12.23 -1.89 12.33
C ILE A 206 -11.91 -1.46 10.90
N ILE A 207 -12.81 -1.73 9.95
CA ILE A 207 -12.56 -1.34 8.56
C ILE A 207 -12.53 0.18 8.44
N THR A 208 -13.53 0.85 9.00
CA THR A 208 -13.61 2.31 8.95
C THR A 208 -12.74 2.98 10.00
N ARG A 209 -12.03 2.22 10.84
CA ARG A 209 -11.12 2.81 11.80
C ARG A 209 -9.80 3.21 11.17
N LYS A 210 -9.36 2.49 10.14
CA LYS A 210 -8.10 2.78 9.45
C LYS A 210 -8.36 3.50 8.13
N GLY A 211 -9.06 4.63 8.23
CA GLY A 211 -9.43 5.39 7.05
C GLY A 211 -8.25 6.05 6.35
N GLY A 212 -7.78 5.43 5.27
CA GLY A 212 -6.84 6.05 4.37
C GLY A 212 -7.56 6.78 3.26
N GLU A 213 -6.84 7.01 2.15
CA GLU A 213 -7.48 7.47 0.92
C GLU A 213 -8.19 6.25 0.32
N ARG A 214 -9.32 5.91 0.92
CA ARG A 214 -9.97 4.63 0.71
C ARG A 214 -10.81 4.65 -0.57
N THR A 215 -11.40 3.49 -0.87
CA THR A 215 -12.45 3.38 -1.87
C THR A 215 -13.70 2.73 -1.29
N TYR A 216 -13.89 2.79 0.03
CA TYR A 216 -15.11 2.22 0.62
C TYR A 216 -16.10 3.27 1.10
N THR A 217 -15.82 3.95 2.22
CA THR A 217 -16.86 4.69 2.93
C THR A 217 -17.51 5.77 2.06
N GLN A 218 -16.75 6.37 1.14
CA GLN A 218 -17.33 7.45 0.34
C GLN A 218 -18.37 6.92 -0.64
N LEU A 219 -18.26 5.65 -1.04
CA LEU A 219 -19.28 5.04 -1.88
C LEU A 219 -20.49 4.58 -1.10
N VAL A 220 -20.42 4.57 0.23
CA VAL A 220 -21.53 4.11 1.05
C VAL A 220 -22.66 5.13 0.98
N ARG A 221 -23.81 4.69 0.45
CA ARG A 221 -25.01 5.51 0.40
C ARG A 221 -26.10 5.01 1.34
N LEU A 222 -26.00 3.77 1.82
CA LEU A 222 -27.05 3.18 2.64
C LEU A 222 -26.43 2.25 3.66
N ILE A 223 -26.82 2.41 4.92
CA ILE A 223 -26.40 1.54 6.01
C ILE A 223 -27.65 0.99 6.69
N ILE A 224 -27.71 -0.34 6.81
CA ILE A 224 -28.83 -1.01 7.47
C ILE A 224 -28.32 -1.60 8.77
N LEU A 225 -28.90 -1.15 9.89
CA LEU A 225 -28.53 -1.63 11.22
C LEU A 225 -29.60 -2.62 11.66
N ASP A 226 -29.38 -3.89 11.33
CA ASP A 226 -30.31 -4.95 11.72
C ASP A 226 -30.11 -5.31 13.18
N GLU A 227 -31.23 -5.58 13.87
CA GLU A 227 -31.23 -5.92 15.29
C GLU A 227 -30.52 -4.83 16.09
N ILE A 228 -30.93 -3.58 15.86
CA ILE A 228 -30.29 -2.44 16.50
C ILE A 228 -30.56 -2.37 17.99
N HIS A 229 -31.50 -3.17 18.51
CA HIS A 229 -31.64 -3.28 19.96
C HIS A 229 -30.43 -3.92 20.61
N LEU A 230 -29.43 -4.33 19.81
CA LEU A 230 -28.13 -4.71 20.34
C LEU A 230 -27.48 -3.60 21.15
N LEU A 231 -27.94 -2.35 20.98
CA LEU A 231 -27.44 -1.23 21.78
C LEU A 231 -27.45 -1.55 23.27
N HIS A 232 -28.41 -2.36 23.71
CA HIS A 232 -28.49 -2.72 25.12
C HIS A 232 -27.44 -3.74 25.53
N ASP A 233 -26.84 -4.44 24.56
CA ASP A 233 -25.82 -5.43 24.84
C ASP A 233 -24.46 -4.76 25.06
N ASP A 234 -23.52 -5.52 25.61
CA ASP A 234 -22.16 -5.01 25.79
C ASP A 234 -21.51 -4.67 24.45
N ARG A 235 -21.95 -5.31 23.37
CA ARG A 235 -21.48 -4.96 22.03
C ARG A 235 -22.17 -3.72 21.47
N GLY A 236 -23.18 -3.19 22.19
CA GLY A 236 -23.88 -2.02 21.73
C GLY A 236 -23.04 -0.81 21.37
N PRO A 237 -22.02 -0.45 22.18
CA PRO A 237 -21.22 0.74 21.87
C PRO A 237 -20.62 0.73 20.47
N VAL A 238 -20.43 -0.45 19.89
CA VAL A 238 -19.91 -0.51 18.52
C VAL A 238 -20.90 0.13 17.55
N LEU A 239 -22.20 -0.11 17.75
CA LEU A 239 -23.21 0.53 16.90
C LEU A 239 -23.24 2.03 17.12
N GLU A 240 -23.05 2.47 18.37
CA GLU A 240 -22.99 3.91 18.64
C GLU A 240 -21.78 4.53 17.95
N ALA A 241 -20.66 3.80 17.91
CA ALA A 241 -19.47 4.33 17.24
C ALA A 241 -19.68 4.41 15.73
N LEU A 242 -20.36 3.41 15.16
CA LEU A 242 -20.61 3.42 13.72
C LEU A 242 -21.53 4.57 13.32
N VAL A 243 -22.64 4.74 14.05
CA VAL A 243 -23.61 5.76 13.69
C VAL A 243 -23.03 7.15 13.87
N ALA A 244 -22.39 7.40 15.03
CA ALA A 244 -21.78 8.70 15.27
C ALA A 244 -20.75 9.03 14.21
N ARG A 245 -19.91 8.07 13.84
CA ARG A 245 -18.90 8.30 12.81
C ARG A 245 -19.56 8.61 11.47
N ALA A 246 -20.63 7.90 11.13
CA ALA A 246 -21.28 8.11 9.84
C ALA A 246 -22.06 9.42 9.81
N ILE A 247 -22.81 9.70 10.88
CA ILE A 247 -23.64 10.90 10.91
C ILE A 247 -22.79 12.16 11.01
N ARG A 248 -21.72 12.10 11.82
CA ARG A 248 -20.84 13.26 11.92
C ARG A 248 -20.07 13.49 10.63
N ASN A 249 -19.67 12.40 9.95
CA ASN A 249 -19.05 12.53 8.65
C ASN A 249 -20.02 13.06 7.60
N ILE A 250 -21.33 12.87 7.80
CA ILE A 250 -22.31 13.44 6.90
C ILE A 250 -22.19 14.95 6.86
N GLU A 251 -22.24 15.60 8.04
CA GLU A 251 -22.28 17.05 8.08
C GLU A 251 -20.95 17.68 7.70
N MET A 252 -19.84 16.98 7.93
CA MET A 252 -18.54 17.51 7.50
C MET A 252 -18.46 17.54 5.98
N THR A 253 -18.89 16.48 5.31
CA THR A 253 -18.89 16.40 3.87
C THR A 253 -20.15 16.95 3.22
N GLN A 254 -21.26 16.97 3.97
CA GLN A 254 -22.58 17.32 3.44
C GLN A 254 -22.98 16.40 2.29
N GLU A 255 -22.56 15.14 2.37
CA GLU A 255 -23.03 14.09 1.48
C GLU A 255 -23.90 13.13 2.30
N ASP A 256 -25.15 12.94 1.88
CA ASP A 256 -26.11 12.21 2.68
C ASP A 256 -25.86 10.71 2.63
N VAL A 257 -26.15 10.05 3.75
CA VAL A 257 -26.15 8.59 3.85
C VAL A 257 -27.42 8.19 4.59
N ARG A 258 -28.16 7.25 4.01
CA ARG A 258 -29.43 6.81 4.59
C ARG A 258 -29.18 5.69 5.61
N LEU A 259 -29.78 5.82 6.79
CA LEU A 259 -29.67 4.84 7.86
C LEU A 259 -31.02 4.17 8.06
N ILE A 260 -31.01 2.84 8.17
CA ILE A 260 -32.21 2.07 8.41
C ILE A 260 -31.98 1.20 9.63
N GLY A 261 -32.80 1.40 10.67
CA GLY A 261 -32.72 0.63 11.89
C GLY A 261 -33.87 -0.36 11.98
N LEU A 262 -33.53 -1.62 12.24
CA LEU A 262 -34.50 -2.68 12.48
C LEU A 262 -34.31 -3.18 13.91
N SER A 263 -35.35 -3.06 14.73
CA SER A 263 -35.25 -3.39 16.14
C SER A 263 -36.42 -4.27 16.56
N ALA A 264 -36.24 -4.93 17.70
CA ALA A 264 -37.37 -5.58 18.36
C ALA A 264 -38.25 -4.52 19.01
N THR A 265 -39.44 -4.94 19.43
CA THR A 265 -40.39 -4.01 20.05
C THR A 265 -40.08 -3.92 21.53
N LEU A 266 -39.25 -2.94 21.87
CA LEU A 266 -38.77 -2.72 23.22
C LEU A 266 -38.79 -1.22 23.49
N PRO A 267 -38.93 -0.81 24.75
CA PRO A 267 -39.05 0.62 25.06
C PRO A 267 -37.81 1.40 24.63
N ASN A 268 -37.95 2.73 24.70
CA ASN A 268 -36.95 3.71 24.28
C ASN A 268 -36.72 3.71 22.78
N TYR A 269 -37.67 3.20 22.00
CA TYR A 269 -37.50 3.17 20.55
C TYR A 269 -37.49 4.57 19.95
N GLU A 270 -38.13 5.53 20.60
CA GLU A 270 -38.09 6.91 20.11
C GLU A 270 -36.72 7.54 20.35
N ASP A 271 -36.04 7.14 21.43
CA ASP A 271 -34.67 7.59 21.63
C ASP A 271 -33.74 6.97 20.60
N VAL A 272 -34.00 5.71 20.22
CA VAL A 272 -33.25 5.10 19.12
C VAL A 272 -33.49 5.88 17.83
N ALA A 273 -34.72 6.36 17.63
CA ALA A 273 -35.04 7.12 16.42
C ALA A 273 -34.31 8.46 16.41
N THR A 274 -34.31 9.16 17.55
CA THR A 274 -33.50 10.38 17.67
C THR A 274 -32.03 10.08 17.40
N PHE A 275 -31.56 8.91 17.82
CA PHE A 275 -30.15 8.54 17.65
C PHE A 275 -29.80 8.28 16.20
N LEU A 276 -30.74 7.75 15.41
CA LEU A 276 -30.54 7.54 13.98
C LEU A 276 -30.96 8.74 13.14
N ARG A 277 -31.32 9.86 13.79
CA ARG A 277 -31.83 11.03 13.09
C ARG A 277 -33.04 10.68 12.24
N VAL A 278 -34.00 10.01 12.86
CA VAL A 278 -35.25 9.62 12.23
C VAL A 278 -36.32 10.62 12.62
N ASP A 279 -36.97 11.21 11.64
CA ASP A 279 -38.13 12.06 11.92
C ASP A 279 -39.25 11.19 12.47
N PRO A 280 -39.71 11.43 13.70
CA PRO A 280 -40.75 10.55 14.27
C PRO A 280 -42.05 10.57 13.47
N ALA A 281 -42.34 11.67 12.78
CA ALA A 281 -43.56 11.78 11.99
C ALA A 281 -43.39 11.27 10.56
N LYS A 282 -42.27 10.64 10.24
CA LYS A 282 -42.03 10.16 8.88
C LYS A 282 -41.42 8.77 8.86
N GLY A 283 -40.44 8.51 9.71
CA GLY A 283 -39.67 7.28 9.62
C GLY A 283 -39.74 6.34 10.80
N LEU A 284 -40.58 6.65 11.78
CA LEU A 284 -40.73 5.82 12.98
C LEU A 284 -41.95 4.93 12.84
N PHE A 285 -41.74 3.63 12.99
CA PHE A 285 -42.82 2.65 12.81
C PHE A 285 -42.70 1.59 13.89
N TYR A 286 -43.67 1.56 14.81
CA TYR A 286 -43.68 0.66 15.95
C TYR A 286 -44.89 -0.24 15.86
N PHE A 287 -44.66 -1.56 15.88
CA PHE A 287 -45.72 -2.56 15.77
C PHE A 287 -45.58 -3.54 16.94
N ASP A 288 -46.54 -3.55 17.85
CA ASP A 288 -46.43 -4.36 19.05
C ASP A 288 -46.43 -5.86 18.71
N ASN A 289 -46.39 -6.69 19.75
CA ASN A 289 -46.25 -8.14 19.57
C ASN A 289 -47.50 -8.78 18.97
N SER A 290 -48.60 -8.05 18.85
CA SER A 290 -49.78 -8.60 18.16
C SER A 290 -49.52 -8.81 16.68
N PHE A 291 -48.45 -8.22 16.14
CA PHE A 291 -48.08 -8.36 14.74
C PHE A 291 -47.14 -9.53 14.49
N ARG A 292 -47.02 -10.45 15.46
CA ARG A 292 -46.27 -11.67 15.24
C ARG A 292 -46.93 -12.46 14.12
N PRO A 293 -46.15 -13.16 13.27
CA PRO A 293 -46.78 -13.94 12.19
C PRO A 293 -47.78 -14.96 12.71
N VAL A 294 -47.41 -15.74 13.73
CA VAL A 294 -48.35 -16.60 14.43
C VAL A 294 -48.37 -16.17 15.89
N PRO A 295 -49.50 -16.25 16.57
CA PRO A 295 -49.53 -15.91 18.01
C PRO A 295 -48.67 -16.87 18.80
N LEU A 296 -48.20 -16.40 19.96
CA LEU A 296 -47.26 -17.14 20.78
C LEU A 296 -47.81 -17.28 22.19
N GLU A 297 -48.01 -18.52 22.63
CA GLU A 297 -48.37 -18.81 24.01
C GLU A 297 -47.09 -19.01 24.80
N GLN A 298 -46.86 -18.14 25.78
CA GLN A 298 -45.61 -18.11 26.52
C GLN A 298 -45.73 -18.86 27.84
N THR A 299 -44.69 -19.61 28.17
CA THR A 299 -44.60 -20.33 29.45
C THR A 299 -43.22 -20.10 30.03
N TYR A 300 -43.15 -19.57 31.24
CA TYR A 300 -41.89 -19.28 31.92
C TYR A 300 -41.80 -20.11 33.19
N VAL A 301 -40.72 -20.86 33.33
CA VAL A 301 -40.52 -21.77 34.45
C VAL A 301 -39.34 -21.23 35.27
N GLY A 302 -39.63 -20.78 36.49
CA GLY A 302 -38.60 -20.26 37.36
C GLY A 302 -38.33 -21.17 38.54
N ILE A 303 -37.12 -21.71 38.61
CA ILE A 303 -36.75 -22.69 39.62
C ILE A 303 -36.24 -21.96 40.86
N THR A 304 -36.70 -22.39 42.04
CA THR A 304 -36.23 -21.84 43.30
C THR A 304 -35.10 -22.64 43.92
N GLU A 305 -34.92 -23.90 43.50
CA GLU A 305 -33.85 -24.73 44.04
C GLU A 305 -32.49 -24.11 43.75
N LYS A 306 -31.68 -23.95 44.79
CA LYS A 306 -30.38 -23.32 44.66
C LYS A 306 -29.22 -24.31 44.70
N LYS A 307 -29.40 -25.48 45.30
CA LYS A 307 -28.36 -26.51 45.25
C LYS A 307 -28.21 -27.01 43.82
N ALA A 308 -26.96 -27.28 43.44
CA ALA A 308 -26.63 -27.45 42.03
C ALA A 308 -27.29 -28.70 41.43
N ILE A 309 -27.06 -29.87 42.03
CA ILE A 309 -27.41 -31.10 41.34
C ILE A 309 -28.90 -31.42 41.44
N LYS A 310 -29.59 -30.94 42.49
CA LYS A 310 -31.03 -31.14 42.55
C LYS A 310 -31.75 -30.22 41.56
N ARG A 311 -31.25 -28.99 41.42
CA ARG A 311 -31.75 -28.11 40.36
C ARG A 311 -31.42 -28.67 38.98
N PHE A 312 -30.36 -29.46 38.87
CA PHE A 312 -29.97 -30.04 37.60
C PHE A 312 -30.99 -31.07 37.12
N GLN A 313 -31.48 -31.92 38.02
CA GLN A 313 -32.47 -32.93 37.66
C GLN A 313 -33.89 -32.39 37.70
N ILE A 314 -34.16 -31.39 38.56
CA ILE A 314 -35.42 -30.68 38.47
C ILE A 314 -35.59 -30.10 37.07
N MET A 315 -34.53 -29.46 36.55
CA MET A 315 -34.54 -29.02 35.16
C MET A 315 -34.80 -30.18 34.22
N ASN A 316 -34.13 -31.33 34.45
CA ASN A 316 -34.35 -32.49 33.62
C ASN A 316 -35.72 -33.13 33.84
N GLU A 317 -36.42 -32.78 34.92
CA GLU A 317 -37.77 -33.28 35.12
C GLU A 317 -38.79 -32.40 34.41
N ILE A 318 -38.59 -31.08 34.44
CA ILE A 318 -39.57 -30.19 33.81
C ILE A 318 -39.48 -30.27 32.29
N VAL A 319 -38.28 -30.52 31.74
CA VAL A 319 -38.17 -30.66 30.29
C VAL A 319 -38.96 -31.87 29.81
N TYR A 320 -38.89 -32.98 30.55
CA TYR A 320 -39.58 -34.20 30.13
C TYR A 320 -41.09 -34.03 30.20
N GLU A 321 -41.58 -33.46 31.30
CA GLU A 321 -43.03 -33.24 31.43
C GLU A 321 -43.55 -32.32 30.35
N LYS A 322 -42.72 -31.37 29.88
CA LYS A 322 -43.14 -30.50 28.80
C LYS A 322 -43.05 -31.20 27.44
N ILE A 323 -42.03 -32.05 27.25
CA ILE A 323 -41.92 -32.81 26.01
C ILE A 323 -43.11 -33.74 25.86
N MET A 324 -43.56 -34.35 26.96
CA MET A 324 -44.66 -35.31 26.89
C MET A 324 -45.98 -34.63 26.48
N GLU A 325 -46.16 -33.36 26.86
CA GLU A 325 -47.37 -32.65 26.48
C GLU A 325 -47.44 -32.32 25.00
N HIS A 326 -46.36 -32.59 24.25
CA HIS A 326 -46.34 -32.35 22.82
C HIS A 326 -45.91 -33.57 22.00
N ALA A 327 -45.50 -34.65 22.65
CA ALA A 327 -45.07 -35.84 21.91
C ALA A 327 -46.21 -36.40 21.08
N GLY A 328 -45.96 -36.57 19.79
CA GLY A 328 -46.95 -37.07 18.85
C GLY A 328 -47.78 -36.01 18.17
N LYS A 329 -48.08 -34.93 18.88
CA LYS A 329 -48.90 -33.87 18.32
C LYS A 329 -48.08 -32.76 17.69
N ASN A 330 -46.89 -32.46 18.22
CA ASN A 330 -46.12 -31.32 17.76
C ASN A 330 -44.64 -31.62 17.82
N GLN A 331 -43.90 -31.15 16.82
CA GLN A 331 -42.45 -31.11 16.91
C GLN A 331 -42.03 -30.15 18.01
N VAL A 332 -40.91 -30.43 18.64
CA VAL A 332 -40.38 -29.59 19.72
C VAL A 332 -38.90 -29.35 19.46
N LEU A 333 -38.50 -28.08 19.51
CA LEU A 333 -37.12 -27.65 19.34
C LEU A 333 -36.59 -27.19 20.69
N VAL A 334 -35.59 -27.89 21.21
CA VAL A 334 -35.00 -27.58 22.51
C VAL A 334 -33.65 -26.92 22.28
N PHE A 335 -33.45 -25.78 22.93
CA PHE A 335 -32.20 -25.02 22.84
C PHE A 335 -31.41 -25.18 24.13
N VAL A 336 -30.12 -25.50 24.00
CA VAL A 336 -29.19 -25.53 25.11
C VAL A 336 -27.90 -24.82 24.69
N HIS A 337 -26.99 -24.66 25.65
CA HIS A 337 -25.90 -23.71 25.49
C HIS A 337 -24.53 -24.38 25.47
N SER A 338 -24.30 -25.26 24.49
CA SER A 338 -23.01 -25.90 24.28
C SER A 338 -23.07 -26.71 23.00
N ARG A 339 -21.90 -27.16 22.55
CA ARG A 339 -21.81 -28.21 21.55
C ARG A 339 -21.85 -29.60 22.17
N LYS A 340 -21.83 -29.69 23.49
CA LYS A 340 -21.83 -30.95 24.22
C LYS A 340 -23.16 -31.28 24.86
N GLU A 341 -23.84 -30.28 25.44
CA GLU A 341 -25.15 -30.51 26.04
C GLU A 341 -26.21 -30.80 25.00
N THR A 342 -25.94 -30.53 23.72
CA THR A 342 -26.93 -30.80 22.69
C THR A 342 -27.24 -32.28 22.59
N GLY A 343 -26.21 -33.14 22.64
CA GLY A 343 -26.42 -34.56 22.58
C GLY A 343 -26.63 -35.18 23.95
N LYS A 344 -26.07 -34.54 24.98
CA LYS A 344 -26.20 -35.07 26.34
C LYS A 344 -27.64 -35.00 26.83
N THR A 345 -28.31 -33.88 26.61
CA THR A 345 -29.71 -33.76 27.01
C THR A 345 -30.62 -34.57 26.09
N ALA A 346 -30.32 -34.56 24.78
CA ALA A 346 -31.12 -35.33 23.84
C ALA A 346 -31.11 -36.81 24.17
N ARG A 347 -30.01 -37.30 24.75
CA ARG A 347 -29.99 -38.67 25.28
C ARG A 347 -30.60 -38.72 26.67
N ALA A 348 -30.43 -37.67 27.47
CA ALA A 348 -30.97 -37.65 28.83
C ALA A 348 -32.49 -37.68 28.83
N ILE A 349 -33.12 -37.16 27.79
CA ILE A 349 -34.57 -37.21 27.67
C ILE A 349 -35.00 -38.11 26.51
N ARG A 350 -34.09 -38.97 26.04
CA ARG A 350 -34.51 -40.16 25.29
C ARG A 350 -34.61 -41.37 26.22
N ASP A 351 -33.57 -41.62 27.02
CA ASP A 351 -33.56 -42.79 27.90
C ASP A 351 -34.62 -42.68 29.01
N MET A 352 -34.81 -41.48 29.57
CA MET A 352 -35.87 -41.30 30.56
C MET A 352 -37.20 -41.77 30.01
N CYS A 353 -37.39 -41.64 28.70
CA CYS A 353 -38.61 -42.04 28.02
C CYS A 353 -38.74 -43.56 27.97
N LEU A 354 -37.67 -44.26 27.57
CA LEU A 354 -37.69 -45.72 27.51
C LEU A 354 -37.86 -46.31 28.90
N GLU A 355 -37.26 -45.66 29.90
CA GLU A 355 -37.46 -46.07 31.30
C GLU A 355 -38.93 -46.11 31.66
N LYS A 356 -39.73 -45.19 31.12
CA LYS A 356 -41.16 -45.17 31.37
C LYS A 356 -41.99 -45.69 30.20
N ASP A 357 -41.33 -46.19 29.15
CA ASP A 357 -42.00 -46.69 27.94
C ASP A 357 -42.92 -45.63 27.35
N THR A 358 -42.31 -44.51 26.94
CA THR A 358 -43.09 -43.35 26.53
C THR A 358 -42.58 -42.84 25.21
N LEU A 359 -42.56 -43.76 24.23
CA LEU A 359 -42.16 -43.44 22.86
C LEU A 359 -43.18 -43.93 21.86
N GLY A 360 -44.23 -44.63 22.29
CA GLY A 360 -45.35 -44.85 21.40
C GLY A 360 -45.97 -43.56 20.90
N LEU A 361 -45.67 -42.44 21.54
CA LEU A 361 -46.24 -41.17 21.15
C LEU A 361 -45.46 -40.52 20.02
N PHE A 362 -44.12 -40.58 20.07
CA PHE A 362 -43.30 -40.11 18.96
C PHE A 362 -43.49 -40.99 17.72
N LEU A 363 -42.90 -42.18 17.76
CA LEU A 363 -42.84 -43.07 16.61
C LEU A 363 -43.91 -44.17 16.78
N ARG A 364 -43.55 -45.44 16.62
CA ARG A 364 -44.31 -46.57 17.15
C ARG A 364 -45.64 -46.77 16.44
N GLU A 365 -45.69 -46.51 15.13
CA GLU A 365 -46.91 -46.68 14.37
C GLU A 365 -46.69 -47.30 13.01
N GLY A 366 -45.47 -47.74 12.68
CA GLY A 366 -45.16 -48.14 11.33
C GLY A 366 -45.45 -47.05 10.32
N SER A 367 -45.24 -45.79 10.71
CA SER A 367 -45.63 -44.66 9.90
C SER A 367 -44.85 -44.61 8.59
N ALA A 368 -45.39 -43.84 7.64
CA ALA A 368 -44.67 -43.58 6.40
C ALA A 368 -43.42 -42.75 6.62
N SER A 369 -43.22 -42.20 7.82
CA SER A 369 -42.04 -41.44 8.17
C SER A 369 -41.13 -42.18 9.15
N THR A 370 -41.45 -43.43 9.46
CA THR A 370 -40.62 -44.20 10.39
C THR A 370 -39.37 -44.74 9.69
N GLU A 371 -39.54 -45.32 8.50
CA GLU A 371 -38.40 -45.88 7.80
C GLU A 371 -37.52 -44.79 7.21
N VAL A 372 -38.12 -43.73 6.65
CA VAL A 372 -37.33 -42.63 6.13
C VAL A 372 -36.46 -42.02 7.24
N LEU A 373 -37.04 -41.88 8.43
CA LEU A 373 -36.23 -41.49 9.59
C LEU A 373 -35.19 -42.55 9.92
N ARG A 374 -35.52 -43.81 9.69
CA ARG A 374 -34.51 -44.86 9.81
C ARG A 374 -33.58 -44.86 8.60
N THR A 375 -34.14 -45.10 7.40
CA THR A 375 -33.33 -45.36 6.21
C THR A 375 -32.38 -44.24 5.85
N GLU A 376 -32.61 -43.02 6.34
CA GLU A 376 -31.63 -41.96 6.14
C GLU A 376 -30.62 -41.90 7.29
N ALA A 377 -30.82 -42.67 8.35
CA ALA A 377 -29.89 -42.77 9.47
C ALA A 377 -28.96 -43.97 9.32
N GLU A 378 -28.59 -44.29 8.08
CA GLU A 378 -27.53 -45.23 7.74
C GLU A 378 -26.56 -44.63 6.75
N GLN A 379 -27.03 -43.80 5.82
CA GLN A 379 -26.18 -42.90 5.06
C GLN A 379 -25.99 -41.64 5.89
N CYS A 380 -25.95 -41.82 7.21
CA CYS A 380 -25.85 -40.74 8.19
C CYS A 380 -24.41 -40.43 8.57
N LYS A 381 -23.62 -41.48 8.84
CA LYS A 381 -22.18 -41.35 9.14
C LYS A 381 -21.90 -40.38 10.29
N ASN A 382 -22.90 -40.09 11.11
CA ASN A 382 -22.71 -39.30 12.33
C ASN A 382 -23.04 -40.20 13.51
N LEU A 383 -22.03 -40.49 14.34
CA LEU A 383 -22.17 -41.48 15.40
C LEU A 383 -23.28 -41.11 16.37
N GLU A 384 -23.19 -39.91 16.95
CA GLU A 384 -24.20 -39.48 17.90
C GLU A 384 -25.57 -39.36 17.23
N LEU A 385 -25.61 -38.79 16.04
CA LEU A 385 -26.88 -38.60 15.34
C LEU A 385 -27.54 -39.94 15.03
N LYS A 386 -26.77 -40.88 14.46
CA LYS A 386 -27.32 -42.19 14.16
C LYS A 386 -27.77 -42.94 15.41
N ASP A 387 -27.19 -42.60 16.56
CA ASP A 387 -27.70 -43.16 17.82
C ASP A 387 -29.12 -42.67 18.10
N LEU A 388 -29.40 -41.41 17.77
CA LEU A 388 -30.66 -40.78 18.13
C LEU A 388 -31.65 -40.68 16.97
N LEU A 389 -31.16 -40.50 15.74
CA LEU A 389 -32.04 -40.20 14.62
C LEU A 389 -33.12 -41.26 14.36
N PRO A 390 -32.86 -42.57 14.46
CA PRO A 390 -33.93 -43.54 14.20
C PRO A 390 -35.14 -43.39 15.11
N TYR A 391 -34.95 -42.98 16.37
CA TYR A 391 -36.06 -42.91 17.33
C TYR A 391 -36.57 -41.48 17.52
N GLY A 392 -36.65 -40.69 16.45
CA GLY A 392 -37.30 -39.40 16.47
C GLY A 392 -36.42 -38.24 16.88
N PHE A 393 -35.41 -38.48 17.70
CA PHE A 393 -34.59 -37.41 18.25
C PHE A 393 -33.51 -36.99 17.24
N ALA A 394 -32.90 -35.83 17.51
CA ALA A 394 -31.85 -35.29 16.63
C ALA A 394 -31.15 -34.16 17.37
N ILE A 395 -29.99 -33.77 16.83
CA ILE A 395 -29.19 -32.67 17.37
C ILE A 395 -28.67 -31.83 16.20
N HIS A 396 -28.14 -30.65 16.53
CA HIS A 396 -27.64 -29.71 15.53
C HIS A 396 -26.72 -28.72 16.23
N HIS A 397 -25.47 -28.65 15.78
CA HIS A 397 -24.53 -27.65 16.28
C HIS A 397 -23.40 -27.48 15.27
N ALA A 398 -22.59 -26.45 15.47
CA ALA A 398 -21.57 -26.07 14.50
C ALA A 398 -20.44 -27.10 14.40
N GLY A 399 -20.26 -27.94 15.41
CA GLY A 399 -19.22 -28.96 15.35
C GLY A 399 -19.50 -30.07 14.35
N MET A 400 -20.74 -30.18 13.88
CA MET A 400 -21.12 -31.18 12.91
C MET A 400 -20.85 -30.68 11.49
N THR A 401 -20.77 -31.63 10.55
CA THR A 401 -20.47 -31.29 9.17
C THR A 401 -21.66 -30.58 8.52
N ARG A 402 -21.43 -30.09 7.30
CA ARG A 402 -22.46 -29.30 6.63
C ARG A 402 -23.60 -30.16 6.13
N VAL A 403 -23.29 -31.32 5.54
CA VAL A 403 -24.35 -32.20 5.08
C VAL A 403 -25.03 -32.92 6.25
N ASP A 404 -24.32 -33.07 7.37
CA ASP A 404 -24.97 -33.58 8.58
C ASP A 404 -26.02 -32.60 9.08
N ARG A 405 -25.67 -31.31 9.17
CA ARG A 405 -26.63 -30.31 9.60
C ARG A 405 -27.76 -30.16 8.58
N THR A 406 -27.42 -30.11 7.28
CA THR A 406 -28.44 -30.10 6.25
C THR A 406 -29.30 -31.36 6.28
N LEU A 407 -28.77 -32.46 6.82
CA LEU A 407 -29.58 -33.66 7.00
C LEU A 407 -30.66 -33.43 8.05
N VAL A 408 -30.31 -32.85 9.19
CA VAL A 408 -31.26 -32.75 10.29
C VAL A 408 -32.35 -31.73 9.99
N GLU A 409 -32.06 -30.70 9.19
CA GLU A 409 -33.08 -29.71 8.87
C GLU A 409 -33.93 -30.14 7.69
N ASP A 410 -33.39 -30.97 6.79
CA ASP A 410 -34.20 -31.53 5.72
C ASP A 410 -35.28 -32.44 6.27
N LEU A 411 -34.99 -33.17 7.35
CA LEU A 411 -35.99 -34.01 7.98
C LEU A 411 -36.95 -33.21 8.83
N PHE A 412 -36.43 -32.23 9.60
CA PHE A 412 -37.29 -31.43 10.46
C PHE A 412 -38.26 -30.57 9.64
N ALA A 413 -37.81 -30.07 8.49
CA ALA A 413 -38.68 -29.27 7.64
C ALA A 413 -39.81 -30.11 7.06
N ASP A 414 -39.52 -31.34 6.65
CA ASP A 414 -40.53 -32.27 6.17
C ASP A 414 -41.37 -32.85 7.31
N LYS A 415 -41.24 -32.32 8.52
CA LYS A 415 -42.01 -32.76 9.68
C LYS A 415 -41.78 -34.25 9.95
N HIS A 416 -40.51 -34.64 10.00
CA HIS A 416 -40.15 -36.02 10.30
C HIS A 416 -39.46 -36.20 11.64
N ILE A 417 -38.63 -35.25 12.04
CA ILE A 417 -38.00 -35.27 13.36
C ILE A 417 -38.94 -34.65 14.37
N GLN A 418 -39.10 -35.31 15.52
CA GLN A 418 -40.03 -34.86 16.55
C GLN A 418 -39.34 -34.15 17.69
N VAL A 419 -38.07 -34.44 17.95
CA VAL A 419 -37.32 -33.82 19.04
C VAL A 419 -35.97 -33.40 18.48
N LEU A 420 -35.70 -32.11 18.48
CA LEU A 420 -34.45 -31.56 17.99
C LEU A 420 -33.82 -30.66 19.04
N VAL A 421 -32.62 -31.01 19.48
CA VAL A 421 -31.87 -30.27 20.49
C VAL A 421 -30.73 -29.54 19.79
N SER A 422 -30.71 -28.22 19.88
CA SER A 422 -29.76 -27.40 19.15
C SER A 422 -29.26 -26.30 20.05
N THR A 423 -28.50 -25.37 19.47
CA THR A 423 -28.01 -24.19 20.18
C THR A 423 -28.37 -22.94 19.41
N ALA A 424 -27.80 -21.80 19.79
CA ALA A 424 -28.17 -20.52 19.19
C ALA A 424 -27.77 -20.42 17.72
N THR A 425 -26.76 -21.17 17.28
CA THR A 425 -26.30 -21.06 15.91
C THR A 425 -27.40 -21.39 14.91
N LEU A 426 -28.22 -22.41 15.20
CA LEU A 426 -29.30 -22.78 14.29
C LEU A 426 -30.36 -21.69 14.23
N ALA A 427 -30.61 -21.01 15.34
CA ALA A 427 -31.66 -19.99 15.38
C ALA A 427 -31.31 -18.78 14.52
N TRP A 428 -30.03 -18.50 14.33
CA TRP A 428 -29.59 -17.32 13.60
C TRP A 428 -29.39 -17.60 12.11
N GLY A 429 -28.61 -18.63 11.78
CA GLY A 429 -28.22 -18.90 10.42
C GLY A 429 -29.13 -19.79 9.61
N VAL A 430 -30.20 -20.32 10.21
CA VAL A 430 -31.13 -21.21 9.52
C VAL A 430 -32.54 -20.72 9.75
N ASN A 431 -33.41 -20.95 8.75
CA ASN A 431 -34.82 -20.62 8.85
C ASN A 431 -35.59 -21.92 9.10
N LEU A 432 -35.61 -22.34 10.37
CA LEU A 432 -36.20 -23.61 10.77
C LEU A 432 -37.14 -23.38 11.94
N PRO A 433 -38.43 -23.15 11.67
CA PRO A 433 -39.40 -22.95 12.75
C PRO A 433 -39.97 -24.26 13.27
N ALA A 434 -40.30 -24.25 14.55
CA ALA A 434 -40.93 -25.38 15.21
C ALA A 434 -42.16 -24.90 15.97
N HIS A 435 -43.14 -25.80 16.15
CA HIS A 435 -44.35 -25.44 16.86
C HIS A 435 -44.05 -25.11 18.31
N THR A 436 -43.24 -25.93 18.97
CA THR A 436 -42.90 -25.78 20.38
C THR A 436 -41.39 -25.60 20.52
N VAL A 437 -40.99 -24.58 21.27
CA VAL A 437 -39.57 -24.28 21.50
C VAL A 437 -39.35 -24.23 23.00
N ILE A 438 -38.31 -24.94 23.47
CA ILE A 438 -37.95 -25.00 24.88
C ILE A 438 -36.54 -24.47 25.04
N ILE A 439 -36.36 -23.53 25.95
CA ILE A 439 -35.05 -22.97 26.29
C ILE A 439 -34.65 -23.58 27.63
N LYS A 440 -33.86 -24.65 27.58
CA LYS A 440 -33.45 -25.38 28.78
C LYS A 440 -32.30 -24.61 29.45
N GLY A 441 -32.66 -23.76 30.40
CA GLY A 441 -31.67 -22.96 31.09
C GLY A 441 -31.28 -21.72 30.31
N THR A 442 -30.97 -20.63 31.01
CA THR A 442 -30.58 -19.37 30.38
C THR A 442 -29.22 -18.90 30.89
N GLN A 443 -28.36 -19.83 31.29
CA GLN A 443 -27.03 -19.51 31.77
C GLN A 443 -26.00 -20.13 30.83
N VAL A 444 -24.99 -19.35 30.47
CA VAL A 444 -23.93 -19.78 29.56
C VAL A 444 -22.60 -19.28 30.10
N TYR A 445 -21.54 -20.03 29.81
CA TYR A 445 -20.21 -19.66 30.29
C TYR A 445 -19.63 -18.56 29.41
N SER A 446 -19.20 -17.47 30.03
CA SER A 446 -18.59 -16.36 29.33
C SER A 446 -17.10 -16.31 29.66
N PRO A 447 -16.21 -16.66 28.72
CA PRO A 447 -14.78 -16.52 29.01
C PRO A 447 -14.33 -15.08 29.15
N GLU A 448 -14.99 -14.15 28.46
CA GLU A 448 -14.65 -12.74 28.61
C GLU A 448 -14.95 -12.26 30.03
N LYS A 449 -16.16 -12.52 30.50
CA LYS A 449 -16.48 -12.24 31.90
C LYS A 449 -15.79 -13.21 32.85
N GLY A 450 -15.24 -14.31 32.34
CA GLY A 450 -14.55 -15.27 33.20
C GLY A 450 -15.45 -16.00 34.16
N ARG A 451 -16.74 -16.11 33.85
CA ARG A 451 -17.70 -16.74 34.75
C ARG A 451 -18.93 -17.12 33.95
N TRP A 452 -19.92 -17.69 34.65
CA TRP A 452 -21.22 -17.95 34.04
C TRP A 452 -22.07 -16.69 34.10
N THR A 453 -22.83 -16.45 33.04
CA THR A 453 -23.72 -15.30 32.97
C THR A 453 -25.00 -15.70 32.27
N GLU A 454 -25.99 -14.81 32.33
CA GLU A 454 -27.25 -15.04 31.65
C GLU A 454 -27.09 -14.89 30.14
N LEU A 455 -28.01 -15.50 29.41
CA LEU A 455 -28.00 -15.39 27.95
C LEU A 455 -28.25 -13.94 27.53
N GLY A 456 -27.69 -13.57 26.39
CA GLY A 456 -27.95 -12.26 25.84
C GLY A 456 -29.39 -12.12 25.40
N ALA A 457 -29.88 -10.87 25.41
CA ALA A 457 -31.27 -10.62 25.03
C ALA A 457 -31.54 -11.00 23.58
N LEU A 458 -30.55 -10.81 22.70
CA LEU A 458 -30.76 -11.11 21.28
C LEU A 458 -30.96 -12.61 21.07
N ASP A 459 -30.18 -13.45 21.76
CA ASP A 459 -30.33 -14.88 21.60
C ASP A 459 -31.70 -15.36 22.04
N ILE A 460 -32.21 -14.81 23.16
CA ILE A 460 -33.52 -15.22 23.66
C ILE A 460 -34.61 -14.90 22.65
N LEU A 461 -34.62 -13.65 22.16
CA LEU A 461 -35.66 -13.24 21.22
C LEU A 461 -35.59 -14.03 19.92
N GLN A 462 -34.38 -14.41 19.49
CA GLN A 462 -34.26 -15.16 18.24
C GLN A 462 -34.76 -16.59 18.38
N MET A 463 -34.46 -17.23 19.52
CA MET A 463 -34.86 -18.63 19.70
C MET A 463 -36.37 -18.74 19.87
N LEU A 464 -36.95 -17.93 20.77
CA LEU A 464 -38.40 -17.94 20.95
C LEU A 464 -39.13 -17.35 19.76
N GLY A 465 -38.45 -16.64 18.88
CA GLY A 465 -39.06 -16.22 17.62
C GLY A 465 -39.24 -17.34 16.63
N ARG A 466 -38.54 -18.46 16.83
CA ARG A 466 -38.70 -19.64 15.99
C ARG A 466 -39.92 -20.47 16.36
N ALA A 467 -40.61 -20.13 17.44
CA ALA A 467 -41.77 -20.88 17.88
C ALA A 467 -42.97 -20.58 16.97
N GLY A 468 -43.62 -21.64 16.49
CA GLY A 468 -44.79 -21.50 15.64
C GLY A 468 -44.44 -21.35 14.17
N ARG A 469 -44.74 -22.39 13.38
CA ARG A 469 -44.52 -22.31 11.95
C ARG A 469 -45.47 -21.29 11.34
N PRO A 470 -44.97 -20.34 10.54
CA PRO A 470 -45.83 -19.26 10.04
C PRO A 470 -46.88 -19.71 9.02
N GLN A 471 -47.14 -21.01 8.93
CA GLN A 471 -48.04 -21.53 7.91
C GLN A 471 -48.90 -22.65 8.47
N TYR A 472 -48.27 -23.62 9.13
CA TYR A 472 -49.02 -24.66 9.79
C TYR A 472 -49.86 -24.12 10.93
N ASP A 473 -49.19 -23.59 11.94
CA ASP A 473 -49.71 -23.57 13.29
C ASP A 473 -50.64 -22.38 13.52
N THR A 474 -51.77 -22.65 14.17
CA THR A 474 -52.61 -21.57 14.68
C THR A 474 -51.95 -20.85 15.85
N LYS A 475 -50.90 -21.44 16.43
CA LYS A 475 -50.26 -20.89 17.61
C LYS A 475 -48.86 -21.46 17.74
N GLY A 476 -47.99 -20.67 18.37
CA GLY A 476 -46.68 -21.12 18.78
C GLY A 476 -46.62 -21.21 20.29
N GLU A 477 -45.76 -22.08 20.80
CA GLU A 477 -45.65 -22.32 22.24
C GLU A 477 -44.19 -22.27 22.64
N GLY A 478 -43.79 -21.18 23.29
CA GLY A 478 -42.42 -20.99 23.74
C GLY A 478 -42.32 -21.21 25.24
N ILE A 479 -41.39 -22.08 25.63
CA ILE A 479 -41.18 -22.43 27.03
C ILE A 479 -39.75 -22.05 27.39
N LEU A 480 -39.62 -21.20 28.42
CA LEU A 480 -38.32 -20.77 28.92
C LEU A 480 -38.15 -21.24 30.35
N ILE A 481 -37.02 -21.87 30.64
CA ILE A 481 -36.70 -22.35 31.98
C ILE A 481 -35.44 -21.62 32.45
N THR A 482 -35.50 -21.07 33.66
CA THR A 482 -34.38 -20.32 34.23
C THR A 482 -34.58 -20.25 35.73
N SER A 483 -33.65 -19.58 36.41
CA SER A 483 -33.78 -19.34 37.84
C SER A 483 -34.95 -18.40 38.12
N HIS A 484 -35.58 -18.60 39.28
CA HIS A 484 -36.79 -17.85 39.61
C HIS A 484 -36.53 -16.35 39.68
N GLY A 485 -35.33 -15.94 40.08
CA GLY A 485 -35.01 -14.54 40.21
C GLY A 485 -34.85 -13.80 38.90
N GLU A 486 -34.81 -14.50 37.78
CA GLU A 486 -34.70 -13.89 36.46
C GLU A 486 -36.01 -13.91 35.69
N LEU A 487 -37.11 -14.33 36.33
CA LEU A 487 -38.39 -14.36 35.65
C LEU A 487 -38.81 -12.97 35.19
N GLN A 488 -38.79 -12.00 36.12
CA GLN A 488 -39.20 -10.64 35.80
C GLN A 488 -38.43 -10.07 34.61
N TYR A 489 -37.16 -10.48 34.45
CA TYR A 489 -36.39 -10.01 33.31
C TYR A 489 -36.93 -10.55 31.99
N TYR A 490 -37.12 -11.86 31.91
CA TYR A 490 -37.52 -12.46 30.64
C TYR A 490 -38.97 -12.16 30.30
N LEU A 491 -39.81 -11.93 31.32
CA LEU A 491 -41.12 -11.37 31.04
C LEU A 491 -41.01 -9.96 30.48
N SER A 492 -40.08 -9.16 31.02
CA SER A 492 -39.87 -7.81 30.50
C SER A 492 -39.36 -7.85 29.07
N LEU A 493 -38.45 -8.78 28.76
CA LEU A 493 -37.82 -8.81 27.45
C LEU A 493 -38.81 -9.20 26.37
N LEU A 494 -39.64 -10.20 26.62
CA LEU A 494 -40.52 -10.76 25.60
C LEU A 494 -41.90 -10.11 25.58
N ASN A 495 -42.18 -9.18 26.49
CA ASN A 495 -43.46 -8.48 26.51
C ASN A 495 -43.25 -6.97 26.43
N GLN A 496 -42.34 -6.55 25.55
CA GLN A 496 -42.19 -5.16 25.12
C GLN A 496 -41.87 -4.21 26.28
N GLN A 497 -41.19 -4.69 27.32
CA GLN A 497 -41.00 -3.87 28.51
C GLN A 497 -39.56 -3.85 29.03
N LEU A 498 -38.59 -4.36 28.26
CA LEU A 498 -37.19 -4.24 28.67
C LEU A 498 -36.58 -3.05 27.93
N PRO A 499 -36.36 -1.91 28.59
CA PRO A 499 -35.87 -0.72 27.88
C PRO A 499 -34.47 -0.91 27.33
N ILE A 500 -34.21 -0.23 26.21
CA ILE A 500 -32.92 -0.26 25.56
C ILE A 500 -32.08 0.88 26.12
N GLU A 501 -30.98 0.54 26.79
CA GLU A 501 -30.06 1.52 27.36
C GLU A 501 -28.70 1.43 26.67
N SER A 502 -27.87 2.42 26.94
CA SER A 502 -26.55 2.50 26.33
C SER A 502 -25.50 1.97 27.29
N GLN A 503 -24.66 1.05 26.80
CA GLN A 503 -23.56 0.48 27.57
C GLN A 503 -22.22 1.10 27.21
N MET A 504 -22.22 2.38 26.81
CA MET A 504 -21.06 2.98 26.17
C MET A 504 -20.07 3.61 27.15
N VAL A 505 -20.48 3.87 28.40
CA VAL A 505 -19.58 4.51 29.36
C VAL A 505 -18.35 3.65 29.59
N SER A 506 -18.48 2.33 29.45
CA SER A 506 -17.33 1.44 29.62
C SER A 506 -16.33 1.61 28.49
N LYS A 507 -16.79 1.54 27.25
CA LYS A 507 -15.92 1.57 26.08
C LYS A 507 -15.57 2.99 25.63
N LEU A 508 -15.89 4.00 26.43
CA LEU A 508 -15.67 5.39 26.00
C LEU A 508 -14.21 5.70 25.67
N PRO A 509 -13.22 5.34 26.49
CA PRO A 509 -11.83 5.66 26.11
C PRO A 509 -11.39 5.04 24.79
N ASP A 510 -11.71 3.77 24.56
CA ASP A 510 -11.26 3.12 23.33
C ASP A 510 -11.93 3.71 22.10
N MET A 511 -13.17 4.19 22.23
CA MET A 511 -13.87 4.75 21.09
C MET A 511 -13.42 6.18 20.80
N LEU A 512 -13.15 6.96 21.86
CA LEU A 512 -12.64 8.31 21.66
C LEU A 512 -11.28 8.29 20.98
N ASN A 513 -10.42 7.35 21.37
CA ASN A 513 -9.12 7.22 20.71
C ASN A 513 -9.27 6.87 19.25
N ALA A 514 -10.28 6.06 18.92
CA ALA A 514 -10.51 5.70 17.52
C ALA A 514 -10.87 6.92 16.67
N GLU A 515 -11.52 7.92 17.27
CA GLU A 515 -11.83 9.14 16.54
C GLU A 515 -10.66 10.11 16.54
N ILE A 516 -9.78 10.04 17.54
CA ILE A 516 -8.56 10.83 17.51
C ILE A 516 -7.61 10.30 16.44
N VAL A 517 -7.52 8.97 16.31
CA VAL A 517 -6.65 8.38 15.30
C VAL A 517 -7.13 8.73 13.89
N LEU A 518 -8.45 8.78 13.71
CA LEU A 518 -9.01 9.09 12.40
C LEU A 518 -8.91 10.57 12.04
N GLY A 519 -8.71 11.44 13.04
CA GLY A 519 -8.69 12.87 12.80
C GLY A 519 -10.04 13.55 12.98
N ASN A 520 -11.09 12.80 13.28
CA ASN A 520 -12.41 13.40 13.46
C ASN A 520 -12.48 14.21 14.73
N VAL A 521 -11.67 13.88 15.73
CA VAL A 521 -11.66 14.56 17.02
C VAL A 521 -10.22 14.99 17.31
N GLN A 522 -9.95 16.28 17.22
CA GLN A 522 -8.62 16.82 17.45
C GLN A 522 -8.50 17.59 18.76
N ASN A 523 -9.60 17.84 19.46
CA ASN A 523 -9.56 18.53 20.73
C ASN A 523 -10.79 18.11 21.55
N ALA A 524 -10.95 18.72 22.72
CA ALA A 524 -12.01 18.31 23.64
C ALA A 524 -13.38 18.71 23.12
N LYS A 525 -13.49 19.87 22.47
CA LYS A 525 -14.79 20.32 22.00
C LYS A 525 -15.26 19.51 20.79
N ASP A 526 -14.34 19.04 19.95
CA ASP A 526 -14.71 18.08 18.92
C ASP A 526 -15.28 16.82 19.55
N ALA A 527 -14.69 16.39 20.66
CA ALA A 527 -15.16 15.18 21.33
C ALA A 527 -16.54 15.38 21.93
N VAL A 528 -16.81 16.55 22.51
CA VAL A 528 -18.15 16.85 23.01
C VAL A 528 -19.16 16.84 21.88
N ASN A 529 -18.77 17.38 20.72
CA ASN A 529 -19.62 17.31 19.54
C ASN A 529 -19.85 15.86 19.12
N TRP A 530 -18.77 15.08 19.05
CA TRP A 530 -18.90 13.67 18.69
C TRP A 530 -19.75 12.92 19.69
N LEU A 531 -19.57 13.19 20.99
CA LEU A 531 -20.36 12.53 22.01
C LEU A 531 -21.84 12.86 21.89
N GLY A 532 -22.17 14.02 21.34
CA GLY A 532 -23.56 14.40 21.16
C GLY A 532 -24.31 13.54 20.16
N TYR A 533 -23.60 12.79 19.32
CA TYR A 533 -24.21 11.87 18.39
C TYR A 533 -24.38 10.47 18.95
N ALA A 534 -23.88 10.21 20.15
CA ALA A 534 -23.96 8.89 20.75
C ALA A 534 -25.34 8.64 21.34
N TYR A 535 -25.77 7.38 21.30
CA TYR A 535 -27.02 6.99 21.93
C TYR A 535 -26.97 7.20 23.44
N LEU A 536 -25.78 7.18 24.03
CA LEU A 536 -25.64 7.51 25.45
C LEU A 536 -26.12 8.94 25.72
N TYR A 537 -25.82 9.86 24.82
CA TYR A 537 -26.19 11.26 25.03
C TYR A 537 -27.70 11.44 25.04
N ILE A 538 -28.39 10.84 24.06
CA ILE A 538 -29.84 10.95 23.99
C ILE A 538 -30.48 10.36 25.23
N ARG A 539 -29.99 9.20 25.67
CA ARG A 539 -30.52 8.59 26.89
C ARG A 539 -30.20 9.42 28.12
N MET A 540 -29.05 10.10 28.12
CA MET A 540 -28.71 10.97 29.24
C MET A 540 -29.66 12.15 29.35
N LEU A 541 -30.13 12.66 28.22
CA LEU A 541 -31.04 13.80 28.24
C LEU A 541 -32.43 13.41 28.75
N ARG A 542 -32.90 12.22 28.38
CA ARG A 542 -34.27 11.83 28.67
C ARG A 542 -34.43 11.23 30.07
N SER A 543 -33.45 10.46 30.53
CA SER A 543 -33.50 9.81 31.85
C SER A 543 -32.16 10.00 32.55
N PRO A 544 -31.85 11.23 32.97
CA PRO A 544 -30.52 11.50 33.52
C PRO A 544 -30.21 10.76 34.81
N THR A 545 -31.23 10.46 35.61
CA THR A 545 -30.99 9.81 36.89
C THR A 545 -30.57 8.36 36.73
N LEU A 546 -30.92 7.72 35.60
CA LEU A 546 -30.40 6.39 35.30
C LEU A 546 -28.90 6.44 35.04
N TYR A 547 -28.40 7.54 34.48
CA TYR A 547 -27.00 7.67 34.11
C TYR A 547 -26.21 8.53 35.09
N GLY A 548 -26.63 8.56 36.35
CA GLY A 548 -25.87 9.25 37.38
C GLY A 548 -25.86 10.76 37.28
N ILE A 549 -26.87 11.33 36.64
CA ILE A 549 -27.02 12.78 36.48
C ILE A 549 -28.24 13.21 37.28
N SER A 550 -28.05 14.17 38.19
CA SER A 550 -29.18 14.69 38.93
C SER A 550 -29.97 15.64 38.06
N HIS A 551 -31.30 15.63 38.19
CA HIS A 551 -32.11 16.70 37.61
C HIS A 551 -31.76 18.05 38.22
N ASP A 552 -31.16 18.04 39.43
CA ASP A 552 -30.49 19.22 39.93
C ASP A 552 -29.38 19.66 38.98
N ASP A 553 -28.63 18.70 38.45
CA ASP A 553 -27.53 19.03 37.53
C ASP A 553 -28.02 19.24 36.11
N LEU A 554 -29.01 18.45 35.66
CA LEU A 554 -29.43 18.49 34.27
C LEU A 554 -29.88 19.88 33.85
N LYS A 555 -30.30 20.73 34.80
CA LYS A 555 -30.69 22.07 34.43
C LYS A 555 -29.64 23.11 34.78
N GLY A 556 -28.64 22.79 35.59
CA GLY A 556 -27.46 23.63 35.63
C GLY A 556 -26.64 23.42 34.37
N ASP A 557 -27.21 22.67 33.41
CA ASP A 557 -26.53 22.17 32.22
C ASP A 557 -27.54 21.54 31.27
N PRO A 558 -28.43 22.32 30.65
CA PRO A 558 -29.60 21.72 29.97
C PRO A 558 -29.25 20.73 28.87
N LEU A 559 -28.23 21.01 28.06
CA LEU A 559 -27.82 20.09 27.01
C LEU A 559 -26.63 19.24 27.43
N LEU A 560 -26.32 19.21 28.72
CA LEU A 560 -25.26 18.37 29.29
C LEU A 560 -23.91 18.70 28.66
N ASP A 561 -23.61 19.99 28.56
CA ASP A 561 -22.32 20.42 28.04
C ASP A 561 -21.22 20.15 29.05
N GLN A 562 -21.42 20.55 30.31
CA GLN A 562 -20.42 20.30 31.34
C GLN A 562 -20.24 18.81 31.59
N ARG A 563 -21.32 18.03 31.47
CA ARG A 563 -21.24 16.60 31.74
C ARG A 563 -20.41 15.89 30.68
N ARG A 564 -20.70 16.15 29.41
CA ARG A 564 -19.97 15.50 28.33
C ARG A 564 -18.48 15.84 28.38
N LEU A 565 -18.16 17.09 28.68
CA LEU A 565 -16.76 17.49 28.79
C LEU A 565 -16.08 16.80 29.97
N ASP A 566 -16.81 16.55 31.06
CA ASP A 566 -16.27 15.75 32.15
C ASP A 566 -15.93 14.35 31.70
N LEU A 567 -16.86 13.71 30.96
CA LEU A 567 -16.61 12.37 30.45
C LEU A 567 -15.41 12.36 29.51
N VAL A 568 -15.36 13.33 28.59
CA VAL A 568 -14.23 13.41 27.67
C VAL A 568 -12.94 13.67 28.44
N HIS A 569 -12.98 14.60 29.41
CA HIS A 569 -11.79 14.88 30.21
C HIS A 569 -11.31 13.65 30.96
N THR A 570 -12.24 12.90 31.56
CA THR A 570 -11.87 11.66 32.23
C THR A 570 -11.31 10.65 31.24
N ALA A 571 -11.96 10.49 30.09
CA ALA A 571 -11.49 9.53 29.09
C ALA A 571 -10.15 9.95 28.52
N ALA A 572 -9.94 11.25 28.28
CA ALA A 572 -8.68 11.72 27.72
C ALA A 572 -7.52 11.47 28.68
N LEU A 573 -7.75 11.68 29.98
CA LEU A 573 -6.71 11.43 30.96
C LEU A 573 -6.27 9.97 30.95
N MET A 574 -7.23 9.05 30.86
CA MET A 574 -6.90 7.63 30.80
C MET A 574 -6.06 7.31 29.56
N LEU A 575 -6.45 7.86 28.41
CA LEU A 575 -5.65 7.68 27.21
C LEU A 575 -4.27 8.31 27.35
N ASP A 576 -4.19 9.45 28.04
CA ASP A 576 -2.91 10.13 28.20
C ASP A 576 -1.99 9.35 29.13
N LYS A 577 -2.53 8.81 30.22
CA LYS A 577 -1.70 8.05 31.15
C LYS A 577 -1.16 6.78 30.50
N ASN A 578 -1.90 6.18 29.58
CA ASN A 578 -1.47 4.97 28.89
C ASN A 578 -0.71 5.25 27.60
N ASN A 579 -0.35 6.51 27.35
CA ASN A 579 0.52 6.92 26.25
C ASN A 579 -0.09 6.67 24.88
N LEU A 580 -1.40 6.53 24.78
CA LEU A 580 -2.04 6.53 23.47
C LEU A 580 -2.22 7.93 22.93
N VAL A 581 -2.43 8.91 23.81
CA VAL A 581 -2.73 10.28 23.45
C VAL A 581 -1.86 11.19 24.31
N LYS A 582 -1.51 12.35 23.77
CA LYS A 582 -0.95 13.45 24.55
C LYS A 582 -2.05 14.48 24.74
N TYR A 583 -2.59 14.57 25.95
CA TYR A 583 -3.72 15.43 26.26
C TYR A 583 -3.23 16.72 26.90
N ASP A 584 -3.46 17.84 26.23
CA ASP A 584 -3.06 19.16 26.72
C ASP A 584 -4.26 19.76 27.45
N LYS A 585 -4.23 19.68 28.78
CA LYS A 585 -5.40 20.09 29.57
C LYS A 585 -5.79 21.55 29.35
N LYS A 586 -4.81 22.43 29.12
CA LYS A 586 -5.12 23.85 28.93
C LYS A 586 -5.95 24.06 27.67
N THR A 587 -5.38 23.73 26.51
CA THR A 587 -6.07 23.93 25.25
C THR A 587 -7.09 22.83 24.97
N GLY A 588 -7.00 21.69 25.66
CA GLY A 588 -7.88 20.58 25.36
C GLY A 588 -7.52 19.82 24.11
N ASN A 589 -6.33 20.03 23.56
CA ASN A 589 -5.95 19.42 22.30
C ASN A 589 -5.52 17.97 22.49
N PHE A 590 -5.69 17.18 21.44
CA PHE A 590 -5.29 15.78 21.40
C PHE A 590 -4.21 15.59 20.35
N GLN A 591 -3.11 14.95 20.74
CA GLN A 591 -2.04 14.58 19.81
C GLN A 591 -2.06 13.07 19.61
N VAL A 592 -2.13 12.64 18.35
CA VAL A 592 -2.14 11.22 18.04
C VAL A 592 -0.74 10.64 18.22
N THR A 593 -0.69 9.34 18.48
CA THR A 593 0.56 8.61 18.63
C THR A 593 0.50 7.31 17.84
N GLU A 594 1.67 6.73 17.60
CA GLU A 594 1.74 5.44 16.91
C GLU A 594 1.15 4.33 17.77
N LEU A 595 1.38 4.37 19.09
CA LEU A 595 0.78 3.40 19.98
C LEU A 595 -0.73 3.53 20.00
N GLY A 596 -1.23 4.76 19.95
CA GLY A 596 -2.67 4.95 19.91
C GLY A 596 -3.30 4.46 18.62
N ARG A 597 -2.60 4.63 17.49
CA ARG A 597 -3.12 4.16 16.22
C ARG A 597 -3.19 2.63 16.19
N ILE A 598 -2.14 1.96 16.67
CA ILE A 598 -2.12 0.50 16.69
C ILE A 598 -3.25 -0.03 17.56
N ALA A 599 -3.52 0.64 18.68
CA ALA A 599 -4.63 0.23 19.53
C ALA A 599 -5.96 0.32 18.78
N SER A 600 -6.14 1.37 18.00
CA SER A 600 -7.37 1.52 17.23
C SER A 600 -7.43 0.57 16.04
N HIS A 601 -6.35 0.46 15.27
CA HIS A 601 -6.41 -0.30 14.03
C HIS A 601 -6.44 -1.81 14.26
N TYR A 602 -5.92 -2.27 15.39
CA TYR A 602 -5.91 -3.69 15.72
C TYR A 602 -6.96 -4.05 16.76
N TYR A 603 -7.85 -3.12 17.11
CA TYR A 603 -8.96 -3.36 18.03
C TYR A 603 -8.44 -3.83 19.39
N ILE A 604 -7.48 -3.09 19.93
CA ILE A 604 -6.86 -3.39 21.22
C ILE A 604 -7.33 -2.36 22.23
N THR A 605 -7.67 -2.83 23.43
CA THR A 605 -8.05 -1.90 24.49
C THR A 605 -6.84 -1.13 24.99
N ASN A 606 -7.09 0.06 25.52
CA ASN A 606 -6.00 1.00 25.79
C ASN A 606 -5.13 0.56 26.95
N ASP A 607 -5.66 -0.24 27.88
CA ASP A 607 -4.82 -0.76 28.96
C ASP A 607 -3.80 -1.77 28.44
N THR A 608 -4.17 -2.54 27.41
CA THR A 608 -3.28 -3.58 26.89
C THR A 608 -2.05 -2.98 26.23
N VAL A 609 -2.23 -1.93 25.43
CA VAL A 609 -1.08 -1.35 24.74
C VAL A 609 -0.15 -0.65 25.71
N GLN A 610 -0.67 -0.17 26.85
CA GLN A 610 0.21 0.37 27.88
C GLN A 610 1.10 -0.73 28.45
N THR A 611 0.53 -1.91 28.69
CA THR A 611 1.34 -3.04 29.14
C THR A 611 2.39 -3.40 28.11
N TYR A 612 2.02 -3.44 26.84
CA TYR A 612 2.99 -3.73 25.78
C TYR A 612 4.10 -2.69 25.76
N ASN A 613 3.74 -1.41 25.86
CA ASN A 613 4.74 -0.35 25.82
C ASN A 613 5.68 -0.41 27.02
N GLN A 614 5.21 -0.97 28.14
CA GLN A 614 6.03 -1.04 29.35
C GLN A 614 7.03 -2.19 29.27
N LEU A 615 6.59 -3.36 28.82
CA LEU A 615 7.38 -4.58 28.97
C LEU A 615 8.14 -4.98 27.71
N LEU A 616 7.73 -4.53 26.53
CA LEU A 616 8.41 -4.92 25.31
C LEU A 616 9.79 -4.25 25.25
N LYS A 617 10.83 -5.07 25.13
CA LYS A 617 12.21 -4.63 24.99
C LYS A 617 12.88 -5.41 23.88
N PRO A 618 13.89 -4.84 23.22
CA PRO A 618 14.53 -5.57 22.11
C PRO A 618 15.24 -6.83 22.55
N THR A 619 15.69 -6.89 23.80
CA THR A 619 16.36 -8.07 24.35
C THR A 619 15.38 -9.08 24.93
N LEU A 620 14.16 -9.15 24.40
CA LEU A 620 13.11 -9.94 25.02
C LEU A 620 13.20 -11.41 24.64
N SER A 621 12.91 -12.27 25.61
CA SER A 621 12.88 -13.71 25.42
C SER A 621 11.59 -14.13 24.73
N GLU A 622 11.57 -15.37 24.24
CA GLU A 622 10.29 -16.00 23.91
C GLU A 622 9.52 -16.32 25.19
N ILE A 623 10.23 -16.59 26.28
CA ILE A 623 9.58 -16.80 27.57
C ILE A 623 8.81 -15.56 28.00
N GLU A 624 9.45 -14.39 27.89
CA GLU A 624 8.80 -13.15 28.28
C GLU A 624 7.77 -12.70 27.26
N LEU A 625 7.96 -13.04 25.98
CA LEU A 625 6.97 -12.68 24.97
C LEU A 625 5.63 -13.35 25.25
N PHE A 626 5.64 -14.66 25.50
CA PHE A 626 4.41 -15.35 25.88
C PHE A 626 3.82 -14.76 27.16
N ARG A 627 4.69 -14.39 28.12
CA ARG A 627 4.21 -13.80 29.36
C ARG A 627 3.57 -12.44 29.13
N VAL A 628 4.18 -11.61 28.28
CA VAL A 628 3.61 -10.30 27.97
C VAL A 628 2.23 -10.46 27.34
N PHE A 629 2.09 -11.44 26.43
CA PHE A 629 0.80 -11.69 25.81
C PHE A 629 -0.25 -12.10 26.84
N SER A 630 0.14 -12.95 27.80
CA SER A 630 -0.80 -13.42 28.81
C SER A 630 -1.26 -12.30 29.76
N LEU A 631 -0.63 -11.13 29.71
CA LEU A 631 -0.98 -10.02 30.57
C LEU A 631 -1.90 -9.01 29.88
N SER A 632 -2.39 -9.32 28.68
CA SER A 632 -3.28 -8.42 27.98
C SER A 632 -4.59 -8.27 28.74
N SER A 633 -5.11 -7.03 28.76
CA SER A 633 -6.31 -6.73 29.53
C SER A 633 -7.57 -7.40 29.00
N GLU A 634 -7.52 -7.96 27.79
CA GLU A 634 -8.65 -8.74 27.29
C GLU A 634 -8.90 -9.98 28.14
N PHE A 635 -7.91 -10.41 28.92
CA PHE A 635 -8.02 -11.58 29.78
C PHE A 635 -8.11 -11.22 31.26
N LYS A 636 -8.55 -10.00 31.57
CA LYS A 636 -8.47 -9.51 32.95
C LYS A 636 -9.40 -10.28 33.89
N ASN A 637 -10.49 -10.85 33.36
CA ASN A 637 -11.42 -11.59 34.19
C ASN A 637 -11.06 -13.06 34.33
N ILE A 638 -10.02 -13.53 33.64
CA ILE A 638 -9.65 -14.93 33.70
C ILE A 638 -9.02 -15.24 35.05
N THR A 639 -9.44 -16.35 35.64
CA THR A 639 -8.89 -16.82 36.91
C THR A 639 -8.56 -18.31 36.79
N VAL A 640 -7.79 -18.80 37.75
CA VAL A 640 -7.40 -20.21 37.80
C VAL A 640 -8.31 -20.91 38.79
N ARG A 641 -9.22 -21.72 38.29
CA ARG A 641 -10.15 -22.45 39.15
C ARG A 641 -9.44 -23.63 39.80
N GLU A 642 -9.81 -23.94 41.05
CA GLU A 642 -9.17 -25.03 41.78
C GLU A 642 -9.36 -26.36 41.07
N GLU A 643 -10.52 -26.56 40.43
CA GLU A 643 -10.79 -27.79 39.72
C GLU A 643 -9.98 -27.93 38.43
N GLU A 644 -9.23 -26.90 38.05
CA GLU A 644 -8.42 -26.93 36.83
C GLU A 644 -6.93 -27.10 37.10
N LYS A 645 -6.47 -26.92 38.33
CA LYS A 645 -5.04 -26.77 38.59
C LYS A 645 -4.27 -28.06 38.31
N LEU A 646 -4.93 -29.22 38.39
CA LEU A 646 -4.22 -30.47 38.14
C LEU A 646 -3.88 -30.62 36.67
N GLU A 647 -4.88 -30.44 35.79
CA GLU A 647 -4.62 -30.52 34.35
C GLU A 647 -3.69 -29.41 33.89
N LEU A 648 -3.75 -28.24 34.54
CA LEU A 648 -2.85 -27.15 34.18
C LEU A 648 -1.43 -27.43 34.63
N GLN A 649 -1.26 -27.97 35.83
CA GLN A 649 0.08 -28.27 36.33
C GLN A 649 0.74 -29.36 35.50
N LYS A 650 -0.04 -30.35 35.05
CA LYS A 650 0.51 -31.40 34.21
C LYS A 650 1.07 -30.84 32.91
N LEU A 651 0.49 -29.75 32.41
CA LEU A 651 0.99 -29.13 31.18
C LEU A 651 2.18 -28.23 31.45
N LEU A 652 2.16 -27.51 32.58
CA LEU A 652 3.28 -26.62 32.92
C LEU A 652 4.58 -27.38 33.03
N GLU A 653 4.53 -28.67 33.37
CA GLU A 653 5.74 -29.48 33.49
C GLU A 653 6.31 -29.90 32.15
N ARG A 654 5.52 -29.82 31.07
CA ARG A 654 5.95 -30.30 29.77
C ARG A 654 5.99 -29.22 28.69
N VAL A 655 5.59 -27.99 29.00
CA VAL A 655 5.47 -26.96 27.96
C VAL A 655 6.85 -26.68 27.37
N PRO A 656 6.97 -26.40 26.07
CA PRO A 656 8.29 -26.09 25.50
C PRO A 656 8.81 -24.72 25.89
N ILE A 657 7.94 -23.74 26.10
CA ILE A 657 8.34 -22.40 26.53
C ILE A 657 8.14 -22.33 28.04
N PRO A 658 9.20 -22.19 28.84
CA PRO A 658 9.04 -22.17 30.30
C PRO A 658 8.19 -21.00 30.75
N VAL A 659 7.53 -21.18 31.89
CA VAL A 659 6.70 -20.16 32.53
C VAL A 659 7.23 -19.94 33.93
N LYS A 660 7.68 -18.70 34.22
CA LYS A 660 8.25 -18.42 35.52
C LYS A 660 7.17 -18.33 36.60
N GLU A 661 6.04 -17.71 36.29
CA GLU A 661 5.02 -17.46 37.30
C GLU A 661 4.40 -18.75 37.80
N SER A 662 3.87 -18.70 39.01
CA SER A 662 3.21 -19.84 39.62
C SER A 662 1.87 -20.12 38.95
N ILE A 663 1.39 -21.35 39.10
CA ILE A 663 0.08 -21.73 38.59
C ILE A 663 -1.03 -20.97 39.31
N GLU A 664 -0.74 -20.41 40.49
CA GLU A 664 -1.71 -19.56 41.18
C GLU A 664 -2.11 -18.36 40.33
N GLU A 665 -1.20 -17.89 39.47
CA GLU A 665 -1.42 -16.70 38.66
C GLU A 665 -2.27 -17.04 37.44
N PRO A 666 -3.25 -16.20 37.09
CA PRO A 666 -4.00 -16.42 35.85
C PRO A 666 -3.15 -16.23 34.59
N SER A 667 -2.05 -15.47 34.67
CA SER A 667 -1.20 -15.30 33.50
C SER A 667 -0.52 -16.61 33.12
N ALA A 668 -0.23 -17.47 34.11
CA ALA A 668 0.37 -18.77 33.80
C ALA A 668 -0.64 -19.69 33.11
N LYS A 669 -1.91 -19.60 33.50
CA LYS A 669 -2.94 -20.38 32.82
C LYS A 669 -3.10 -19.94 31.37
N ILE A 670 -3.18 -18.62 31.15
CA ILE A 670 -3.30 -18.09 29.79
C ILE A 670 -2.10 -18.49 28.95
N ASN A 671 -0.91 -18.47 29.56
CA ASN A 671 0.31 -18.88 28.86
C ASN A 671 0.22 -20.34 28.42
N VAL A 672 -0.17 -21.21 29.35
CA VAL A 672 -0.23 -22.64 29.05
C VAL A 672 -1.32 -22.93 28.01
N LEU A 673 -2.46 -22.24 28.12
CA LEU A 673 -3.54 -22.45 27.15
C LEU A 673 -3.10 -22.09 25.74
N LEU A 674 -2.27 -21.06 25.60
CA LEU A 674 -1.78 -20.68 24.27
C LEU A 674 -0.81 -21.73 23.74
N GLN A 675 0.11 -22.20 24.57
CA GLN A 675 1.06 -23.22 24.13
C GLN A 675 0.36 -24.52 23.78
N ALA A 676 -0.69 -24.87 24.53
CA ALA A 676 -1.43 -26.09 24.23
C ALA A 676 -2.18 -25.99 22.91
N PHE A 677 -2.70 -24.79 22.60
CA PHE A 677 -3.43 -24.60 21.36
C PHE A 677 -2.51 -24.72 20.15
N ILE A 678 -1.29 -24.19 20.25
CA ILE A 678 -0.33 -24.32 19.17
C ILE A 678 0.05 -25.79 18.96
N SER A 679 0.25 -26.53 20.05
CA SER A 679 0.57 -27.94 19.98
C SER A 679 -0.66 -28.82 19.74
N GLN A 680 -1.84 -28.22 19.65
CA GLN A 680 -3.08 -28.94 19.31
C GLN A 680 -3.42 -29.99 20.36
N LEU A 681 -3.30 -29.63 21.63
CA LEU A 681 -3.69 -30.51 22.72
C LEU A 681 -5.14 -30.28 23.10
N LYS A 682 -5.88 -31.36 23.30
CA LYS A 682 -7.26 -31.28 23.75
C LYS A 682 -7.31 -31.42 25.27
N LEU A 683 -8.00 -30.50 25.92
CA LEU A 683 -8.09 -30.48 27.37
C LEU A 683 -9.41 -31.09 27.81
N GLU A 684 -9.59 -31.22 29.13
CA GLU A 684 -10.75 -31.88 29.71
C GLU A 684 -11.73 -30.93 30.37
N GLY A 685 -11.26 -29.93 31.09
CA GLY A 685 -12.14 -28.97 31.73
C GLY A 685 -12.99 -28.20 30.74
N PHE A 686 -14.30 -28.13 31.00
CA PHE A 686 -15.19 -27.42 30.09
C PHE A 686 -14.85 -25.94 30.03
N ALA A 687 -14.52 -25.34 31.18
CA ALA A 687 -14.13 -23.93 31.19
C ALA A 687 -12.79 -23.73 30.49
N LEU A 688 -11.87 -24.68 30.66
CA LEU A 688 -10.54 -24.54 30.05
C LEU A 688 -10.62 -24.54 28.53
N MET A 689 -11.46 -25.40 27.96
CA MET A 689 -11.62 -25.43 26.51
C MET A 689 -12.20 -24.12 25.99
N ALA A 690 -13.22 -23.59 26.68
CA ALA A 690 -13.79 -22.31 26.28
C ALA A 690 -12.82 -21.17 26.57
N ASP A 691 -12.12 -21.23 27.71
CA ASP A 691 -11.09 -20.23 27.99
C ASP A 691 -9.97 -20.29 26.95
N MET A 692 -9.66 -21.48 26.43
CA MET A 692 -8.63 -21.59 25.41
C MET A 692 -9.09 -21.00 24.09
N VAL A 693 -10.37 -21.16 23.76
CA VAL A 693 -10.88 -20.59 22.51
C VAL A 693 -10.81 -19.07 22.56
N TYR A 694 -11.05 -18.49 23.73
CA TYR A 694 -11.10 -17.03 23.85
C TYR A 694 -9.70 -16.41 23.81
N VAL A 695 -8.72 -17.04 24.45
CA VAL A 695 -7.37 -16.49 24.45
C VAL A 695 -6.76 -16.57 23.06
N THR A 696 -7.03 -17.65 22.34
CA THR A 696 -6.34 -17.89 21.08
C THR A 696 -7.01 -17.17 19.92
N GLN A 697 -8.34 -17.07 19.93
CA GLN A 697 -9.00 -16.29 18.89
C GLN A 697 -8.73 -14.80 19.05
N SER A 698 -8.24 -14.38 20.22
CA SER A 698 -7.74 -13.02 20.40
C SER A 698 -6.25 -12.91 20.14
N ALA A 699 -5.53 -14.04 20.15
CA ALA A 699 -4.08 -14.00 19.99
C ALA A 699 -3.67 -13.49 18.62
N GLY A 700 -4.50 -13.68 17.60
CA GLY A 700 -4.18 -13.24 16.26
C GLY A 700 -3.91 -11.76 16.14
N ARG A 701 -4.92 -10.92 16.42
CA ARG A 701 -4.72 -9.48 16.30
C ARG A 701 -3.86 -8.93 17.43
N LEU A 702 -3.88 -9.56 18.60
CA LEU A 702 -3.01 -9.11 19.69
C LEU A 702 -1.54 -9.27 19.32
N MET A 703 -1.15 -10.49 18.90
CA MET A 703 0.23 -10.72 18.49
C MET A 703 0.57 -9.95 17.22
N ARG A 704 -0.41 -9.72 16.35
CA ARG A 704 -0.17 -8.90 15.16
C ARG A 704 0.08 -7.45 15.53
N ALA A 705 -0.49 -6.99 16.65
CA ALA A 705 -0.22 -5.63 17.12
C ALA A 705 1.19 -5.53 17.68
N ILE A 706 1.59 -6.50 18.51
CA ILE A 706 2.95 -6.52 19.05
C ILE A 706 3.96 -6.54 17.92
N PHE A 707 3.67 -7.29 16.86
CA PHE A 707 4.58 -7.37 15.72
C PHE A 707 4.80 -5.99 15.08
N GLU A 708 3.71 -5.27 14.80
CA GLU A 708 3.84 -3.96 14.18
C GLU A 708 4.55 -2.97 15.10
N ILE A 709 4.44 -3.14 16.41
CA ILE A 709 5.16 -2.27 17.33
C ILE A 709 6.67 -2.48 17.20
N VAL A 710 7.11 -3.73 17.35
CA VAL A 710 8.55 -4.01 17.38
C VAL A 710 9.16 -3.88 15.99
N LEU A 711 8.35 -4.07 14.94
CA LEU A 711 8.87 -3.91 13.58
C LEU A 711 9.19 -2.44 13.30
N ASN A 712 8.25 -1.55 13.60
CA ASN A 712 8.46 -0.13 13.34
C ASN A 712 9.46 0.50 14.30
N ARG A 713 9.90 -0.22 15.33
CA ARG A 713 10.95 0.26 16.22
C ARG A 713 12.33 -0.26 15.83
N GLY A 714 12.42 -1.17 14.85
CA GLY A 714 13.68 -1.66 14.37
C GLY A 714 14.27 -2.81 15.15
N TRP A 715 13.49 -3.45 16.03
CA TRP A 715 14.00 -4.54 16.86
C TRP A 715 13.99 -5.82 16.03
N ALA A 716 15.17 -6.20 15.54
CA ALA A 716 15.26 -7.31 14.57
C ALA A 716 14.92 -8.64 15.22
N GLN A 717 15.50 -8.92 16.39
CA GLN A 717 15.32 -10.23 17.01
C GLN A 717 13.88 -10.43 17.47
N LEU A 718 13.27 -9.39 18.04
CA LEU A 718 11.89 -9.53 18.51
C LEU A 718 10.90 -9.56 17.36
N THR A 719 11.17 -8.81 16.28
CA THR A 719 10.30 -8.87 15.11
C THR A 719 10.24 -10.29 14.55
N ASP A 720 11.38 -10.96 14.48
CA ASP A 720 11.41 -12.34 14.00
C ASP A 720 10.63 -13.26 14.95
N LYS A 721 10.72 -13.02 16.25
CA LYS A 721 10.02 -13.87 17.21
C LYS A 721 8.51 -13.64 17.15
N THR A 722 8.07 -12.38 17.11
CA THR A 722 6.65 -12.11 17.11
C THR A 722 5.99 -12.53 15.81
N LEU A 723 6.66 -12.31 14.67
CA LEU A 723 6.09 -12.73 13.39
C LEU A 723 5.95 -14.25 13.33
N ASN A 724 6.90 -14.97 13.94
CA ASN A 724 6.79 -16.43 13.99
C ASN A 724 5.65 -16.87 14.88
N LEU A 725 5.49 -16.21 16.04
CA LEU A 725 4.39 -16.56 16.94
C LEU A 725 3.04 -16.31 16.27
N CYS A 726 2.93 -15.25 15.48
CA CYS A 726 1.71 -15.01 14.71
C CYS A 726 1.39 -16.19 13.81
N LYS A 727 2.40 -16.69 13.10
CA LYS A 727 2.18 -17.81 12.18
C LYS A 727 1.99 -19.13 12.91
N MET A 728 2.64 -19.32 14.05
CA MET A 728 2.41 -20.53 14.83
C MET A 728 0.99 -20.57 15.39
N ILE A 729 0.43 -19.40 15.72
CA ILE A 729 -0.95 -19.36 16.20
C ILE A 729 -1.93 -19.61 15.05
N ASP A 730 -1.61 -19.08 13.87
CA ASP A 730 -2.50 -19.24 12.73
C ASP A 730 -2.43 -20.66 12.17
N LYS A 731 -1.24 -21.25 12.10
CA LYS A 731 -1.06 -22.58 11.53
C LYS A 731 -1.21 -23.69 12.55
N ARG A 732 -1.13 -23.38 13.85
CA ARG A 732 -1.25 -24.36 14.92
C ARG A 732 -0.14 -25.41 14.84
N MET A 733 1.10 -24.94 14.89
CA MET A 733 2.28 -25.80 14.84
C MET A 733 3.51 -24.97 15.18
N TRP A 734 4.51 -25.61 15.76
CA TRP A 734 5.77 -24.97 16.08
C TRP A 734 6.71 -25.04 14.88
N GLN A 735 7.81 -24.27 14.96
CA GLN A 735 8.81 -24.29 13.90
C GLN A 735 9.36 -25.69 13.68
N SER A 736 9.55 -26.44 14.76
CA SER A 736 10.20 -27.75 14.67
C SER A 736 9.40 -28.71 13.79
N MET A 737 8.09 -28.53 13.71
CA MET A 737 7.29 -29.34 12.80
C MET A 737 7.74 -29.12 11.36
N CYS A 738 7.76 -30.19 10.59
CA CYS A 738 8.12 -30.09 9.18
C CYS A 738 7.11 -29.20 8.47
N PRO A 739 7.56 -28.18 7.73
CA PRO A 739 6.61 -27.24 7.11
C PRO A 739 5.72 -27.86 6.04
N LEU A 740 5.90 -29.14 5.73
CA LEU A 740 5.03 -29.78 4.74
C LEU A 740 3.61 -29.93 5.26
N ARG A 741 3.43 -30.05 6.58
CA ARG A 741 2.08 -30.18 7.13
C ARG A 741 1.28 -28.90 7.02
N GLN A 742 1.89 -27.80 6.58
CA GLN A 742 1.12 -26.60 6.25
C GLN A 742 0.20 -26.83 5.05
N PHE A 743 0.49 -27.85 4.24
CA PHE A 743 -0.45 -28.31 3.22
C PHE A 743 -1.47 -29.21 3.89
N ARG A 744 -2.70 -28.74 4.03
CA ARG A 744 -3.72 -29.49 4.76
C ARG A 744 -4.09 -30.78 4.04
N LYS A 745 -4.13 -30.74 2.70
CA LYS A 745 -4.51 -31.92 1.93
C LYS A 745 -3.43 -33.00 1.93
N LEU A 746 -2.24 -32.72 2.45
CA LEU A 746 -1.20 -33.72 2.45
C LEU A 746 -1.38 -34.65 3.65
N PRO A 747 -1.32 -35.97 3.45
CA PRO A 747 -1.52 -36.91 4.56
C PRO A 747 -0.69 -36.58 5.80
N GLU A 748 -1.34 -36.70 6.96
CA GLU A 748 -0.74 -36.46 8.26
C GLU A 748 0.01 -37.68 8.80
N GLU A 749 0.16 -38.72 8.00
CA GLU A 749 0.80 -39.96 8.43
C GLU A 749 2.18 -40.16 7.82
N VAL A 750 2.49 -39.46 6.73
CA VAL A 750 3.85 -39.52 6.17
C VAL A 750 4.75 -38.52 6.87
N VAL A 751 4.23 -37.32 7.15
CA VAL A 751 5.00 -36.30 7.88
C VAL A 751 5.48 -36.85 9.21
N LYS A 752 4.66 -37.69 9.84
CA LYS A 752 4.95 -38.48 11.04
C LYS A 752 6.43 -38.71 11.27
N LYS A 753 7.08 -39.46 10.38
CA LYS A 753 8.48 -39.83 10.55
C LYS A 753 9.44 -39.11 9.61
N ILE A 754 8.93 -38.34 8.65
CA ILE A 754 9.78 -37.36 7.98
C ILE A 754 10.40 -36.43 9.02
N GLU A 755 9.59 -36.04 10.02
CA GLU A 755 10.15 -35.36 11.18
C GLU A 755 11.15 -36.21 11.93
N LYS A 756 10.95 -37.53 11.96
CA LYS A 756 11.75 -38.32 12.89
C LYS A 756 13.09 -38.70 12.28
N LYS A 757 13.14 -38.93 10.96
CA LYS A 757 14.41 -38.83 10.25
C LYS A 757 14.91 -37.41 10.44
N ASN A 758 15.87 -37.24 11.35
CA ASN A 758 16.38 -35.91 11.70
C ASN A 758 17.32 -35.46 10.59
N PHE A 759 16.76 -34.78 9.59
CA PHE A 759 17.52 -34.21 8.49
C PHE A 759 16.82 -32.94 8.05
N PRO A 760 17.57 -31.93 7.58
CA PRO A 760 16.95 -30.65 7.25
C PRO A 760 15.99 -30.74 6.08
N PHE A 761 15.00 -29.84 6.08
CA PHE A 761 14.01 -29.80 5.01
C PHE A 761 14.60 -29.30 3.71
N GLU A 762 15.67 -28.52 3.77
CA GLU A 762 16.28 -27.97 2.56
C GLU A 762 17.01 -29.02 1.74
N ARG A 763 17.15 -30.24 2.24
CA ARG A 763 17.82 -31.28 1.46
C ARG A 763 16.91 -31.87 0.39
N LEU A 764 15.59 -31.82 0.60
CA LEU A 764 14.67 -32.42 -0.36
C LEU A 764 14.62 -31.65 -1.67
N TYR A 765 15.06 -30.40 -1.69
CA TYR A 765 15.10 -29.65 -2.94
C TYR A 765 16.10 -30.25 -3.93
N ASP A 766 17.20 -30.82 -3.42
CA ASP A 766 18.29 -31.32 -4.25
C ASP A 766 18.21 -32.82 -4.51
N LEU A 767 16.99 -33.37 -4.59
CA LEU A 767 16.83 -34.80 -4.80
C LEU A 767 15.74 -35.04 -5.84
N ASN A 768 15.76 -36.24 -6.42
CA ASN A 768 14.78 -36.61 -7.42
C ASN A 768 13.43 -36.92 -6.78
N HIS A 769 12.61 -37.74 -7.44
CA HIS A 769 11.27 -38.06 -6.96
C HIS A 769 11.15 -39.42 -6.30
N ASN A 770 12.11 -40.33 -6.52
CA ASN A 770 12.09 -41.63 -5.87
C ASN A 770 13.20 -41.79 -4.85
N GLU A 771 13.96 -40.72 -4.61
CA GLU A 771 14.93 -40.68 -3.52
C GLU A 771 14.27 -40.25 -2.21
N ILE A 772 13.34 -39.30 -2.31
CA ILE A 772 12.49 -38.94 -1.18
C ILE A 772 11.72 -40.16 -0.68
N GLY A 773 11.40 -41.10 -1.58
CA GLY A 773 10.67 -42.28 -1.17
C GLY A 773 11.46 -43.27 -0.35
N GLU A 774 12.76 -43.41 -0.63
CA GLU A 774 13.61 -44.30 0.15
C GLU A 774 14.20 -43.61 1.38
N LEU A 775 14.43 -42.30 1.29
CA LEU A 775 14.90 -41.56 2.47
C LEU A 775 13.86 -41.58 3.58
N ILE A 776 12.56 -41.56 3.21
CA ILE A 776 11.49 -41.68 4.19
C ILE A 776 10.93 -43.10 4.26
N ARG A 777 11.43 -44.01 3.42
CA ARG A 777 10.97 -45.40 3.39
C ARG A 777 9.51 -45.50 2.97
N MET A 778 9.12 -44.71 1.97
CA MET A 778 7.75 -44.74 1.44
C MET A 778 7.80 -44.44 -0.05
N PRO A 779 8.19 -45.43 -0.86
CA PRO A 779 8.23 -45.21 -2.32
C PRO A 779 6.87 -44.99 -2.94
N LYS A 780 5.79 -45.40 -2.26
CA LYS A 780 4.45 -45.09 -2.74
C LYS A 780 4.21 -43.59 -2.78
N MET A 781 4.85 -42.85 -1.88
CA MET A 781 4.76 -41.39 -1.87
C MET A 781 5.94 -40.78 -2.61
N GLY A 782 6.11 -41.24 -3.85
CA GLY A 782 7.14 -40.72 -4.73
C GLY A 782 6.91 -39.26 -5.07
N LYS A 783 6.33 -39.01 -6.25
CA LYS A 783 6.24 -37.63 -6.74
C LYS A 783 5.32 -36.76 -5.89
N THR A 784 4.47 -37.34 -5.04
CA THR A 784 3.53 -36.53 -4.26
C THR A 784 4.27 -35.56 -3.35
N ILE A 785 5.29 -36.04 -2.63
CA ILE A 785 6.05 -35.18 -1.75
C ILE A 785 6.95 -34.25 -2.57
N HIS A 786 7.54 -34.77 -3.64
CA HIS A 786 8.32 -33.91 -4.54
C HIS A 786 7.47 -32.79 -5.12
N LYS A 787 6.17 -33.04 -5.30
CA LYS A 787 5.28 -32.01 -5.81
C LYS A 787 5.12 -30.87 -4.82
N TYR A 788 4.86 -31.20 -3.55
CA TYR A 788 4.63 -30.16 -2.55
C TYR A 788 5.91 -29.50 -2.09
N VAL A 789 7.05 -30.19 -2.20
CA VAL A 789 8.34 -29.58 -1.86
C VAL A 789 8.60 -28.38 -2.76
N HIS A 790 8.21 -28.49 -4.03
CA HIS A 790 8.40 -27.42 -5.00
C HIS A 790 7.15 -26.57 -5.17
N LEU A 791 6.12 -26.79 -4.35
CA LEU A 791 5.03 -25.84 -4.21
C LEU A 791 5.23 -24.90 -3.02
N PHE A 792 6.08 -25.28 -2.07
CA PHE A 792 6.39 -24.42 -0.95
C PHE A 792 7.04 -23.14 -1.44
N PRO A 793 6.58 -21.97 -1.01
CA PRO A 793 7.15 -20.71 -1.51
C PRO A 793 8.64 -20.60 -1.21
N LYS A 794 9.39 -20.15 -2.20
CA LYS A 794 10.83 -19.97 -2.07
C LYS A 794 11.28 -18.90 -3.05
N LEU A 795 12.11 -17.97 -2.56
CA LEU A 795 12.61 -16.86 -3.36
C LEU A 795 14.13 -16.85 -3.34
N GLU A 796 14.74 -16.59 -4.49
CA GLU A 796 16.17 -16.46 -4.61
C GLU A 796 16.53 -14.97 -4.74
N LEU A 797 17.55 -14.56 -4.00
CA LEU A 797 17.89 -13.14 -3.85
C LEU A 797 19.24 -12.84 -4.49
N SER A 798 19.33 -11.68 -5.12
CA SER A 798 20.59 -11.17 -5.66
C SER A 798 20.57 -9.66 -5.55
N VAL A 799 21.75 -9.08 -5.35
CA VAL A 799 21.89 -7.65 -5.13
C VAL A 799 22.92 -7.08 -6.08
N HIS A 800 22.70 -5.81 -6.46
CA HIS A 800 23.70 -5.00 -7.16
C HIS A 800 23.93 -3.78 -6.27
N LEU A 801 25.05 -3.78 -5.54
CA LEU A 801 25.36 -2.65 -4.66
C LEU A 801 25.78 -1.45 -5.49
N GLN A 802 25.17 -0.29 -5.20
CA GLN A 802 25.42 0.95 -5.92
C GLN A 802 25.74 2.05 -4.92
N PRO A 803 27.02 2.28 -4.65
CA PRO A 803 27.39 3.31 -3.66
C PRO A 803 27.08 4.71 -4.17
N ILE A 804 26.43 5.50 -3.33
CA ILE A 804 26.16 6.90 -3.65
C ILE A 804 27.27 7.81 -3.11
N THR A 805 27.59 7.66 -1.83
CA THR A 805 28.71 8.38 -1.22
C THR A 805 29.49 7.35 -0.42
N ARG A 806 30.37 7.84 0.46
CA ARG A 806 31.02 6.98 1.43
C ARG A 806 30.17 6.72 2.66
N SER A 807 28.94 7.26 2.69
CA SER A 807 28.03 7.08 3.81
C SER A 807 26.64 6.64 3.41
N THR A 808 26.28 6.69 2.12
CA THR A 808 24.97 6.28 1.65
C THR A 808 25.15 5.25 0.55
N LEU A 809 24.45 4.12 0.68
CA LEU A 809 24.53 3.01 -0.25
C LEU A 809 23.15 2.71 -0.83
N LYS A 810 23.05 2.67 -2.15
CA LYS A 810 21.84 2.28 -2.83
C LYS A 810 21.93 0.79 -3.20
N VAL A 811 20.82 0.08 -3.02
CA VAL A 811 20.78 -1.37 -3.21
C VAL A 811 19.63 -1.69 -4.16
N GLU A 812 19.92 -2.43 -5.23
CA GLU A 812 18.91 -2.98 -6.11
C GLU A 812 18.78 -4.46 -5.81
N LEU A 813 17.65 -4.86 -5.23
CA LEU A 813 17.41 -6.24 -4.83
C LEU A 813 16.55 -6.93 -5.89
N THR A 814 17.08 -7.97 -6.50
CA THR A 814 16.35 -8.77 -7.47
C THR A 814 15.77 -9.99 -6.76
N ILE A 815 14.46 -10.17 -6.88
CA ILE A 815 13.75 -11.28 -6.26
C ILE A 815 13.26 -12.20 -7.36
N THR A 816 13.79 -13.43 -7.38
CA THR A 816 13.42 -14.41 -8.39
C THR A 816 12.62 -15.52 -7.73
N PRO A 817 11.34 -15.69 -8.08
CA PRO A 817 10.56 -16.79 -7.51
C PRO A 817 11.09 -18.14 -7.99
N ASP A 818 11.26 -19.07 -7.05
CA ASP A 818 11.77 -20.41 -7.35
C ASP A 818 10.80 -21.45 -6.80
N PHE A 819 9.55 -21.35 -7.22
CA PHE A 819 8.52 -22.30 -6.83
C PHE A 819 7.37 -22.21 -7.83
N GLN A 820 6.75 -23.34 -8.10
CA GLN A 820 5.62 -23.38 -9.02
C GLN A 820 4.36 -22.94 -8.32
N TRP A 821 3.62 -22.04 -8.94
CA TRP A 821 2.41 -21.47 -8.34
C TRP A 821 1.23 -22.40 -8.53
N ASP A 822 0.35 -22.40 -7.52
CA ASP A 822 -0.88 -23.19 -7.56
C ASP A 822 -1.95 -22.43 -6.79
N GLU A 823 -3.05 -22.10 -7.46
CA GLU A 823 -4.07 -21.25 -6.84
C GLU A 823 -4.73 -21.93 -5.65
N LYS A 824 -4.86 -23.26 -5.68
CA LYS A 824 -5.56 -23.96 -4.61
C LYS A 824 -4.80 -23.99 -3.30
N VAL A 825 -3.59 -23.43 -3.25
CA VAL A 825 -2.80 -23.41 -2.02
C VAL A 825 -2.21 -22.02 -1.80
N HIS A 826 -2.01 -21.28 -2.89
CA HIS A 826 -1.40 -19.96 -2.81
C HIS A 826 -2.42 -18.83 -2.90
N GLY A 827 -3.55 -19.04 -3.58
CA GLY A 827 -4.54 -18.00 -3.70
C GLY A 827 -4.21 -17.01 -4.81
N SER A 828 -4.63 -15.77 -4.62
CA SER A 828 -4.39 -14.72 -5.61
C SER A 828 -3.10 -13.95 -5.37
N SER A 829 -2.50 -14.07 -4.19
CA SER A 829 -1.29 -13.34 -3.87
C SER A 829 -0.50 -14.09 -2.80
N GLU A 830 0.74 -13.66 -2.60
CA GLU A 830 1.60 -14.23 -1.57
C GLU A 830 2.48 -13.11 -1.04
N ALA A 831 2.30 -12.76 0.23
CA ALA A 831 2.95 -11.60 0.83
C ALA A 831 4.23 -12.00 1.55
N PHE A 832 5.20 -11.08 1.54
CA PHE A 832 6.48 -11.29 2.20
C PHE A 832 6.92 -10.00 2.87
N TRP A 833 7.87 -10.14 3.81
CA TRP A 833 8.49 -9.01 4.46
C TRP A 833 9.96 -8.97 4.06
N ILE A 834 10.40 -7.85 3.52
CA ILE A 834 11.80 -7.62 3.18
C ILE A 834 12.44 -6.86 4.32
N LEU A 835 13.44 -7.45 4.96
CA LEU A 835 14.09 -6.87 6.13
C LEU A 835 15.59 -6.78 5.88
N VAL A 836 16.15 -5.60 6.11
CA VAL A 836 17.58 -5.36 5.95
C VAL A 836 18.16 -5.12 7.35
N GLU A 837 18.99 -6.04 7.81
CA GLU A 837 19.51 -6.02 9.16
C GLU A 837 21.01 -5.72 9.15
N ASP A 838 21.49 -5.18 10.28
CA ASP A 838 22.88 -4.76 10.40
C ASP A 838 23.80 -5.94 10.62
N VAL A 839 25.00 -5.68 11.16
CA VAL A 839 25.99 -6.73 11.31
C VAL A 839 25.54 -7.77 12.32
N ASP A 840 25.00 -7.32 13.46
CA ASP A 840 24.71 -8.20 14.58
C ASP A 840 23.29 -8.76 14.55
N SER A 841 22.54 -8.55 13.47
CA SER A 841 21.14 -8.95 13.38
C SER A 841 20.34 -8.37 14.54
N GLU A 842 20.61 -7.10 14.84
CA GLU A 842 20.06 -6.41 15.99
C GLU A 842 19.17 -5.23 15.64
N VAL A 843 19.46 -4.50 14.57
CA VAL A 843 18.70 -3.33 14.17
C VAL A 843 18.21 -3.53 12.74
N ILE A 844 16.93 -3.25 12.51
CA ILE A 844 16.38 -3.28 11.16
C ILE A 844 16.69 -1.96 10.49
N LEU A 845 17.64 -1.96 9.57
CA LEU A 845 18.03 -0.73 8.89
C LEU A 845 16.98 -0.27 7.90
N HIS A 846 16.21 -1.20 7.34
CA HIS A 846 15.17 -0.87 6.38
C HIS A 846 14.25 -2.07 6.23
N HIS A 847 12.97 -1.80 5.98
CA HIS A 847 11.99 -2.85 5.79
C HIS A 847 10.85 -2.33 4.93
N GLU A 848 10.24 -3.24 4.17
CA GLU A 848 9.08 -2.87 3.37
C GLU A 848 8.28 -4.13 3.03
N TYR A 849 7.02 -3.90 2.69
CA TYR A 849 6.09 -4.97 2.36
C TYR A 849 6.23 -5.34 0.88
N PHE A 850 6.23 -6.65 0.60
CA PHE A 850 6.37 -7.16 -0.76
C PHE A 850 5.25 -8.15 -1.04
N LEU A 851 4.56 -7.94 -2.17
CA LEU A 851 3.40 -8.74 -2.54
C LEU A 851 3.65 -9.39 -3.89
N LEU A 852 3.75 -10.72 -3.90
CA LEU A 852 3.95 -11.47 -5.14
C LEU A 852 2.59 -11.86 -5.69
N LYS A 853 2.13 -11.13 -6.69
CA LYS A 853 0.83 -11.41 -7.30
C LYS A 853 0.92 -12.63 -8.21
N ALA A 854 -0.19 -13.35 -8.31
CA ALA A 854 -0.20 -14.60 -9.08
C ALA A 854 0.11 -14.34 -10.56
N LYS A 855 -0.35 -13.21 -11.09
CA LYS A 855 -0.11 -12.90 -12.49
C LYS A 855 1.37 -12.66 -12.79
N TYR A 856 2.18 -12.40 -11.76
CA TYR A 856 3.62 -12.20 -11.92
C TYR A 856 4.40 -13.24 -11.13
N ALA A 857 3.85 -14.44 -10.98
CA ALA A 857 4.47 -15.48 -10.17
C ALA A 857 5.77 -16.00 -10.76
N GLN A 858 6.07 -15.70 -12.02
CA GLN A 858 7.27 -16.21 -12.69
C GLN A 858 8.19 -15.11 -13.17
N ASP A 859 7.95 -13.86 -12.75
CA ASP A 859 8.78 -12.74 -13.16
C ASP A 859 9.75 -12.34 -12.06
N GLU A 860 10.91 -11.84 -12.46
CA GLU A 860 11.83 -11.25 -11.49
C GLU A 860 11.29 -9.91 -11.02
N HIS A 861 11.49 -9.61 -9.74
CA HIS A 861 11.01 -8.38 -9.13
C HIS A 861 12.20 -7.55 -8.67
N LEU A 862 12.19 -6.27 -8.99
CA LEU A 862 13.26 -5.35 -8.63
C LEU A 862 12.80 -4.46 -7.47
N ILE A 863 13.66 -4.34 -6.46
CA ILE A 863 13.40 -3.51 -5.29
C ILE A 863 14.63 -2.63 -5.05
N THR A 864 14.41 -1.34 -4.84
CA THR A 864 15.48 -0.39 -4.59
C THR A 864 15.24 0.32 -3.26
N PHE A 865 16.32 0.51 -2.50
CA PHE A 865 16.24 1.24 -1.25
C PHE A 865 17.62 1.77 -0.90
N PHE A 866 17.65 2.73 0.02
CA PHE A 866 18.88 3.33 0.50
C PHE A 866 19.24 2.76 1.87
N VAL A 867 20.54 2.68 2.14
CA VAL A 867 21.04 2.12 3.39
C VAL A 867 22.27 2.90 3.84
N PRO A 868 22.35 3.29 5.10
CA PRO A 868 23.54 4.00 5.59
C PRO A 868 24.72 3.06 5.83
N VAL A 869 25.92 3.61 5.65
CA VAL A 869 27.16 2.90 5.93
C VAL A 869 28.17 3.87 6.53
N PHE A 870 29.14 3.33 7.25
CA PHE A 870 30.16 4.09 7.95
C PHE A 870 31.53 3.57 7.56
N GLU A 871 32.59 4.29 7.94
CA GLU A 871 33.85 4.02 7.25
C GLU A 871 34.97 3.39 8.09
N PRO A 872 34.66 2.41 8.92
CA PRO A 872 35.47 1.19 8.91
C PRO A 872 34.57 0.06 8.43
N LEU A 873 34.29 0.06 7.12
CA LEU A 873 33.25 -0.70 6.43
C LEU A 873 32.86 -1.96 7.18
N PRO A 874 31.61 -2.06 7.63
CA PRO A 874 31.21 -3.20 8.44
C PRO A 874 31.37 -4.49 7.67
N PRO A 875 31.54 -5.62 8.37
CA PRO A 875 31.75 -6.89 7.66
C PRO A 875 30.67 -7.20 6.64
N GLN A 876 29.40 -7.07 7.01
CA GLN A 876 28.31 -7.37 6.09
C GLN A 876 27.01 -6.85 6.67
N TYR A 877 26.02 -6.72 5.80
CA TYR A 877 24.62 -6.58 6.16
C TYR A 877 23.87 -7.84 5.74
N PHE A 878 22.63 -7.95 6.17
CA PHE A 878 21.80 -9.10 5.85
C PHE A 878 20.47 -8.64 5.27
N ILE A 879 19.99 -9.37 4.27
CA ILE A 879 18.69 -9.11 3.66
C ILE A 879 17.87 -10.39 3.78
N ARG A 880 16.87 -10.37 4.64
CA ARG A 880 15.96 -11.49 4.81
C ARG A 880 14.64 -11.19 4.13
N VAL A 881 14.09 -12.20 3.47
CA VAL A 881 12.75 -12.12 2.88
C VAL A 881 11.95 -13.28 3.47
N VAL A 882 11.15 -12.98 4.49
CA VAL A 882 10.37 -13.99 5.17
C VAL A 882 8.91 -13.86 4.75
N SER A 883 8.20 -14.98 4.75
CA SER A 883 6.79 -14.98 4.39
C SER A 883 5.95 -14.38 5.52
N ASP A 884 4.85 -13.76 5.13
CA ASP A 884 3.89 -13.25 6.10
C ASP A 884 2.97 -14.34 6.64
N ARG A 885 2.83 -15.44 5.92
CA ARG A 885 1.90 -16.51 6.27
C ARG A 885 2.60 -17.82 6.59
N TRP A 886 3.57 -18.23 5.77
CA TRP A 886 4.14 -19.57 5.87
C TRP A 886 5.22 -19.64 6.94
N LEU A 887 5.19 -20.72 7.72
CA LEU A 887 6.24 -21.00 8.68
C LEU A 887 7.44 -21.63 7.98
N SER A 888 8.63 -21.30 8.47
CA SER A 888 9.88 -21.82 7.94
C SER A 888 9.99 -21.58 6.43
N CYS A 889 9.77 -20.33 6.03
CA CYS A 889 9.82 -19.91 4.63
C CYS A 889 10.57 -18.58 4.60
N GLU A 890 11.89 -18.64 4.46
CA GLU A 890 12.72 -17.46 4.56
C GLU A 890 14.01 -17.67 3.80
N THR A 891 14.48 -16.62 3.14
CA THR A 891 15.79 -16.62 2.47
C THR A 891 16.57 -15.42 2.99
N GLN A 892 17.74 -15.68 3.56
CA GLN A 892 18.65 -14.63 4.00
C GLN A 892 19.81 -14.52 3.03
N LEU A 893 20.10 -13.30 2.60
CA LEU A 893 21.19 -13.04 1.67
C LEU A 893 22.28 -12.23 2.36
N PRO A 894 23.43 -12.82 2.67
CA PRO A 894 24.52 -12.03 3.23
C PRO A 894 25.03 -11.01 2.23
N VAL A 895 25.11 -9.75 2.67
CA VAL A 895 25.53 -8.64 1.81
C VAL A 895 26.93 -8.25 2.27
N SER A 896 27.93 -8.93 1.70
CA SER A 896 29.31 -8.69 2.09
C SER A 896 29.82 -7.38 1.50
N PHE A 897 30.57 -6.63 2.30
CA PHE A 897 31.21 -5.39 1.88
C PHE A 897 32.73 -5.55 1.73
N ARG A 898 33.21 -6.77 1.52
CA ARG A 898 34.66 -6.99 1.43
C ARG A 898 35.23 -6.38 0.16
N HIS A 899 34.48 -6.46 -0.95
CA HIS A 899 34.96 -5.98 -2.25
C HIS A 899 34.14 -4.78 -2.74
N LEU A 900 33.61 -3.98 -1.82
CA LEU A 900 32.87 -2.78 -2.18
C LEU A 900 33.83 -1.62 -2.40
N ILE A 901 33.74 -0.98 -3.56
CA ILE A 901 34.59 0.15 -3.90
C ILE A 901 33.79 1.41 -3.67
N LEU A 902 34.15 2.17 -2.63
CA LEU A 902 33.48 3.43 -2.35
C LEU A 902 34.02 4.53 -3.26
N PRO A 903 33.18 5.47 -3.68
CA PRO A 903 33.69 6.64 -4.39
C PRO A 903 34.54 7.49 -3.47
N GLU A 904 35.37 8.33 -4.08
CA GLU A 904 36.23 9.20 -3.31
C GLU A 904 35.43 10.33 -2.67
N LYS A 905 35.96 10.87 -1.57
CA LYS A 905 35.36 12.03 -0.95
C LYS A 905 35.35 13.19 -1.95
N TYR A 906 34.27 13.96 -1.95
CA TYR A 906 34.16 15.04 -2.92
C TYR A 906 35.13 16.16 -2.57
N PRO A 907 35.74 16.80 -3.56
CA PRO A 907 36.74 17.85 -3.28
C PRO A 907 36.09 19.03 -2.58
N PRO A 908 36.88 19.82 -1.87
CA PRO A 908 36.32 21.03 -1.25
C PRO A 908 35.80 21.98 -2.31
N PRO A 909 34.79 22.78 -1.97
CA PRO A 909 34.23 23.71 -2.96
C PRO A 909 35.20 24.84 -3.27
N THR A 910 34.95 25.50 -4.39
CA THR A 910 35.69 26.71 -4.73
C THR A 910 35.25 27.83 -3.78
N GLU A 911 36.22 28.39 -3.06
CA GLU A 911 35.92 29.40 -2.05
C GLU A 911 35.23 30.60 -2.68
N LEU A 912 34.29 31.18 -1.94
CA LEU A 912 33.61 32.40 -2.38
C LEU A 912 34.48 33.59 -2.05
N LEU A 913 35.01 34.25 -3.09
CA LEU A 913 35.90 35.37 -2.90
C LEU A 913 35.15 36.56 -2.31
N ASP A 914 35.74 37.19 -1.29
CA ASP A 914 35.16 38.37 -0.66
C ASP A 914 35.45 39.59 -1.52
N LEU A 915 34.74 39.67 -2.64
CA LEU A 915 34.83 40.81 -3.54
C LEU A 915 33.73 41.81 -3.23
N GLN A 916 33.93 43.04 -3.68
CA GLN A 916 32.90 44.04 -3.50
C GLN A 916 31.78 43.82 -4.51
N PRO A 917 30.54 44.14 -4.14
CA PRO A 917 29.41 43.93 -5.05
C PRO A 917 29.61 44.67 -6.37
N LEU A 918 29.41 43.95 -7.46
CA LEU A 918 29.64 44.49 -8.79
C LEU A 918 28.39 45.23 -9.26
N PRO A 919 28.49 46.52 -9.58
CA PRO A 919 27.30 47.27 -10.01
C PRO A 919 26.88 46.87 -11.42
N VAL A 920 25.65 47.25 -11.76
CA VAL A 920 25.14 46.99 -13.11
C VAL A 920 25.89 47.81 -14.15
N SER A 921 26.58 48.87 -13.73
CA SER A 921 27.36 49.68 -14.67
C SER A 921 28.49 48.90 -15.31
N ALA A 922 28.99 47.84 -14.66
CA ALA A 922 30.11 47.07 -15.19
C ALA A 922 29.81 46.48 -16.55
N LEU A 923 28.53 46.31 -16.90
CA LEU A 923 28.18 45.89 -18.26
C LEU A 923 28.63 46.91 -19.29
N ARG A 924 28.65 48.19 -18.92
CA ARG A 924 29.07 49.28 -19.80
C ARG A 924 28.29 49.25 -21.12
N ASN A 925 26.97 49.34 -20.99
CA ASN A 925 26.08 49.31 -22.15
C ASN A 925 24.72 49.80 -21.67
N SER A 926 24.25 50.92 -22.22
CA SER A 926 23.02 51.54 -21.75
C SER A 926 21.85 50.58 -21.86
N ALA A 927 21.67 49.95 -23.03
CA ALA A 927 20.55 49.04 -23.21
C ALA A 927 20.68 47.83 -22.29
N PHE A 928 21.91 47.34 -22.08
CA PHE A 928 22.11 46.20 -21.19
C PHE A 928 21.86 46.59 -19.74
N GLU A 929 22.43 47.73 -19.31
CA GLU A 929 22.19 48.21 -17.95
C GLU A 929 20.72 48.49 -17.71
N SER A 930 19.97 48.81 -18.77
CA SER A 930 18.56 49.14 -18.65
C SER A 930 17.70 47.93 -18.27
N LEU A 931 18.24 46.72 -18.34
CA LEU A 931 17.49 45.52 -18.00
C LEU A 931 17.52 45.19 -16.51
N TYR A 932 18.43 45.80 -15.74
CA TYR A 932 18.62 45.40 -14.35
C TYR A 932 18.56 46.57 -13.37
N GLN A 933 18.96 47.76 -13.83
CA GLN A 933 19.19 48.88 -12.91
C GLN A 933 17.98 49.19 -12.03
N ASP A 934 16.77 48.96 -12.55
CA ASP A 934 15.58 49.16 -11.73
C ASP A 934 15.43 48.06 -10.68
N LYS A 935 15.77 46.82 -11.04
CA LYS A 935 15.43 45.68 -10.19
C LYS A 935 16.29 45.62 -8.94
N PHE A 936 17.58 45.92 -9.05
CA PHE A 936 18.49 45.83 -7.93
C PHE A 936 19.71 46.69 -8.23
N PRO A 937 20.46 47.10 -7.20
CA PRO A 937 21.61 47.99 -7.46
C PRO A 937 22.88 47.25 -7.82
N PHE A 938 23.17 46.12 -7.17
CA PHE A 938 24.40 45.38 -7.40
C PHE A 938 24.10 43.89 -7.54
N PHE A 939 24.97 43.20 -8.29
CA PHE A 939 24.85 41.75 -8.42
C PHE A 939 25.32 41.05 -7.14
N ASN A 940 24.78 39.86 -6.90
CA ASN A 940 25.09 39.12 -5.68
C ASN A 940 26.51 38.57 -5.76
N PRO A 941 27.08 38.12 -4.63
CA PRO A 941 28.47 37.62 -4.65
C PRO A 941 28.73 36.52 -5.66
N ILE A 942 27.73 35.68 -5.98
CA ILE A 942 27.97 34.59 -6.92
C ILE A 942 28.04 35.11 -8.35
N GLN A 943 27.16 36.04 -8.71
CA GLN A 943 27.21 36.66 -10.02
C GLN A 943 28.47 37.52 -10.20
N THR A 944 29.06 37.98 -9.09
CA THR A 944 30.25 38.82 -9.19
C THR A 944 31.47 38.02 -9.62
N GLN A 945 31.63 36.81 -9.07
CA GLN A 945 32.82 36.01 -9.35
C GLN A 945 32.86 35.57 -10.81
N VAL A 946 31.76 34.99 -11.29
CA VAL A 946 31.73 34.45 -12.65
C VAL A 946 31.65 35.52 -13.73
N PHE A 947 31.38 36.77 -13.34
CA PHE A 947 31.10 37.82 -14.31
C PHE A 947 32.20 37.94 -15.35
N ASN A 948 33.45 38.05 -14.92
CA ASN A 948 34.55 38.24 -15.86
C ASN A 948 34.73 37.00 -16.74
N THR A 949 34.53 35.80 -16.19
CA THR A 949 34.69 34.60 -16.98
C THR A 949 33.53 34.39 -17.95
N VAL A 950 32.35 34.90 -17.62
CA VAL A 950 31.19 34.75 -18.50
C VAL A 950 31.07 35.94 -19.45
N TYR A 951 31.17 37.16 -18.93
CA TYR A 951 30.98 38.35 -19.74
C TYR A 951 32.24 38.74 -20.51
N ASN A 952 33.42 38.46 -19.97
CA ASN A 952 34.68 38.86 -20.59
C ASN A 952 35.51 37.65 -21.00
N SER A 953 34.86 36.60 -21.49
CA SER A 953 35.56 35.42 -21.97
C SER A 953 34.63 34.59 -22.83
N ASP A 954 35.21 33.67 -23.59
CA ASP A 954 34.48 32.69 -24.37
C ASP A 954 34.69 31.27 -23.86
N ASP A 955 35.44 31.09 -22.77
CA ASP A 955 35.67 29.76 -22.22
C ASP A 955 34.37 29.15 -21.74
N ASN A 956 34.24 27.83 -21.92
CA ASN A 956 33.11 27.12 -21.36
C ASN A 956 33.17 27.17 -19.83
N VAL A 957 32.04 27.42 -19.20
CA VAL A 957 31.97 27.73 -17.78
C VAL A 957 30.89 26.87 -17.12
N PHE A 958 31.19 26.39 -15.91
CA PHE A 958 30.24 25.64 -15.09
C PHE A 958 30.02 26.43 -13.80
N VAL A 959 28.76 26.72 -13.49
CA VAL A 959 28.39 27.50 -12.31
C VAL A 959 27.46 26.62 -11.47
N GLY A 960 27.99 26.04 -10.40
CA GLY A 960 27.21 25.22 -9.50
C GLY A 960 26.95 25.95 -8.21
N ALA A 961 25.69 26.24 -7.94
CA ALA A 961 25.28 27.01 -6.77
C ALA A 961 23.86 26.61 -6.40
N PRO A 962 23.47 26.77 -5.14
CA PRO A 962 22.14 26.34 -4.71
C PRO A 962 21.02 27.04 -5.47
N THR A 963 19.81 26.52 -5.30
CA THR A 963 18.63 27.13 -5.90
C THR A 963 18.33 28.46 -5.20
N GLY A 964 18.06 29.49 -6.00
CA GLY A 964 17.87 30.83 -5.48
C GLY A 964 19.14 31.65 -5.40
N SER A 965 20.24 31.19 -5.98
CA SER A 965 21.50 31.90 -5.96
C SER A 965 21.65 32.88 -7.10
N GLY A 966 20.62 33.05 -7.93
CA GLY A 966 20.70 33.97 -9.04
C GLY A 966 21.44 33.46 -10.25
N LYS A 967 21.40 32.14 -10.48
CA LYS A 967 22.12 31.57 -11.62
C LYS A 967 21.48 31.94 -12.96
N THR A 968 20.21 32.33 -12.96
CA THR A 968 19.56 32.70 -14.21
C THR A 968 20.21 33.92 -14.85
N ILE A 969 20.82 34.79 -14.04
CA ILE A 969 21.41 36.01 -14.57
C ILE A 969 22.76 35.75 -15.20
N CYS A 970 23.55 34.84 -14.61
CA CYS A 970 24.86 34.52 -15.18
C CYS A 970 24.73 33.89 -16.57
N ALA A 971 23.68 33.11 -16.80
CA ALA A 971 23.40 32.66 -18.16
C ALA A 971 23.05 33.83 -19.07
N GLU A 972 22.36 34.84 -18.53
CA GLU A 972 22.08 36.04 -19.31
C GLU A 972 23.36 36.80 -19.62
N PHE A 973 24.37 36.71 -18.76
CA PHE A 973 25.65 37.33 -19.05
C PHE A 973 26.24 36.81 -20.36
N ALA A 974 26.15 35.49 -20.57
CA ALA A 974 26.67 34.91 -21.80
C ALA A 974 25.81 35.28 -23.01
N ILE A 975 24.51 35.51 -22.79
CA ILE A 975 23.64 35.91 -23.88
C ILE A 975 23.98 37.32 -24.34
N LEU A 976 24.20 38.24 -23.39
CA LEU A 976 24.53 39.62 -23.75
C LEU A 976 25.88 39.71 -24.44
N ARG A 977 26.84 38.87 -24.06
CA ARG A 977 28.11 38.84 -24.77
C ARG A 977 27.93 38.35 -26.19
N MET A 978 27.03 37.39 -26.40
CA MET A 978 26.75 36.89 -27.74
C MET A 978 26.15 37.98 -28.62
N LEU A 979 25.34 38.87 -28.04
CA LEU A 979 24.73 39.94 -28.83
C LEU A 979 25.76 40.99 -29.23
N LEU A 980 26.78 41.21 -28.40
CA LEU A 980 27.86 42.12 -28.78
C LEU A 980 28.70 41.52 -29.90
N GLN A 981 29.05 40.24 -29.79
CA GLN A 981 29.98 39.63 -30.73
C GLN A 981 29.39 39.54 -32.14
N SER A 982 28.14 39.12 -32.26
CA SER A 982 27.51 38.97 -33.56
C SER A 982 26.10 39.51 -33.51
N SER A 983 25.69 40.16 -34.61
CA SER A 983 24.38 40.79 -34.66
C SER A 983 23.27 39.73 -34.65
N GLU A 984 23.42 38.68 -35.45
CA GLU A 984 22.41 37.63 -35.51
C GLU A 984 22.92 36.33 -34.91
N GLY A 985 23.53 36.40 -33.74
CA GLY A 985 23.96 35.20 -33.05
C GLY A 985 22.78 34.45 -32.45
N ARG A 986 22.92 33.14 -32.38
CA ARG A 986 21.84 32.26 -31.93
C ARG A 986 22.25 31.54 -30.66
N CYS A 987 21.42 31.64 -29.63
CA CYS A 987 21.63 30.97 -28.36
C CYS A 987 20.51 29.96 -28.13
N VAL A 988 20.88 28.77 -27.63
CA VAL A 988 19.92 27.72 -27.31
C VAL A 988 19.98 27.49 -25.81
N TYR A 989 18.86 27.69 -25.14
CA TYR A 989 18.74 27.51 -23.69
C TYR A 989 17.90 26.27 -23.41
N ILE A 990 18.46 25.34 -22.65
CA ILE A 990 17.80 24.09 -22.30
C ILE A 990 17.54 24.09 -20.79
N THR A 991 16.30 23.76 -20.41
CA THR A 991 15.92 23.54 -19.03
C THR A 991 15.08 22.28 -18.98
N PRO A 992 15.26 21.44 -17.96
CA PRO A 992 14.66 20.09 -18.02
C PRO A 992 13.15 20.07 -17.94
N MET A 993 12.52 21.06 -17.30
CA MET A 993 11.08 21.04 -17.08
C MET A 993 10.37 22.01 -18.01
N GLU A 994 9.25 21.56 -18.57
CA GLU A 994 8.45 22.43 -19.45
C GLU A 994 7.87 23.61 -18.68
N ALA A 995 7.56 23.42 -17.39
CA ALA A 995 7.07 24.53 -16.59
C ALA A 995 8.13 25.59 -16.38
N LEU A 996 9.40 25.19 -16.27
CA LEU A 996 10.48 26.16 -16.16
C LEU A 996 10.69 26.90 -17.48
N ALA A 997 10.55 26.20 -18.61
CA ALA A 997 10.75 26.83 -19.90
C ALA A 997 9.70 27.91 -20.17
N GLU A 998 8.48 27.73 -19.67
CA GLU A 998 7.43 28.71 -19.91
C GLU A 998 7.63 29.97 -19.07
N GLN A 999 8.24 29.83 -17.89
CA GLN A 999 8.53 31.00 -17.07
C GLN A 999 9.78 31.73 -17.56
N VAL A 1000 10.82 30.99 -17.92
CA VAL A 1000 12.00 31.59 -18.52
C VAL A 1000 11.63 32.33 -19.80
N TYR A 1001 10.68 31.78 -20.55
CA TYR A 1001 10.22 32.43 -21.77
C TYR A 1001 9.54 33.76 -21.47
N MET A 1002 8.68 33.80 -20.45
CA MET A 1002 8.00 35.03 -20.09
C MET A 1002 8.98 36.11 -19.65
N ASP A 1003 10.04 35.70 -18.93
CA ASP A 1003 11.01 36.67 -18.45
C ASP A 1003 11.90 37.17 -19.60
N TRP A 1004 12.43 36.25 -20.41
CA TRP A 1004 13.39 36.62 -21.44
C TRP A 1004 12.74 37.25 -22.67
N TYR A 1005 11.46 36.95 -22.93
CA TYR A 1005 10.77 37.64 -24.03
C TYR A 1005 10.64 39.12 -23.75
N GLU A 1006 10.47 39.49 -22.48
CA GLU A 1006 10.35 40.91 -22.13
C GLU A 1006 11.70 41.60 -22.06
N LYS A 1007 12.78 40.88 -21.76
CA LYS A 1007 14.09 41.49 -21.60
C LYS A 1007 14.85 41.59 -22.92
N PHE A 1008 14.73 40.59 -23.78
CA PHE A 1008 15.52 40.52 -25.00
C PHE A 1008 14.75 40.86 -26.27
N GLN A 1009 13.45 40.63 -26.30
CA GLN A 1009 12.64 41.00 -27.46
C GLN A 1009 11.90 42.31 -27.27
N ASP A 1010 11.35 42.57 -26.08
CA ASP A 1010 10.63 43.80 -25.84
C ASP A 1010 11.59 44.99 -25.69
N ARG A 1011 12.64 44.83 -24.91
CA ARG A 1011 13.49 45.98 -24.58
C ARG A 1011 14.64 46.18 -25.57
N LEU A 1012 15.29 45.11 -26.02
CA LEU A 1012 16.44 45.21 -26.92
C LEU A 1012 16.14 44.66 -28.31
N ASN A 1013 14.88 44.28 -28.56
CA ASN A 1013 14.35 44.03 -29.90
C ASN A 1013 15.10 42.90 -30.60
N LYS A 1014 15.36 41.83 -29.88
CA LYS A 1014 15.85 40.59 -30.48
C LYS A 1014 14.66 39.64 -30.66
N LYS A 1015 14.93 38.35 -30.87
CA LYS A 1015 13.87 37.38 -31.09
C LYS A 1015 14.03 36.24 -30.09
N VAL A 1016 13.04 36.08 -29.23
CA VAL A 1016 13.00 35.01 -28.23
C VAL A 1016 11.89 34.06 -28.61
N VAL A 1017 12.18 32.75 -28.60
CA VAL A 1017 11.24 31.75 -29.05
C VAL A 1017 11.10 30.66 -27.99
N LEU A 1018 10.05 29.86 -28.13
CA LEU A 1018 9.79 28.73 -27.24
C LEU A 1018 9.33 27.56 -28.10
N LEU A 1019 10.08 26.45 -28.04
CA LEU A 1019 9.81 25.33 -28.92
C LEU A 1019 8.49 24.66 -28.60
N THR A 1020 7.78 24.25 -29.66
CA THR A 1020 6.41 23.77 -29.52
C THR A 1020 6.35 22.30 -29.11
N GLY A 1021 7.24 21.49 -29.66
CA GLY A 1021 7.01 20.06 -29.73
C GLY A 1021 6.41 19.62 -31.05
N GLU A 1022 6.16 20.57 -31.95
CA GLU A 1022 5.74 20.31 -33.32
C GLU A 1022 6.95 20.52 -34.21
N THR A 1023 7.36 19.49 -34.94
CA THR A 1023 8.66 19.50 -35.60
C THR A 1023 8.83 20.74 -36.48
N SER A 1024 7.95 20.90 -37.47
CA SER A 1024 8.15 21.95 -38.47
C SER A 1024 7.92 23.35 -37.88
N THR A 1025 6.91 23.50 -37.02
CA THR A 1025 6.70 24.78 -36.36
C THR A 1025 7.95 25.19 -35.58
N ASP A 1026 8.61 24.22 -34.95
CA ASP A 1026 9.83 24.50 -34.21
C ASP A 1026 10.93 25.00 -35.14
N LEU A 1027 11.19 24.27 -36.23
CA LEU A 1027 12.39 24.48 -37.04
C LEU A 1027 12.54 25.92 -37.48
N LYS A 1028 11.43 26.59 -37.83
CA LYS A 1028 11.51 27.99 -38.22
C LYS A 1028 12.09 28.86 -37.13
N LEU A 1029 11.68 28.63 -35.87
CA LEU A 1029 12.04 29.52 -34.79
C LEU A 1029 13.53 29.55 -34.50
N LEU A 1030 14.28 28.55 -34.99
CA LEU A 1030 15.74 28.55 -34.84
C LEU A 1030 16.39 29.55 -35.78
N GLY A 1031 15.93 29.59 -37.03
CA GLY A 1031 16.36 30.64 -37.94
C GLY A 1031 15.73 31.99 -37.67
N LYS A 1032 14.60 32.01 -36.96
CA LYS A 1032 13.89 33.24 -36.65
C LYS A 1032 14.35 33.88 -35.36
N GLY A 1033 14.72 33.07 -34.36
CA GLY A 1033 15.04 33.58 -33.04
C GLY A 1033 16.53 33.64 -32.75
N ASN A 1034 16.90 34.56 -31.86
CA ASN A 1034 18.25 34.65 -31.33
C ASN A 1034 18.41 33.98 -29.98
N ILE A 1035 17.30 33.60 -29.33
CA ILE A 1035 17.33 32.90 -28.06
C ILE A 1035 16.24 31.81 -28.13
N ILE A 1036 16.66 30.56 -28.19
CA ILE A 1036 15.74 29.43 -28.31
C ILE A 1036 15.65 28.75 -26.95
N ILE A 1037 14.44 28.71 -26.40
CA ILE A 1037 14.16 28.04 -25.13
C ILE A 1037 13.48 26.72 -25.43
N SER A 1038 14.01 25.63 -24.87
CA SER A 1038 13.52 24.30 -25.20
C SER A 1038 13.75 23.35 -24.04
N THR A 1039 12.92 22.31 -23.99
CA THR A 1039 13.12 21.17 -23.12
C THR A 1039 14.04 20.16 -23.80
N PRO A 1040 14.65 19.24 -23.04
CA PRO A 1040 15.62 18.32 -23.66
C PRO A 1040 15.11 17.57 -24.88
N GLU A 1041 13.98 16.87 -24.78
CA GLU A 1041 13.50 16.06 -25.89
C GLU A 1041 13.06 16.90 -27.07
N LYS A 1042 12.60 18.13 -26.82
CA LYS A 1042 12.26 19.05 -27.90
C LYS A 1042 13.50 19.58 -28.63
N TRP A 1043 14.69 19.40 -28.06
CA TRP A 1043 15.93 19.69 -28.76
C TRP A 1043 16.63 18.44 -29.26
N ASP A 1044 16.35 17.28 -28.65
CA ASP A 1044 16.85 16.01 -29.18
C ASP A 1044 16.26 15.75 -30.56
N ILE A 1045 14.97 16.03 -30.74
CA ILE A 1045 14.33 15.88 -32.05
C ILE A 1045 15.07 16.69 -33.11
N LEU A 1046 15.53 17.89 -32.74
CA LEU A 1046 16.10 18.82 -33.70
C LEU A 1046 17.57 18.51 -33.98
N SER A 1047 18.36 18.31 -32.91
CA SER A 1047 19.80 18.11 -33.08
C SER A 1047 20.15 16.76 -33.68
N ARG A 1048 19.21 15.81 -33.71
CA ARG A 1048 19.45 14.54 -34.37
C ARG A 1048 19.77 14.73 -35.85
N ARG A 1049 19.17 15.74 -36.48
CA ARG A 1049 19.36 16.03 -37.89
C ARG A 1049 20.42 17.12 -38.11
N TRP A 1050 21.43 17.18 -37.24
CA TRP A 1050 22.36 18.31 -37.27
C TRP A 1050 23.23 18.33 -38.53
N LYS A 1051 23.52 17.16 -39.10
CA LYS A 1051 24.32 17.13 -40.31
C LYS A 1051 23.54 17.59 -41.53
N GLN A 1052 22.22 17.52 -41.48
CA GLN A 1052 21.36 18.04 -42.53
C GLN A 1052 20.77 19.41 -42.18
N ARG A 1053 20.88 19.83 -40.92
CA ARG A 1053 20.33 21.10 -40.45
C ARG A 1053 21.47 22.06 -40.16
N LYS A 1054 21.51 23.17 -40.90
CA LYS A 1054 22.50 24.21 -40.64
C LYS A 1054 22.15 25.06 -39.43
N ASN A 1055 20.89 25.08 -39.02
CA ASN A 1055 20.46 25.87 -37.88
C ASN A 1055 20.74 25.17 -36.56
N VAL A 1056 21.74 24.29 -36.54
CA VAL A 1056 22.09 23.55 -35.33
C VAL A 1056 23.59 23.71 -35.06
N GLN A 1057 24.40 23.76 -36.12
CA GLN A 1057 25.82 24.00 -35.96
C GLN A 1057 26.18 25.48 -35.89
N ASN A 1058 25.33 26.35 -36.44
CA ASN A 1058 25.54 27.79 -36.38
C ASN A 1058 25.41 28.33 -34.96
N ILE A 1059 24.97 27.52 -34.01
CA ILE A 1059 24.68 28.00 -32.66
C ILE A 1059 25.96 28.56 -32.04
N ASN A 1060 25.90 29.81 -31.60
CA ASN A 1060 27.05 30.43 -30.94
C ASN A 1060 27.16 29.98 -29.49
N LEU A 1061 26.03 29.83 -28.81
CA LEU A 1061 26.01 29.62 -27.36
C LEU A 1061 24.97 28.57 -27.02
N PHE A 1062 25.39 27.55 -26.27
CA PHE A 1062 24.51 26.50 -25.78
C PHE A 1062 24.57 26.51 -24.26
N VAL A 1063 23.46 26.87 -23.62
CA VAL A 1063 23.38 26.95 -22.16
C VAL A 1063 22.35 25.94 -21.68
N VAL A 1064 22.78 25.05 -20.78
CA VAL A 1064 21.91 24.03 -20.21
C VAL A 1064 21.73 24.33 -18.73
N ASP A 1065 20.49 24.46 -18.30
CA ASP A 1065 20.16 24.83 -16.92
C ASP A 1065 19.72 23.60 -16.13
N GLU A 1066 19.93 23.67 -14.82
CA GLU A 1066 19.60 22.57 -13.90
C GLU A 1066 20.19 21.25 -14.39
N VAL A 1067 21.46 21.30 -14.81
CA VAL A 1067 22.13 20.15 -15.40
C VAL A 1067 22.28 19.01 -14.40
N HIS A 1068 22.06 19.26 -13.11
CA HIS A 1068 22.12 18.19 -12.12
C HIS A 1068 20.97 17.19 -12.27
N LEU A 1069 19.98 17.48 -13.13
CA LEU A 1069 18.88 16.56 -13.38
C LEU A 1069 19.26 15.41 -14.31
N ILE A 1070 20.54 15.30 -14.69
CA ILE A 1070 20.97 14.17 -15.49
C ILE A 1070 20.89 12.87 -14.70
N GLY A 1071 20.89 12.95 -13.38
CA GLY A 1071 20.71 11.76 -12.55
C GLY A 1071 19.27 11.36 -12.31
N GLY A 1072 18.32 12.21 -12.71
CA GLY A 1072 16.92 11.94 -12.52
C GLY A 1072 16.33 11.06 -13.60
N GLU A 1073 15.00 11.02 -13.62
CA GLU A 1073 14.25 10.15 -14.54
C GLU A 1073 14.63 10.40 -15.99
N ASN A 1074 14.29 11.57 -16.54
CA ASN A 1074 14.59 11.91 -17.91
C ASN A 1074 15.97 12.54 -18.08
N GLY A 1075 16.93 12.18 -17.22
CA GLY A 1075 18.30 12.62 -17.35
C GLY A 1075 19.03 12.15 -18.58
N PRO A 1076 18.89 10.88 -19.00
CA PRO A 1076 19.64 10.42 -20.18
C PRO A 1076 19.42 11.26 -21.43
N VAL A 1077 18.24 11.85 -21.61
CA VAL A 1077 18.02 12.72 -22.77
C VAL A 1077 18.84 14.00 -22.64
N LEU A 1078 18.90 14.56 -21.43
CA LEU A 1078 19.72 15.74 -21.20
C LEU A 1078 21.21 15.43 -21.39
N GLU A 1079 21.61 14.19 -21.14
CA GLU A 1079 23.00 13.80 -21.32
C GLU A 1079 23.36 13.65 -22.80
N VAL A 1080 22.41 13.24 -23.63
CA VAL A 1080 22.71 13.00 -25.04
C VAL A 1080 22.86 14.32 -25.79
N ILE A 1081 21.97 15.28 -25.55
CA ILE A 1081 21.96 16.51 -26.34
C ILE A 1081 23.24 17.31 -26.10
N CYS A 1082 23.67 17.43 -24.85
CA CYS A 1082 24.90 18.16 -24.55
C CYS A 1082 26.12 17.40 -25.06
N SER A 1083 26.10 16.07 -24.94
CA SER A 1083 27.16 15.26 -25.54
C SER A 1083 27.18 15.43 -27.05
N ARG A 1084 26.02 15.69 -27.66
CA ARG A 1084 25.98 15.94 -29.10
C ARG A 1084 26.56 17.31 -29.42
N MET A 1085 26.22 18.33 -28.62
CA MET A 1085 26.74 19.68 -28.88
C MET A 1085 28.26 19.72 -28.75
N ARG A 1086 28.84 18.88 -27.89
CA ARG A 1086 30.29 18.81 -27.80
C ARG A 1086 30.90 18.09 -29.01
N TYR A 1087 30.19 17.10 -29.54
CA TYR A 1087 30.67 16.39 -30.72
C TYR A 1087 30.46 17.21 -31.98
N ILE A 1088 29.34 17.93 -32.07
CA ILE A 1088 29.12 18.84 -33.20
C ILE A 1088 30.18 19.92 -33.22
N SER A 1089 30.53 20.45 -32.04
CA SER A 1089 31.57 21.46 -31.96
C SER A 1089 32.92 20.92 -32.42
N SER A 1090 33.12 19.60 -32.30
CA SER A 1090 34.39 19.01 -32.71
C SER A 1090 34.53 18.99 -34.23
N GLN A 1091 33.44 18.72 -34.95
CA GLN A 1091 33.53 18.54 -36.39
C GLN A 1091 33.71 19.86 -37.13
N ILE A 1092 33.13 20.94 -36.62
CA ILE A 1092 33.25 22.26 -37.23
C ILE A 1092 34.45 22.97 -36.63
N GLU A 1093 34.98 23.95 -37.36
CA GLU A 1093 36.08 24.76 -36.83
C GLU A 1093 35.58 26.14 -36.42
N ARG A 1094 34.87 26.13 -35.31
CA ARG A 1094 34.53 27.26 -34.46
C ARG A 1094 33.74 26.69 -33.29
N PRO A 1095 34.34 26.61 -32.10
CA PRO A 1095 33.67 25.93 -30.99
C PRO A 1095 32.37 26.62 -30.61
N ILE A 1096 31.40 25.81 -30.21
CA ILE A 1096 30.14 26.30 -29.66
C ILE A 1096 30.33 26.49 -28.16
N ARG A 1097 30.08 27.70 -27.67
CA ARG A 1097 30.24 27.96 -26.26
C ARG A 1097 29.17 27.23 -25.46
N ILE A 1098 29.59 26.62 -24.35
CA ILE A 1098 28.70 25.84 -23.49
C ILE A 1098 28.79 26.40 -22.07
N VAL A 1099 27.63 26.72 -21.51
CA VAL A 1099 27.52 27.20 -20.13
C VAL A 1099 26.58 26.25 -19.39
N ALA A 1100 27.08 25.65 -18.30
CA ALA A 1100 26.31 24.70 -17.51
C ALA A 1100 25.98 25.31 -16.16
N LEU A 1101 24.71 25.27 -15.79
CA LEU A 1101 24.23 25.74 -14.49
C LEU A 1101 23.60 24.59 -13.74
N SER A 1102 23.85 24.53 -12.43
CA SER A 1102 23.38 23.41 -11.62
C SER A 1102 23.32 23.82 -10.17
N SER A 1103 22.53 23.08 -9.39
CA SER A 1103 22.66 23.15 -7.95
C SER A 1103 23.96 22.47 -7.52
N SER A 1104 24.40 22.79 -6.30
CA SER A 1104 25.70 22.39 -5.79
C SER A 1104 25.96 20.90 -5.97
N LEU A 1105 26.92 20.56 -6.83
CA LEU A 1105 27.28 19.18 -7.11
C LEU A 1105 28.54 18.79 -6.34
N SER A 1106 28.54 17.57 -5.80
CA SER A 1106 29.75 17.06 -5.16
C SER A 1106 30.78 16.66 -6.21
N ASN A 1107 30.35 16.05 -7.30
CA ASN A 1107 31.23 15.70 -8.42
C ASN A 1107 31.11 16.71 -9.56
N ALA A 1108 31.27 17.99 -9.22
CA ALA A 1108 31.14 19.04 -10.24
C ALA A 1108 32.26 18.96 -11.26
N LYS A 1109 33.47 18.57 -10.82
CA LYS A 1109 34.60 18.49 -11.74
C LYS A 1109 34.35 17.47 -12.84
N ASP A 1110 33.50 16.47 -12.59
CA ASP A 1110 33.18 15.49 -13.61
C ASP A 1110 32.31 16.11 -14.70
N VAL A 1111 31.29 16.88 -14.31
CA VAL A 1111 30.44 17.55 -15.29
C VAL A 1111 31.25 18.56 -16.10
N ALA A 1112 32.15 19.27 -15.43
CA ALA A 1112 32.95 20.28 -16.11
C ALA A 1112 33.87 19.65 -17.16
N HIS A 1113 34.59 18.59 -16.78
CA HIS A 1113 35.46 17.90 -17.73
C HIS A 1113 34.65 17.28 -18.86
N TRP A 1114 33.47 16.76 -18.55
CA TRP A 1114 32.60 16.20 -19.59
C TRP A 1114 32.12 17.28 -20.54
N LEU A 1115 31.89 18.50 -20.05
CA LEU A 1115 31.44 19.61 -20.87
C LEU A 1115 32.58 20.53 -21.30
N GLY A 1116 33.82 20.13 -21.04
CA GLY A 1116 34.98 20.87 -21.48
C GLY A 1116 35.16 22.27 -20.90
N CYS A 1117 35.01 22.39 -19.57
CA CYS A 1117 35.23 23.63 -18.83
C CYS A 1117 36.51 23.50 -18.01
N SER A 1118 37.43 24.46 -18.16
CA SER A 1118 38.68 24.45 -17.41
C SER A 1118 38.42 24.57 -15.91
N ALA A 1119 39.48 24.32 -15.12
CA ALA A 1119 39.36 24.39 -13.67
C ALA A 1119 38.99 25.79 -13.22
N THR A 1120 39.67 26.80 -13.75
CA THR A 1120 39.39 28.18 -13.36
C THR A 1120 38.03 28.65 -13.85
N SER A 1121 37.42 27.96 -14.82
CA SER A 1121 36.08 28.29 -15.27
C SER A 1121 35.00 27.47 -14.57
N THR A 1122 35.38 26.51 -13.74
CA THR A 1122 34.42 25.70 -13.01
C THR A 1122 34.19 26.32 -11.63
N PHE A 1123 32.94 26.69 -11.37
CA PHE A 1123 32.56 27.34 -10.11
C PHE A 1123 31.68 26.36 -9.33
N ASN A 1124 32.32 25.59 -8.45
CA ASN A 1124 31.65 24.57 -7.64
C ASN A 1124 31.42 25.14 -6.25
N PHE A 1125 30.31 25.85 -6.08
CA PHE A 1125 29.91 26.34 -4.77
C PHE A 1125 29.04 25.31 -4.08
N HIS A 1126 29.06 25.35 -2.75
CA HIS A 1126 28.30 24.45 -1.91
C HIS A 1126 27.14 25.20 -1.24
N PRO A 1127 26.15 24.48 -0.70
CA PRO A 1127 24.94 25.17 -0.19
C PRO A 1127 25.21 26.23 0.87
N ASN A 1128 26.39 26.25 1.50
CA ASN A 1128 26.64 27.20 2.58
C ASN A 1128 26.81 28.63 2.09
N VAL A 1129 27.01 28.85 0.79
CA VAL A 1129 27.27 30.19 0.28
C VAL A 1129 26.06 30.73 -0.47
N ARG A 1130 24.87 30.26 -0.12
CA ARG A 1130 23.66 30.80 -0.72
C ARG A 1130 23.54 32.28 -0.33
N PRO A 1131 23.20 33.16 -1.29
CA PRO A 1131 23.12 34.60 -0.99
C PRO A 1131 22.24 34.91 0.21
N VAL A 1132 20.96 34.56 0.12
CA VAL A 1132 20.06 34.68 1.27
C VAL A 1132 20.26 33.44 2.14
N PRO A 1133 20.69 33.60 3.39
CA PRO A 1133 20.92 32.43 4.25
C PRO A 1133 19.66 31.60 4.42
N LEU A 1134 19.85 30.29 4.50
CA LEU A 1134 18.75 29.33 4.58
C LEU A 1134 18.83 28.59 5.92
N GLU A 1135 17.80 28.78 6.74
CA GLU A 1135 17.68 28.04 8.00
C GLU A 1135 16.81 26.81 7.74
N LEU A 1136 17.43 25.64 7.77
CA LEU A 1136 16.76 24.38 7.44
C LEU A 1136 16.55 23.56 8.70
N HIS A 1137 15.30 23.20 8.96
CA HIS A 1137 14.93 22.33 10.07
C HIS A 1137 14.25 21.08 9.52
N ILE A 1138 14.64 19.93 10.06
CA ILE A 1138 14.13 18.64 9.59
C ILE A 1138 13.47 17.95 10.79
N GLN A 1139 12.15 17.95 10.83
CA GLN A 1139 11.39 17.29 11.87
C GLN A 1139 11.10 15.85 11.47
N GLY A 1140 11.39 14.92 12.37
CA GLY A 1140 11.04 13.53 12.15
C GLY A 1140 9.70 13.17 12.78
N PHE A 1141 9.01 12.23 12.15
CA PHE A 1141 7.70 11.80 12.60
C PHE A 1141 7.64 10.28 12.65
N ASN A 1142 7.19 9.75 13.78
CA ASN A 1142 7.31 8.32 14.07
C ASN A 1142 6.26 7.48 13.35
N ILE A 1143 5.07 8.03 13.10
CA ILE A 1143 3.95 7.24 12.61
C ILE A 1143 4.26 6.71 11.21
N SER A 1144 4.09 5.40 11.03
CA SER A 1144 4.35 4.73 9.76
C SER A 1144 3.12 4.68 8.85
N HIS A 1145 1.94 5.00 9.37
CA HIS A 1145 0.72 5.02 8.57
C HIS A 1145 0.50 6.45 8.05
N THR A 1146 0.41 6.58 6.72
CA THR A 1146 0.54 7.89 6.10
C THR A 1146 -0.55 8.86 6.55
N GLN A 1147 -1.81 8.44 6.47
CA GLN A 1147 -2.91 9.33 6.81
C GLN A 1147 -2.84 9.78 8.26
N THR A 1148 -2.43 8.88 9.16
CA THR A 1148 -2.26 9.25 10.56
C THR A 1148 -1.06 10.17 10.74
N ARG A 1149 0.04 9.90 10.02
CA ARG A 1149 1.21 10.76 10.11
C ARG A 1149 0.91 12.15 9.57
N LEU A 1150 0.15 12.23 8.47
CA LEU A 1150 -0.26 13.53 7.95
C LEU A 1150 -1.08 14.28 8.98
N LEU A 1151 -1.89 13.57 9.76
CA LEU A 1151 -2.66 14.21 10.82
C LEU A 1151 -1.75 14.75 11.91
N SER A 1152 -0.70 14.00 12.26
CA SER A 1152 0.23 14.43 13.30
C SER A 1152 1.02 15.67 12.92
N MET A 1153 1.02 16.06 11.64
CA MET A 1153 1.72 17.25 11.18
C MET A 1153 0.81 18.47 11.09
N ALA A 1154 -0.51 18.29 11.27
CA ALA A 1154 -1.45 19.38 11.07
C ALA A 1154 -1.13 20.59 11.95
N LYS A 1155 -1.11 20.39 13.26
CA LYS A 1155 -0.82 21.47 14.19
C LYS A 1155 0.64 21.91 14.16
N PRO A 1156 1.62 20.99 14.03
CA PRO A 1156 2.99 21.45 13.80
C PRO A 1156 3.15 22.37 12.60
N VAL A 1157 2.33 22.20 11.56
CA VAL A 1157 2.35 23.12 10.43
C VAL A 1157 1.99 24.53 10.90
N TYR A 1158 0.90 24.65 11.67
CA TYR A 1158 0.52 25.95 12.20
C TYR A 1158 1.56 26.48 13.17
N HIS A 1159 2.06 25.61 14.07
CA HIS A 1159 3.02 26.05 15.07
C HIS A 1159 4.35 26.46 14.45
N ALA A 1160 4.70 25.86 13.31
CA ALA A 1160 5.91 26.28 12.61
C ALA A 1160 5.72 27.64 11.95
N ILE A 1161 4.49 27.97 11.55
CA ILE A 1161 4.22 29.28 10.97
C ILE A 1161 4.39 30.37 12.01
N THR A 1162 3.75 30.21 13.17
CA THR A 1162 3.84 31.23 14.21
C THR A 1162 5.25 31.38 14.75
N LYS A 1163 6.05 30.31 14.70
CA LYS A 1163 7.39 30.37 15.27
C LYS A 1163 8.41 30.96 14.30
N HIS A 1164 8.35 30.56 13.04
CA HIS A 1164 9.38 30.93 12.07
C HIS A 1164 8.98 32.08 11.16
N SER A 1165 7.69 32.27 10.90
CA SER A 1165 7.26 33.38 10.05
C SER A 1165 5.81 33.78 10.37
N PRO A 1166 5.54 34.31 11.55
CA PRO A 1166 4.17 34.77 11.84
C PRO A 1166 3.77 36.02 11.06
N LYS A 1167 4.74 36.69 10.44
CA LYS A 1167 4.53 37.97 9.77
C LYS A 1167 4.67 37.91 8.26
N LYS A 1168 5.50 37.00 7.75
CA LYS A 1168 5.89 36.98 6.35
C LYS A 1168 5.27 35.80 5.61
N PRO A 1169 5.20 35.86 4.27
CA PRO A 1169 4.47 34.83 3.52
C PRO A 1169 5.02 33.43 3.72
N VAL A 1170 4.14 32.45 3.61
CA VAL A 1170 4.45 31.04 3.85
C VAL A 1170 3.88 30.20 2.72
N ILE A 1171 4.66 29.25 2.23
CA ILE A 1171 4.21 28.26 1.27
C ILE A 1171 4.24 26.89 1.95
N VAL A 1172 3.15 26.14 1.82
CA VAL A 1172 3.06 24.79 2.37
C VAL A 1172 2.91 23.81 1.21
N PHE A 1173 3.82 22.85 1.12
CA PHE A 1173 3.77 21.81 0.10
C PHE A 1173 3.19 20.55 0.69
N VAL A 1174 2.15 20.02 0.04
CA VAL A 1174 1.45 18.84 0.53
C VAL A 1174 1.47 17.80 -0.59
N PRO A 1175 1.31 16.52 -0.24
CA PRO A 1175 1.49 15.46 -1.25
C PRO A 1175 0.44 15.43 -2.36
N SER A 1176 -0.81 15.80 -2.07
CA SER A 1176 -1.89 15.58 -3.02
C SER A 1176 -2.76 16.81 -3.15
N ARG A 1177 -3.58 16.82 -4.22
CA ARG A 1177 -4.50 17.91 -4.45
C ARG A 1177 -5.56 17.99 -3.35
N LYS A 1178 -6.12 16.85 -2.96
CA LYS A 1178 -7.12 16.84 -1.90
C LYS A 1178 -6.55 17.38 -0.59
N GLN A 1179 -5.26 17.17 -0.35
CA GLN A 1179 -4.64 17.67 0.87
C GLN A 1179 -4.47 19.18 0.87
N THR A 1180 -4.41 19.80 -0.31
CA THR A 1180 -4.25 21.26 -0.37
C THR A 1180 -5.39 21.97 0.35
N ARG A 1181 -6.64 21.63 0.01
CA ARG A 1181 -7.78 22.27 0.64
C ARG A 1181 -7.96 21.81 2.08
N LEU A 1182 -7.60 20.56 2.39
CA LEU A 1182 -7.78 20.06 3.74
C LEU A 1182 -6.87 20.78 4.72
N THR A 1183 -5.59 20.97 4.35
CA THR A 1183 -4.67 21.67 5.24
C THR A 1183 -4.96 23.16 5.28
N ALA A 1184 -5.43 23.74 4.17
CA ALA A 1184 -5.82 25.14 4.17
C ALA A 1184 -6.95 25.39 5.17
N ILE A 1185 -7.93 24.49 5.21
CA ILE A 1185 -8.98 24.58 6.23
C ILE A 1185 -8.41 24.26 7.61
N ASP A 1186 -7.50 23.27 7.68
CA ASP A 1186 -6.90 22.89 8.95
C ASP A 1186 -6.16 24.06 9.59
N ILE A 1187 -5.39 24.80 8.78
CA ILE A 1187 -4.68 25.98 9.29
C ILE A 1187 -5.67 27.02 9.81
N LEU A 1188 -6.84 27.14 9.17
CA LEU A 1188 -7.77 28.20 9.51
C LEU A 1188 -8.47 27.91 10.84
N THR A 1189 -8.99 26.69 11.03
CA THR A 1189 -9.65 26.37 12.29
C THR A 1189 -8.69 26.42 13.45
N THR A 1190 -7.41 26.11 13.22
CA THR A 1190 -6.40 26.27 14.26
C THR A 1190 -6.18 27.74 14.58
N CYS A 1191 -6.18 28.59 13.54
CA CYS A 1191 -6.05 30.03 13.77
C CYS A 1191 -7.27 30.57 14.52
N ALA A 1192 -8.45 30.02 14.24
CA ALA A 1192 -9.65 30.44 14.95
C ALA A 1192 -9.66 29.93 16.39
N ALA A 1193 -9.19 28.69 16.61
CA ALA A 1193 -9.08 28.18 17.96
C ALA A 1193 -7.98 28.89 18.74
N ASP A 1194 -7.02 29.49 18.05
CA ASP A 1194 -6.05 30.41 18.65
C ASP A 1194 -6.63 31.81 18.84
N ILE A 1195 -7.93 31.97 18.59
CA ILE A 1195 -8.62 33.25 18.43
C ILE A 1195 -7.70 34.29 17.79
N GLN A 1196 -7.01 33.87 16.71
CA GLN A 1196 -6.21 34.75 15.89
C GLN A 1196 -6.74 34.76 14.45
N ARG A 1197 -8.05 34.59 14.30
CA ARG A 1197 -8.64 34.44 12.99
C ARG A 1197 -8.36 35.66 12.12
N GLN A 1198 -8.14 35.40 10.82
CA GLN A 1198 -7.81 36.42 9.83
C GLN A 1198 -6.49 37.11 10.15
N ARG A 1199 -5.56 36.40 10.79
CA ARG A 1199 -4.21 36.91 10.95
C ARG A 1199 -3.45 36.85 9.63
N PHE A 1200 -3.68 35.80 8.85
CA PHE A 1200 -3.03 35.63 7.55
C PHE A 1200 -3.65 36.50 6.46
N LEU A 1201 -4.64 37.32 6.79
CA LEU A 1201 -5.24 38.23 5.82
C LEU A 1201 -4.71 39.64 6.11
N HIS A 1202 -3.53 39.93 5.54
CA HIS A 1202 -2.92 41.24 5.70
C HIS A 1202 -3.53 42.29 4.80
N CYS A 1203 -4.50 41.91 3.98
CA CYS A 1203 -5.18 42.87 3.13
C CYS A 1203 -6.36 43.42 3.91
N THR A 1204 -7.60 43.05 3.58
CA THR A 1204 -8.72 43.84 4.04
C THR A 1204 -10.00 43.03 4.05
N GLU A 1205 -11.11 43.73 4.28
CA GLU A 1205 -12.45 43.17 4.13
C GLU A 1205 -12.94 43.23 2.68
N LYS A 1206 -12.84 44.40 2.03
CA LYS A 1206 -13.56 44.63 0.78
C LYS A 1206 -12.69 44.84 -0.45
N ASP A 1207 -11.43 45.25 -0.29
CA ASP A 1207 -10.55 45.41 -1.44
C ASP A 1207 -10.25 44.08 -2.15
N LEU A 1208 -10.79 42.95 -1.67
CA LEU A 1208 -10.46 41.63 -2.19
C LEU A 1208 -11.58 41.00 -3.02
N ILE A 1209 -12.83 41.37 -2.81
CA ILE A 1209 -13.95 40.84 -3.59
C ILE A 1209 -13.82 41.25 -5.06
N PRO A 1210 -13.17 42.37 -5.39
CA PRO A 1210 -12.74 42.55 -6.80
C PRO A 1210 -11.84 41.42 -7.30
N TYR A 1211 -11.35 40.53 -6.42
CA TYR A 1211 -10.67 39.30 -6.83
C TYR A 1211 -11.44 38.03 -6.49
N LEU A 1212 -12.24 38.04 -5.44
CA LEU A 1212 -13.05 36.88 -5.08
C LEU A 1212 -14.38 36.92 -5.83
N GLU A 1213 -14.99 35.73 -5.95
CA GLU A 1213 -16.20 35.51 -6.76
C GLU A 1213 -15.88 35.51 -8.26
N LYS A 1214 -14.63 35.22 -8.59
CA LYS A 1214 -14.22 35.01 -9.97
C LYS A 1214 -13.84 33.56 -10.20
N LEU A 1215 -14.11 32.69 -9.23
CA LEU A 1215 -13.69 31.31 -9.22
C LEU A 1215 -14.92 30.41 -9.08
N SER A 1216 -14.79 29.17 -9.53
CA SER A 1216 -15.86 28.19 -9.38
C SER A 1216 -15.81 27.46 -8.04
N ASP A 1217 -14.69 27.54 -7.33
CA ASP A 1217 -14.51 26.82 -6.08
C ASP A 1217 -15.13 27.62 -4.94
N SER A 1218 -16.04 26.99 -4.20
CA SER A 1218 -16.66 27.67 -3.06
C SER A 1218 -15.73 27.69 -1.86
N THR A 1219 -14.95 26.63 -1.64
CA THR A 1219 -14.04 26.59 -0.50
C THR A 1219 -12.86 27.53 -0.70
N LEU A 1220 -12.42 27.71 -1.95
CA LEU A 1220 -11.32 28.65 -2.21
C LEU A 1220 -11.70 30.07 -1.83
N LYS A 1221 -12.99 30.40 -1.94
CA LYS A 1221 -13.45 31.73 -1.53
C LYS A 1221 -13.41 31.90 -0.01
N GLU A 1222 -13.88 30.88 0.72
CA GLU A 1222 -13.88 30.96 2.18
C GLU A 1222 -12.47 31.02 2.73
N THR A 1223 -11.56 30.23 2.16
CA THR A 1223 -10.18 30.22 2.63
C THR A 1223 -9.52 31.57 2.42
N LEU A 1224 -9.70 32.17 1.25
CA LEU A 1224 -9.05 33.44 0.95
C LEU A 1224 -9.59 34.57 1.81
N LEU A 1225 -10.87 34.52 2.18
CA LEU A 1225 -11.45 35.53 3.07
C LEU A 1225 -10.77 35.54 4.43
N ASN A 1226 -10.05 34.49 4.79
CA ASN A 1226 -9.35 34.41 6.05
C ASN A 1226 -7.83 34.39 5.88
N GLY A 1227 -7.34 34.61 4.67
CA GLY A 1227 -5.92 34.81 4.43
C GLY A 1227 -5.13 33.60 3.99
N VAL A 1228 -5.79 32.55 3.51
CA VAL A 1228 -5.11 31.33 3.09
C VAL A 1228 -5.63 30.93 1.72
N GLY A 1229 -4.71 30.73 0.77
CA GLY A 1229 -5.03 30.19 -0.52
C GLY A 1229 -4.49 28.78 -0.70
N TYR A 1230 -4.79 28.21 -1.86
CA TYR A 1230 -4.22 26.91 -2.20
C TYR A 1230 -4.22 26.74 -3.71
N LEU A 1231 -3.24 25.97 -4.19
CA LEU A 1231 -3.04 25.74 -5.62
C LEU A 1231 -2.91 24.24 -5.86
N HIS A 1232 -3.53 23.77 -6.94
CA HIS A 1232 -3.43 22.36 -7.32
C HIS A 1232 -3.79 22.21 -8.79
N GLU A 1233 -3.66 20.98 -9.28
CA GLU A 1233 -3.81 20.70 -10.71
C GLU A 1233 -5.24 20.91 -11.19
N GLY A 1234 -6.22 20.73 -10.30
CA GLY A 1234 -7.62 20.82 -10.68
C GLY A 1234 -8.18 22.21 -10.87
N LEU A 1235 -7.47 23.24 -10.39
CA LEU A 1235 -7.93 24.61 -10.57
C LEU A 1235 -7.68 25.08 -11.99
N SER A 1236 -8.54 25.97 -12.47
CA SER A 1236 -8.36 26.52 -13.81
C SER A 1236 -7.24 27.55 -13.81
N PRO A 1237 -6.50 27.68 -14.93
CA PRO A 1237 -5.32 28.54 -14.96
C PRO A 1237 -5.59 29.99 -14.54
N MET A 1238 -6.84 30.42 -14.69
CA MET A 1238 -7.22 31.76 -14.26
C MET A 1238 -7.25 31.86 -12.73
N GLU A 1239 -7.69 30.78 -12.07
CA GLU A 1239 -7.75 30.80 -10.61
C GLU A 1239 -6.35 30.77 -10.00
N ARG A 1240 -5.47 29.92 -10.54
CA ARG A 1240 -4.10 29.84 -10.02
C ARG A 1240 -3.39 31.19 -10.14
N ARG A 1241 -3.57 31.87 -11.27
CA ARG A 1241 -2.95 33.18 -11.46
C ARG A 1241 -3.43 34.17 -10.41
N LEU A 1242 -4.73 34.14 -10.10
CA LEU A 1242 -5.28 35.13 -9.18
C LEU A 1242 -4.88 34.87 -7.74
N VAL A 1243 -4.74 33.60 -7.35
CA VAL A 1243 -4.26 33.28 -6.01
C VAL A 1243 -2.80 33.69 -5.85
N GLU A 1244 -2.01 33.52 -6.92
CA GLU A 1244 -0.61 33.92 -6.86
C GLU A 1244 -0.46 35.44 -6.71
N GLN A 1245 -1.31 36.20 -7.41
CA GLN A 1245 -1.22 37.65 -7.31
C GLN A 1245 -1.53 38.13 -5.90
N LEU A 1246 -2.55 37.54 -5.26
CA LEU A 1246 -2.85 37.90 -3.87
C LEU A 1246 -1.73 37.51 -2.93
N PHE A 1247 -1.01 36.43 -3.24
CA PHE A 1247 0.09 36.00 -2.39
C PHE A 1247 1.29 36.94 -2.54
N SER A 1248 1.64 37.29 -3.78
CA SER A 1248 2.76 38.20 -4.00
C SER A 1248 2.45 39.63 -3.60
N SER A 1249 1.18 40.01 -3.58
CA SER A 1249 0.80 41.33 -3.11
C SER A 1249 0.88 41.47 -1.60
N GLY A 1250 1.09 40.37 -0.88
CA GLY A 1250 1.02 40.38 0.57
C GLY A 1250 -0.38 40.32 1.13
N ALA A 1251 -1.40 40.22 0.27
CA ALA A 1251 -2.78 40.17 0.74
C ALA A 1251 -3.03 38.95 1.60
N ILE A 1252 -2.62 37.77 1.12
CA ILE A 1252 -2.75 36.51 1.84
C ILE A 1252 -1.36 36.04 2.23
N GLN A 1253 -1.25 35.53 3.46
CA GLN A 1253 0.05 35.16 4.02
C GLN A 1253 0.44 33.71 3.77
N VAL A 1254 -0.53 32.82 3.56
CA VAL A 1254 -0.28 31.40 3.44
C VAL A 1254 -0.93 30.88 2.16
N VAL A 1255 -0.20 30.03 1.44
CA VAL A 1255 -0.74 29.31 0.28
C VAL A 1255 -0.28 27.86 0.38
N VAL A 1256 -1.20 26.94 0.07
CA VAL A 1256 -0.95 25.50 0.19
C VAL A 1256 -0.89 24.93 -1.22
N ALA A 1257 0.32 24.58 -1.67
CA ALA A 1257 0.55 24.12 -3.03
C ALA A 1257 0.79 22.62 -3.05
N SER A 1258 0.26 21.95 -4.07
CA SER A 1258 0.51 20.54 -4.26
C SER A 1258 1.95 20.30 -4.73
N ARG A 1259 2.43 19.06 -4.55
CA ARG A 1259 3.78 18.74 -4.96
C ARG A 1259 3.96 18.87 -6.47
N SER A 1260 2.91 18.60 -7.25
CA SER A 1260 3.00 18.66 -8.70
C SER A 1260 3.32 20.05 -9.21
N LEU A 1261 3.04 21.09 -8.43
CA LEU A 1261 3.18 22.46 -8.89
C LEU A 1261 4.48 23.11 -8.45
N CYS A 1262 5.42 22.34 -7.92
CA CYS A 1262 6.65 22.94 -7.38
C CYS A 1262 7.59 23.44 -8.47
N TRP A 1263 7.39 23.04 -9.73
CA TRP A 1263 8.25 23.50 -10.83
C TRP A 1263 7.65 24.65 -11.61
N GLY A 1264 6.33 24.82 -11.59
CA GLY A 1264 5.69 25.89 -12.31
C GLY A 1264 4.89 26.83 -11.43
N MET A 1265 5.58 27.48 -10.48
CA MET A 1265 4.95 28.37 -9.52
C MET A 1265 5.79 29.63 -9.41
N ASN A 1266 5.24 30.76 -9.85
CA ASN A 1266 5.98 32.03 -9.88
C ASN A 1266 5.71 32.87 -8.65
N VAL A 1267 5.84 32.27 -7.47
CA VAL A 1267 5.79 33.00 -6.20
C VAL A 1267 6.87 32.46 -5.29
N ALA A 1268 7.35 33.32 -4.39
CA ALA A 1268 8.34 32.94 -3.40
C ALA A 1268 7.83 33.34 -2.02
N ALA A 1269 8.45 32.79 -0.99
CA ALA A 1269 7.99 33.00 0.38
C ALA A 1269 9.19 33.11 1.31
N HIS A 1270 8.91 33.55 2.53
CA HIS A 1270 9.94 33.61 3.57
C HIS A 1270 10.11 32.26 4.26
N LEU A 1271 9.03 31.50 4.41
CA LEU A 1271 9.06 30.18 5.02
C LEU A 1271 8.36 29.18 4.11
N VAL A 1272 9.01 28.04 3.88
CA VAL A 1272 8.43 26.94 3.14
C VAL A 1272 8.32 25.74 4.08
N ILE A 1273 7.13 25.14 4.13
CA ILE A 1273 6.90 23.95 4.94
C ILE A 1273 6.60 22.79 4.00
N ILE A 1274 7.41 21.75 4.06
CA ILE A 1274 7.23 20.54 3.27
C ILE A 1274 6.54 19.52 4.18
N MET A 1275 5.21 19.44 4.05
CA MET A 1275 4.42 18.51 4.86
C MET A 1275 4.50 17.13 4.23
N ASP A 1276 5.35 16.28 4.81
CA ASP A 1276 5.60 14.90 4.36
C ASP A 1276 6.35 14.87 3.03
N THR A 1277 7.02 13.75 2.76
CA THR A 1277 7.90 13.62 1.60
C THR A 1277 7.54 12.40 0.77
N GLN A 1278 6.27 12.01 0.75
CA GLN A 1278 5.81 10.87 -0.02
C GLN A 1278 4.51 11.22 -0.73
N TYR A 1279 4.20 10.45 -1.76
CA TYR A 1279 2.93 10.60 -2.47
C TYR A 1279 2.51 9.24 -3.00
N TYR A 1280 1.19 9.06 -3.13
CA TYR A 1280 0.64 7.79 -3.57
C TYR A 1280 0.69 7.68 -5.09
N ASN A 1281 1.18 6.54 -5.58
CA ASN A 1281 1.24 6.25 -7.00
C ASN A 1281 0.05 5.36 -7.37
N GLY A 1282 -0.86 5.89 -8.19
CA GLY A 1282 -2.10 5.18 -8.48
C GLY A 1282 -1.90 3.91 -9.27
N LYS A 1283 -0.87 3.86 -10.12
CA LYS A 1283 -0.60 2.66 -10.91
C LYS A 1283 -0.21 1.50 -10.01
N ILE A 1284 0.99 1.57 -9.45
CA ILE A 1284 1.53 0.49 -8.64
C ILE A 1284 0.88 0.39 -7.28
N HIS A 1285 0.02 1.35 -6.93
CA HIS A 1285 -0.74 1.34 -5.68
C HIS A 1285 0.20 1.24 -4.48
N ALA A 1286 1.14 2.19 -4.41
CA ALA A 1286 2.10 2.24 -3.32
C ALA A 1286 2.62 3.66 -3.20
N TYR A 1287 3.17 3.97 -2.03
CA TYR A 1287 3.71 5.30 -1.77
C TYR A 1287 5.13 5.42 -2.31
N VAL A 1288 5.42 6.56 -2.92
CA VAL A 1288 6.71 6.83 -3.54
C VAL A 1288 7.33 8.06 -2.91
N ASP A 1289 8.62 8.00 -2.63
CA ASP A 1289 9.32 9.14 -2.04
C ASP A 1289 9.45 10.29 -3.03
N TYR A 1290 9.44 11.50 -2.51
CA TYR A 1290 9.75 12.67 -3.32
C TYR A 1290 11.14 12.50 -3.92
N PRO A 1291 11.33 12.75 -5.22
CA PRO A 1291 12.69 12.85 -5.75
C PRO A 1291 13.44 13.96 -5.02
N ILE A 1292 14.74 13.74 -4.78
CA ILE A 1292 15.54 14.74 -4.11
C ILE A 1292 15.57 16.03 -4.92
N TYR A 1293 15.42 15.93 -6.24
CA TYR A 1293 15.39 17.12 -7.08
C TYR A 1293 14.15 17.97 -6.82
N ASP A 1294 13.02 17.33 -6.52
CA ASP A 1294 11.82 18.10 -6.18
C ASP A 1294 11.95 18.79 -4.83
N VAL A 1295 12.65 18.15 -3.88
CA VAL A 1295 12.83 18.75 -2.56
C VAL A 1295 13.72 19.98 -2.66
N LEU A 1296 14.82 19.88 -3.41
CA LEU A 1296 15.68 21.04 -3.63
C LEU A 1296 14.90 22.18 -4.25
N GLN A 1297 14.01 21.87 -5.20
CA GLN A 1297 13.21 22.90 -5.83
C GLN A 1297 12.25 23.55 -4.83
N MET A 1298 11.65 22.75 -3.94
CA MET A 1298 10.73 23.29 -2.95
C MET A 1298 11.45 24.21 -1.97
N VAL A 1299 12.61 23.78 -1.48
CA VAL A 1299 13.41 24.61 -0.56
C VAL A 1299 13.81 25.91 -1.25
N GLY A 1300 13.99 25.88 -2.57
CA GLY A 1300 14.35 27.07 -3.31
C GLY A 1300 13.32 28.19 -3.25
N HIS A 1301 12.05 27.86 -3.03
CA HIS A 1301 11.01 28.87 -2.93
C HIS A 1301 11.11 29.70 -1.65
N ALA A 1302 11.90 29.25 -0.67
CA ALA A 1302 12.12 30.01 0.56
C ALA A 1302 13.34 30.90 0.38
N ASN A 1303 13.17 31.93 -0.46
CA ASN A 1303 14.27 32.80 -0.82
C ASN A 1303 13.70 34.08 -1.45
N ARG A 1304 13.72 35.17 -0.69
CA ARG A 1304 13.32 36.49 -1.19
C ARG A 1304 14.48 37.45 -0.93
N PRO A 1305 15.32 37.72 -1.94
CA PRO A 1305 16.57 38.46 -1.70
C PRO A 1305 16.38 39.88 -1.20
N LEU A 1306 15.49 40.64 -1.82
CA LEU A 1306 15.27 42.03 -1.47
C LEU A 1306 14.09 42.21 -0.52
N GLN A 1307 13.75 41.18 0.26
CA GLN A 1307 12.60 41.25 1.14
C GLN A 1307 12.90 40.72 2.53
N ASP A 1308 13.77 39.71 2.63
CA ASP A 1308 14.02 39.04 3.89
C ASP A 1308 15.52 38.90 4.14
N ASP A 1309 15.91 39.03 5.41
CA ASP A 1309 17.31 38.83 5.78
C ASP A 1309 17.73 37.37 5.69
N GLU A 1310 16.78 36.45 5.63
CA GLU A 1310 17.10 35.03 5.61
C GLU A 1310 15.93 34.27 5.01
N GLY A 1311 16.16 32.99 4.75
CA GLY A 1311 15.10 32.08 4.33
C GLY A 1311 15.02 30.93 5.30
N ARG A 1312 13.80 30.49 5.58
CA ARG A 1312 13.56 29.38 6.50
C ARG A 1312 12.69 28.33 5.82
N CYS A 1313 12.94 27.07 6.17
CA CYS A 1313 12.13 25.97 5.63
C CYS A 1313 12.18 24.79 6.57
N VAL A 1314 11.01 24.28 6.94
CA VAL A 1314 10.88 23.12 7.81
C VAL A 1314 10.44 21.94 6.96
N ILE A 1315 11.18 20.84 7.06
CA ILE A 1315 10.88 19.61 6.32
C ILE A 1315 10.37 18.58 7.32
N MET A 1316 9.08 18.30 7.27
CA MET A 1316 8.48 17.26 8.09
C MET A 1316 8.51 15.95 7.31
N CYS A 1317 9.21 14.96 7.85
CA CYS A 1317 9.43 13.69 7.18
C CYS A 1317 9.18 12.54 8.13
N GLN A 1318 9.17 11.34 7.58
CA GLN A 1318 9.21 10.15 8.42
C GLN A 1318 10.57 10.05 9.09
N GLY A 1319 10.58 9.48 10.30
CA GLY A 1319 11.83 9.38 11.04
C GLY A 1319 12.92 8.66 10.27
N SER A 1320 12.55 7.68 9.45
CA SER A 1320 13.55 6.90 8.73
C SER A 1320 14.22 7.72 7.63
N LYS A 1321 13.50 8.67 7.03
CA LYS A 1321 14.03 9.48 5.96
C LYS A 1321 14.77 10.72 6.46
N LYS A 1322 14.93 10.87 7.76
CA LYS A 1322 15.51 12.10 8.31
C LYS A 1322 16.99 12.21 7.96
N ASP A 1323 17.78 11.18 8.28
CA ASP A 1323 19.22 11.26 8.04
C ASP A 1323 19.54 11.35 6.56
N PHE A 1324 18.66 10.83 5.70
CA PHE A 1324 18.86 10.95 4.26
C PHE A 1324 18.83 12.42 3.84
N PHE A 1325 17.81 13.16 4.27
CA PHE A 1325 17.71 14.57 3.90
C PHE A 1325 18.83 15.39 4.51
N LYS A 1326 19.34 14.99 5.68
CA LYS A 1326 20.47 15.70 6.27
C LYS A 1326 21.73 15.54 5.42
N LYS A 1327 21.89 14.39 4.76
CA LYS A 1327 23.11 14.13 4.00
C LYS A 1327 23.07 14.70 2.59
N PHE A 1328 21.87 14.97 2.06
CA PHE A 1328 21.74 15.42 0.68
C PHE A 1328 21.11 16.80 0.55
N LEU A 1329 20.95 17.52 1.65
CA LEU A 1329 20.56 18.93 1.63
C LEU A 1329 21.60 19.85 2.23
N TYR A 1330 22.35 19.39 3.24
CA TYR A 1330 23.44 20.18 3.80
C TYR A 1330 24.72 20.05 2.98
N GLU A 1331 24.92 18.92 2.31
CA GLU A 1331 26.07 18.65 1.47
C GLU A 1331 25.68 18.73 0.00
N PRO A 1332 26.64 18.99 -0.89
CA PRO A 1332 26.33 19.01 -2.32
C PRO A 1332 25.86 17.66 -2.82
N LEU A 1333 25.19 17.68 -3.97
CA LEU A 1333 24.50 16.49 -4.48
C LEU A 1333 25.38 15.73 -5.45
N PRO A 1334 25.60 14.43 -5.24
CA PRO A 1334 26.27 13.62 -6.26
C PRO A 1334 25.27 13.14 -7.30
N VAL A 1335 25.69 13.17 -8.56
CA VAL A 1335 24.82 12.78 -9.67
C VAL A 1335 25.53 11.72 -10.50
N GLU A 1336 24.73 10.83 -11.08
CA GLU A 1336 25.22 9.74 -11.90
C GLU A 1336 24.45 9.73 -13.22
N SER A 1337 24.92 8.89 -14.14
CA SER A 1337 24.25 8.71 -15.42
C SER A 1337 23.45 7.41 -15.39
N HIS A 1338 22.29 7.43 -16.07
CA HIS A 1338 21.52 6.22 -16.30
C HIS A 1338 21.29 6.01 -17.79
N LEU A 1339 22.17 6.56 -18.63
CA LEU A 1339 22.08 6.39 -20.07
C LEU A 1339 22.22 4.93 -20.48
N ASP A 1340 22.95 4.13 -19.67
CA ASP A 1340 23.10 2.72 -19.96
C ASP A 1340 21.79 1.95 -19.91
N HIS A 1341 20.73 2.55 -19.36
CA HIS A 1341 19.40 1.95 -19.37
C HIS A 1341 18.48 2.51 -20.44
N CYS A 1342 18.91 3.55 -21.16
CA CYS A 1342 18.12 4.20 -22.20
C CYS A 1342 18.94 4.37 -23.47
N MET A 1343 19.68 3.33 -23.86
CA MET A 1343 20.65 3.44 -24.93
C MET A 1343 20.07 3.22 -26.33
N HIS A 1344 18.98 2.47 -26.43
CA HIS A 1344 18.52 1.99 -27.74
C HIS A 1344 18.12 3.13 -28.66
N ASP A 1345 17.17 3.97 -28.21
CA ASP A 1345 16.62 4.99 -29.10
C ASP A 1345 17.67 5.97 -29.59
N HIS A 1346 18.73 6.19 -28.80
CA HIS A 1346 19.77 7.12 -29.23
C HIS A 1346 20.76 6.46 -30.18
N PHE A 1347 21.15 5.21 -29.89
CA PHE A 1347 22.00 4.47 -30.82
C PHE A 1347 21.36 4.37 -32.18
N ASN A 1348 20.05 4.12 -32.23
CA ASN A 1348 19.35 4.02 -33.51
C ASN A 1348 19.42 5.33 -34.28
N ALA A 1349 19.28 6.46 -33.58
CA ALA A 1349 19.35 7.76 -34.25
C ALA A 1349 20.73 7.99 -34.84
N GLU A 1350 21.78 7.50 -34.20
CA GLU A 1350 23.12 7.68 -34.74
C GLU A 1350 23.40 6.72 -35.89
N ILE A 1351 22.79 5.55 -35.89
CA ILE A 1351 22.87 4.66 -37.06
C ILE A 1351 22.21 5.30 -38.25
N VAL A 1352 21.07 5.97 -38.04
CA VAL A 1352 20.35 6.61 -39.14
C VAL A 1352 21.18 7.74 -39.72
N THR A 1353 21.70 8.61 -38.87
CA THR A 1353 22.48 9.76 -39.31
C THR A 1353 23.94 9.42 -39.62
N LYS A 1354 24.30 8.14 -39.58
CA LYS A 1354 25.63 7.65 -39.97
C LYS A 1354 26.75 8.21 -39.10
N THR A 1355 26.43 8.63 -37.87
CA THR A 1355 27.48 8.94 -36.91
C THR A 1355 28.09 7.68 -36.33
N ILE A 1356 27.32 6.59 -36.28
CA ILE A 1356 27.80 5.27 -35.88
C ILE A 1356 27.58 4.33 -37.04
N GLU A 1357 28.66 3.80 -37.62
CA GLU A 1357 28.58 2.90 -38.75
C GLU A 1357 29.08 1.50 -38.43
N ASN A 1358 29.80 1.32 -37.33
CA ASN A 1358 30.24 0.00 -36.89
C ASN A 1358 30.25 -0.01 -35.37
N LYS A 1359 30.59 -1.17 -34.81
CA LYS A 1359 30.59 -1.32 -33.36
C LYS A 1359 31.69 -0.50 -32.70
N GLN A 1360 32.81 -0.27 -33.41
CA GLN A 1360 33.86 0.58 -32.86
C GLN A 1360 33.39 2.02 -32.73
N ASP A 1361 32.54 2.48 -33.67
CA ASP A 1361 31.99 3.83 -33.56
C ASP A 1361 31.08 3.95 -32.34
N ALA A 1362 30.33 2.89 -32.03
CA ALA A 1362 29.44 2.93 -30.88
C ALA A 1362 30.22 3.12 -29.58
N VAL A 1363 31.39 2.48 -29.47
CA VAL A 1363 32.23 2.68 -28.30
C VAL A 1363 32.81 4.09 -28.30
N ASP A 1364 33.19 4.60 -29.47
CA ASP A 1364 33.71 5.97 -29.55
C ASP A 1364 32.64 6.98 -29.16
N TYR A 1365 31.40 6.76 -29.59
CA TYR A 1365 30.32 7.67 -29.24
C TYR A 1365 30.08 7.71 -27.74
N LEU A 1366 30.31 6.60 -27.04
CA LEU A 1366 30.06 6.56 -25.60
C LEU A 1366 31.13 7.32 -24.83
N THR A 1367 32.32 7.47 -25.40
CA THR A 1367 33.39 8.20 -24.71
C THR A 1367 33.08 9.69 -24.58
N TRP A 1368 32.08 10.19 -25.29
CA TRP A 1368 31.65 11.58 -25.19
C TRP A 1368 30.64 11.81 -24.08
N THR A 1369 30.21 10.76 -23.40
CA THR A 1369 29.10 10.85 -22.45
C THR A 1369 29.59 11.17 -21.04
N PHE A 1370 28.66 11.63 -20.21
CA PHE A 1370 28.90 11.71 -18.78
C PHE A 1370 28.95 10.33 -18.15
N LEU A 1371 28.33 9.33 -18.78
CA LEU A 1371 28.39 7.96 -18.30
C LEU A 1371 29.81 7.42 -18.33
N TYR A 1372 30.56 7.77 -19.39
CA TYR A 1372 31.93 7.26 -19.53
C TYR A 1372 32.84 7.81 -18.45
N ARG A 1373 32.65 9.08 -18.06
CA ARG A 1373 33.48 9.66 -17.01
C ARG A 1373 33.15 9.11 -15.63
N ARG A 1374 31.86 8.80 -15.38
CA ARG A 1374 31.45 8.39 -14.04
C ARG A 1374 31.81 6.95 -13.74
N MET A 1375 31.95 6.09 -14.76
CA MET A 1375 32.18 4.67 -14.49
C MET A 1375 33.62 4.35 -14.14
N THR A 1376 34.50 5.36 -14.01
CA THR A 1376 35.79 5.17 -13.37
C THR A 1376 35.89 5.86 -12.03
N GLN A 1377 35.01 6.83 -11.75
CA GLN A 1377 34.97 7.45 -10.43
C GLN A 1377 34.08 6.65 -9.47
N ASN A 1378 33.12 5.90 -10.00
CA ASN A 1378 32.22 5.09 -9.18
C ASN A 1378 31.88 3.82 -9.95
N PRO A 1379 32.80 2.87 -10.00
CA PRO A 1379 32.59 1.71 -10.88
C PRO A 1379 31.47 0.79 -10.43
N ASN A 1380 31.33 0.56 -9.12
CA ASN A 1380 30.31 -0.37 -8.64
C ASN A 1380 28.91 0.10 -8.99
N TYR A 1381 28.70 1.43 -9.06
CA TYR A 1381 27.38 1.96 -9.40
C TYR A 1381 26.91 1.47 -10.77
N TYR A 1382 27.85 1.25 -11.69
CA TYR A 1382 27.53 0.77 -13.03
C TYR A 1382 27.91 -0.70 -13.21
N ASN A 1383 28.11 -1.42 -12.10
CA ASN A 1383 28.46 -2.84 -12.11
C ASN A 1383 29.80 -3.08 -12.79
N LEU A 1384 30.75 -2.18 -12.56
CA LEU A 1384 32.14 -2.44 -12.88
C LEU A 1384 32.85 -2.93 -11.62
N GLN A 1385 33.80 -3.85 -11.80
CA GLN A 1385 34.61 -4.35 -10.70
C GLN A 1385 36.04 -3.86 -10.75
N GLY A 1386 36.38 -3.00 -11.70
CA GLY A 1386 37.72 -2.44 -11.82
C GLY A 1386 37.76 -1.30 -12.81
N ILE A 1387 38.62 -0.32 -12.59
CA ILE A 1387 38.71 0.84 -13.47
C ILE A 1387 39.80 0.60 -14.52
N SER A 1388 40.12 -0.68 -14.76
CA SER A 1388 41.05 -1.04 -15.82
C SER A 1388 40.62 -0.47 -17.16
N HIS A 1389 41.56 -0.34 -18.10
CA HIS A 1389 41.17 0.06 -19.45
C HIS A 1389 40.45 -1.07 -20.16
N ARG A 1390 40.85 -2.32 -19.90
CA ARG A 1390 40.16 -3.46 -20.47
C ARG A 1390 38.81 -3.69 -19.78
N HIS A 1391 38.73 -3.46 -18.47
CA HIS A 1391 37.43 -3.54 -17.81
C HIS A 1391 36.47 -2.47 -18.33
N LEU A 1392 37.00 -1.38 -18.90
CA LEU A 1392 36.14 -0.37 -19.50
C LEU A 1392 35.67 -0.79 -20.89
N SER A 1393 36.56 -1.36 -21.70
CA SER A 1393 36.19 -1.79 -23.03
C SER A 1393 35.19 -2.95 -22.98
N ASP A 1394 35.50 -3.98 -22.20
CA ASP A 1394 34.59 -5.12 -22.06
C ASP A 1394 33.23 -4.66 -21.55
N HIS A 1395 33.21 -3.68 -20.65
CA HIS A 1395 31.93 -3.13 -20.19
C HIS A 1395 31.25 -2.33 -21.29
N LEU A 1396 32.02 -1.52 -22.03
CA LEU A 1396 31.43 -0.74 -23.11
C LEU A 1396 31.07 -1.62 -24.29
N SER A 1397 31.90 -2.62 -24.61
CA SER A 1397 31.59 -3.50 -25.73
C SER A 1397 30.35 -4.35 -25.44
N GLU A 1398 30.19 -4.80 -24.19
CA GLU A 1398 29.01 -5.59 -23.84
C GLU A 1398 27.75 -4.74 -23.93
N LEU A 1399 27.81 -3.49 -23.47
CA LEU A 1399 26.69 -2.57 -23.66
C LEU A 1399 26.43 -2.35 -25.15
N VAL A 1400 27.49 -2.22 -25.94
CA VAL A 1400 27.34 -2.01 -27.38
C VAL A 1400 26.77 -3.26 -28.04
N GLU A 1401 27.22 -4.44 -27.63
CA GLU A 1401 26.80 -5.67 -28.29
C GLU A 1401 25.31 -5.92 -28.10
N GLN A 1402 24.81 -5.75 -26.88
CA GLN A 1402 23.40 -6.01 -26.62
C GLN A 1402 22.50 -4.94 -27.23
N THR A 1403 22.92 -3.67 -27.14
CA THR A 1403 22.08 -2.59 -27.66
C THR A 1403 21.86 -2.73 -29.16
N LEU A 1404 22.92 -3.09 -29.90
CA LEU A 1404 22.77 -3.29 -31.33
C LEU A 1404 22.07 -4.61 -31.64
N SER A 1405 22.22 -5.61 -30.77
CA SER A 1405 21.55 -6.89 -30.99
C SER A 1405 20.03 -6.74 -30.81
N ASP A 1406 19.61 -5.91 -29.87
CA ASP A 1406 18.18 -5.65 -29.70
C ASP A 1406 17.61 -4.91 -30.91
N LEU A 1407 18.36 -3.94 -31.44
CA LEU A 1407 17.84 -3.13 -32.53
C LEU A 1407 17.68 -3.95 -33.81
N GLU A 1408 18.63 -4.84 -34.09
CA GLU A 1408 18.53 -5.63 -35.32
C GLU A 1408 17.46 -6.70 -35.22
N GLN A 1409 17.19 -7.21 -34.01
CA GLN A 1409 16.07 -8.14 -33.85
C GLN A 1409 14.74 -7.43 -34.10
N SER A 1410 14.65 -6.16 -33.73
CA SER A 1410 13.46 -5.36 -34.01
C SER A 1410 13.41 -4.87 -35.46
N LYS A 1411 14.37 -5.30 -36.30
CA LYS A 1411 14.45 -4.89 -37.70
C LYS A 1411 14.61 -3.37 -37.84
N CYS A 1412 15.29 -2.74 -36.88
CA CYS A 1412 15.61 -1.32 -36.98
C CYS A 1412 16.93 -1.08 -37.68
N ILE A 1413 17.92 -1.93 -37.41
CA ILE A 1413 19.24 -1.83 -38.02
C ILE A 1413 19.60 -3.18 -38.63
N SER A 1414 20.63 -3.17 -39.46
CA SER A 1414 21.20 -4.38 -40.03
C SER A 1414 22.66 -4.48 -39.63
N ILE A 1415 23.07 -5.69 -39.25
CA ILE A 1415 24.46 -5.95 -38.85
C ILE A 1415 25.07 -6.91 -39.85
N GLU A 1416 26.25 -6.57 -40.36
CA GLU A 1416 26.94 -7.37 -41.36
C GLU A 1416 28.33 -7.73 -40.84
N ASP A 1417 28.62 -9.03 -40.82
CA ASP A 1417 29.93 -9.56 -40.43
C ASP A 1417 30.30 -9.13 -39.00
N GLU A 1418 29.33 -9.21 -38.09
CA GLU A 1418 29.51 -8.97 -36.66
C GLU A 1418 30.07 -7.60 -36.34
N MET A 1419 30.18 -6.71 -37.32
CA MET A 1419 30.91 -5.46 -37.13
C MET A 1419 30.15 -4.25 -37.66
N ASP A 1420 29.78 -4.28 -38.94
CA ASP A 1420 29.18 -3.12 -39.58
C ASP A 1420 27.67 -3.07 -39.32
N VAL A 1421 27.17 -1.87 -39.05
CA VAL A 1421 25.76 -1.63 -38.80
C VAL A 1421 25.24 -0.59 -39.78
N ALA A 1422 23.99 -0.77 -40.22
CA ALA A 1422 23.37 0.12 -41.18
C ALA A 1422 21.88 0.23 -40.87
N PRO A 1423 21.27 1.39 -41.07
CA PRO A 1423 19.87 1.57 -40.68
C PRO A 1423 18.90 0.96 -41.68
N LEU A 1424 17.81 0.41 -41.16
CA LEU A 1424 16.70 -0.07 -41.98
C LEU A 1424 15.61 1.00 -42.03
N ASN A 1425 14.52 0.68 -42.71
CA ASN A 1425 13.45 1.66 -42.88
C ASN A 1425 12.73 1.95 -41.57
N LEU A 1426 12.52 0.92 -40.75
CA LEU A 1426 11.86 1.12 -39.46
C LEU A 1426 12.67 2.07 -38.58
N GLY A 1427 13.98 1.85 -38.51
CA GLY A 1427 14.82 2.72 -37.70
C GLY A 1427 14.84 4.14 -38.21
N MET A 1428 14.75 4.33 -39.52
CA MET A 1428 14.72 5.69 -40.08
C MET A 1428 13.43 6.40 -39.71
N ILE A 1429 12.31 5.67 -39.63
CA ILE A 1429 11.05 6.28 -39.22
C ILE A 1429 11.07 6.61 -37.73
N ALA A 1430 11.59 5.70 -36.91
CA ALA A 1430 11.63 5.93 -35.47
C ALA A 1430 12.53 7.11 -35.12
N ALA A 1431 13.63 7.28 -35.83
CA ALA A 1431 14.53 8.40 -35.57
C ALA A 1431 13.94 9.71 -36.05
N TYR A 1432 13.21 9.67 -37.16
CA TYR A 1432 12.70 10.92 -37.74
C TYR A 1432 11.61 11.54 -36.87
N TYR A 1433 10.76 10.72 -36.27
CA TYR A 1433 9.61 11.20 -35.52
C TYR A 1433 9.77 11.08 -34.01
N TYR A 1434 10.95 10.65 -33.54
CA TYR A 1434 11.24 10.55 -32.11
C TYR A 1434 10.30 9.56 -31.43
N ILE A 1435 10.34 8.31 -31.91
CA ILE A 1435 9.48 7.25 -31.42
C ILE A 1435 10.34 6.11 -30.90
N ASN A 1436 9.86 5.46 -29.83
CA ASN A 1436 10.57 4.32 -29.26
C ASN A 1436 10.64 3.18 -30.27
N TYR A 1437 11.80 2.51 -30.31
CA TYR A 1437 11.97 1.41 -31.26
C TYR A 1437 11.03 0.25 -30.96
N THR A 1438 10.62 0.11 -29.69
CA THR A 1438 9.64 -0.92 -29.35
C THR A 1438 8.27 -0.58 -29.93
N THR A 1439 7.93 0.72 -29.97
CA THR A 1439 6.65 1.13 -30.52
C THR A 1439 6.58 0.86 -32.02
N ILE A 1440 7.57 1.36 -32.77
CA ILE A 1440 7.55 1.20 -34.23
C ILE A 1440 7.70 -0.26 -34.64
N GLU A 1441 8.26 -1.11 -33.77
CA GLU A 1441 8.35 -2.53 -34.08
C GLU A 1441 6.97 -3.18 -34.05
N LEU A 1442 6.18 -2.88 -33.00
CA LEU A 1442 4.83 -3.44 -32.90
C LEU A 1442 3.92 -2.88 -33.99
N PHE A 1443 4.24 -1.69 -34.52
CA PHE A 1443 3.42 -1.11 -35.58
C PHE A 1443 3.50 -1.96 -36.85
N SER A 1444 4.69 -2.47 -37.16
CA SER A 1444 4.85 -3.26 -38.38
C SER A 1444 4.15 -4.61 -38.28
N MET A 1445 4.11 -5.19 -37.08
CA MET A 1445 3.39 -6.45 -36.91
C MET A 1445 1.89 -6.26 -37.10
N SER A 1446 1.34 -5.19 -36.55
CA SER A 1446 -0.11 -5.00 -36.55
C SER A 1446 -0.61 -4.51 -37.91
N LEU A 1447 0.03 -3.49 -38.47
CA LEU A 1447 -0.43 -2.91 -39.73
C LEU A 1447 -0.31 -3.92 -40.87
N ASN A 1448 -1.20 -3.78 -41.84
CA ASN A 1448 -1.19 -4.64 -43.02
C ASN A 1448 -1.86 -3.88 -44.16
N ALA A 1449 -2.19 -4.60 -45.25
CA ALA A 1449 -2.67 -3.97 -46.46
C ALA A 1449 -4.11 -3.50 -46.38
N LYS A 1450 -4.88 -3.99 -45.40
CA LYS A 1450 -6.29 -3.60 -45.25
C LYS A 1450 -6.54 -3.16 -43.81
N THR A 1451 -6.05 -1.96 -43.49
CA THR A 1451 -6.30 -1.31 -42.21
C THR A 1451 -6.90 0.06 -42.48
N LYS A 1452 -8.07 0.34 -41.91
CA LYS A 1452 -8.54 1.71 -41.95
C LYS A 1452 -8.81 2.19 -40.53
N VAL A 1453 -9.57 3.27 -40.38
CA VAL A 1453 -9.47 4.15 -39.23
C VAL A 1453 -9.61 3.41 -37.90
N ARG A 1454 -10.42 2.34 -37.85
CA ARG A 1454 -10.67 1.67 -36.58
C ARG A 1454 -9.50 0.82 -36.11
N GLY A 1455 -8.58 0.48 -37.01
CA GLY A 1455 -7.39 -0.28 -36.64
C GLY A 1455 -6.22 0.64 -36.34
N LEU A 1456 -6.15 1.75 -37.06
CA LEU A 1456 -5.14 2.77 -36.77
C LEU A 1456 -5.32 3.31 -35.37
N ILE A 1457 -6.55 3.69 -35.02
CA ILE A 1457 -6.83 4.17 -33.67
C ILE A 1457 -6.51 3.09 -32.63
N GLU A 1458 -6.64 1.82 -33.01
CA GLU A 1458 -6.44 0.74 -32.06
C GLU A 1458 -4.97 0.58 -31.69
N ILE A 1459 -4.12 0.39 -32.69
CA ILE A 1459 -2.72 0.08 -32.42
C ILE A 1459 -1.89 1.31 -32.07
N ILE A 1460 -2.32 2.51 -32.49
CA ILE A 1460 -1.66 3.73 -32.05
C ILE A 1460 -1.84 3.91 -30.55
N SER A 1461 -2.98 3.47 -30.02
CA SER A 1461 -3.25 3.63 -28.59
C SER A 1461 -2.24 2.86 -27.74
N ASN A 1462 -2.12 1.55 -27.99
CA ASN A 1462 -1.18 0.73 -27.23
C ASN A 1462 0.21 0.93 -27.80
N ALA A 1463 0.81 2.07 -27.46
CA ALA A 1463 2.19 2.38 -27.78
C ALA A 1463 2.92 2.72 -26.50
N ALA A 1464 4.24 2.53 -26.51
CA ALA A 1464 5.04 2.76 -25.32
C ALA A 1464 5.05 4.23 -24.89
N GLU A 1465 4.71 5.15 -25.80
CA GLU A 1465 4.77 6.57 -25.47
C GLU A 1465 3.71 6.98 -24.47
N TYR A 1466 2.54 6.34 -24.48
CA TYR A 1466 1.41 6.71 -23.63
C TYR A 1466 1.36 5.92 -22.33
N GLU A 1467 2.26 4.97 -22.12
CA GLU A 1467 1.99 3.87 -21.19
C GLU A 1467 1.90 4.36 -19.74
N ASN A 1468 2.88 5.13 -19.29
CA ASN A 1468 3.06 5.37 -17.86
C ASN A 1468 2.49 6.72 -17.40
N ILE A 1469 1.21 6.94 -17.69
CA ILE A 1469 0.43 8.03 -17.07
C ILE A 1469 -0.88 7.39 -16.59
N PRO A 1470 -1.31 7.63 -15.35
CA PRO A 1470 -2.02 6.59 -14.57
C PRO A 1470 -3.36 6.14 -15.14
N ILE A 1471 -3.83 5.04 -14.54
CA ILE A 1471 -5.15 4.47 -14.77
C ILE A 1471 -5.90 4.52 -13.44
N ARG A 1472 -6.92 5.37 -13.37
CA ARG A 1472 -7.75 5.49 -12.19
C ARG A 1472 -9.08 4.79 -12.44
N HIS A 1473 -9.52 3.99 -11.48
CA HIS A 1473 -10.73 3.18 -11.64
C HIS A 1473 -11.92 3.75 -10.88
N HIS A 1474 -11.86 5.04 -10.51
CA HIS A 1474 -13.10 5.76 -10.25
C HIS A 1474 -13.87 6.02 -11.53
N GLU A 1475 -13.40 5.51 -12.66
CA GLU A 1475 -14.01 5.71 -13.97
C GLU A 1475 -13.92 4.42 -14.78
N ASP A 1476 -14.15 3.30 -14.11
CA ASP A 1476 -14.18 2.03 -14.81
C ASP A 1476 -15.43 1.87 -15.68
N ASN A 1477 -16.50 2.60 -15.38
CA ASN A 1477 -17.81 2.44 -16.00
C ASN A 1477 -18.09 3.47 -17.08
N LEU A 1478 -17.71 4.74 -16.86
CA LEU A 1478 -17.78 5.74 -17.94
C LEU A 1478 -17.07 5.23 -19.18
N LEU A 1479 -15.84 4.72 -19.01
CA LEU A 1479 -15.13 4.14 -20.14
C LEU A 1479 -15.79 2.87 -20.64
N ARG A 1480 -16.39 2.08 -19.74
CA ARG A 1480 -17.22 0.96 -20.18
C ARG A 1480 -18.46 1.46 -20.92
N GLN A 1481 -19.03 2.57 -20.45
CA GLN A 1481 -20.19 3.17 -21.11
C GLN A 1481 -19.80 4.18 -22.19
N LEU A 1482 -18.52 4.55 -22.30
CA LEU A 1482 -18.07 5.30 -23.47
C LEU A 1482 -17.73 4.35 -24.61
N ALA A 1483 -17.10 3.21 -24.30
CA ALA A 1483 -17.10 2.11 -25.26
C ALA A 1483 -18.50 1.91 -25.81
N GLN A 1484 -19.50 2.09 -24.95
CA GLN A 1484 -20.87 2.33 -25.37
C GLN A 1484 -21.12 3.81 -25.66
N LYS A 1485 -20.22 4.46 -26.40
CA LYS A 1485 -20.52 5.76 -26.97
C LYS A 1485 -19.65 6.04 -28.20
N VAL A 1486 -18.93 5.03 -28.70
CA VAL A 1486 -18.00 5.20 -29.81
C VAL A 1486 -18.60 4.70 -31.13
N PRO A 1487 -18.14 5.23 -32.27
CA PRO A 1487 -18.60 4.65 -33.55
C PRO A 1487 -18.01 3.28 -33.85
N HIS A 1488 -16.72 3.07 -33.57
CA HIS A 1488 -16.06 1.81 -33.86
C HIS A 1488 -15.93 0.97 -32.60
N LYS A 1489 -16.45 -0.24 -32.64
CA LYS A 1489 -16.48 -1.10 -31.47
C LYS A 1489 -15.08 -1.66 -31.17
N LEU A 1490 -14.96 -2.24 -29.99
CA LEU A 1490 -13.76 -2.95 -29.57
C LEU A 1490 -14.06 -4.44 -29.48
N ASN A 1491 -13.03 -5.26 -29.64
CA ASN A 1491 -13.16 -6.71 -29.61
C ASN A 1491 -12.63 -7.22 -28.28
N ASN A 1492 -13.52 -7.86 -27.50
CA ASN A 1492 -13.25 -8.34 -26.15
C ASN A 1492 -12.43 -7.31 -25.34
N PRO A 1493 -12.89 -6.07 -25.25
CA PRO A 1493 -12.13 -5.08 -24.48
C PRO A 1493 -12.32 -5.28 -23.00
N LYS A 1494 -11.20 -5.26 -22.28
CA LYS A 1494 -11.19 -5.26 -20.83
C LYS A 1494 -10.52 -3.98 -20.37
N PHE A 1495 -11.15 -3.30 -19.43
CA PHE A 1495 -10.88 -1.88 -19.19
C PHE A 1495 -9.96 -1.69 -17.99
N ASN A 1496 -8.81 -2.36 -18.12
CA ASN A 1496 -7.75 -2.44 -17.12
C ASN A 1496 -6.43 -1.91 -17.64
N ASP A 1497 -6.38 -1.47 -18.90
CA ASP A 1497 -5.16 -1.15 -19.60
C ASP A 1497 -5.05 0.35 -19.80
N PRO A 1498 -3.92 0.97 -19.45
CA PRO A 1498 -3.73 2.40 -19.74
C PRO A 1498 -3.69 2.68 -21.23
N HIS A 1499 -3.72 1.63 -22.05
CA HIS A 1499 -3.70 1.74 -23.51
C HIS A 1499 -5.11 1.78 -24.09
N VAL A 1500 -5.96 0.83 -23.71
CA VAL A 1500 -7.37 0.92 -24.07
C VAL A 1500 -8.01 2.15 -23.44
N LYS A 1501 -7.42 2.65 -22.36
CA LYS A 1501 -7.87 3.92 -21.78
C LYS A 1501 -7.73 5.05 -22.78
N THR A 1502 -6.58 5.14 -23.45
CA THR A 1502 -6.38 6.19 -24.44
C THR A 1502 -7.17 5.94 -25.71
N ASN A 1503 -7.34 4.67 -26.10
CA ASN A 1503 -8.05 4.34 -27.33
C ASN A 1503 -9.44 4.97 -27.36
N LEU A 1504 -10.13 4.96 -26.22
CA LEU A 1504 -11.46 5.56 -26.15
C LEU A 1504 -11.41 7.05 -25.89
N LEU A 1505 -10.36 7.52 -25.20
CA LEU A 1505 -10.15 8.96 -25.08
C LEU A 1505 -9.84 9.60 -26.43
N LEU A 1506 -9.21 8.85 -27.33
CA LEU A 1506 -9.03 9.33 -28.70
C LEU A 1506 -10.35 9.36 -29.45
N GLN A 1507 -11.14 8.30 -29.32
CA GLN A 1507 -12.47 8.28 -29.93
C GLN A 1507 -13.37 9.35 -29.33
N ALA A 1508 -13.16 9.68 -28.06
CA ALA A 1508 -13.97 10.72 -27.43
C ALA A 1508 -13.63 12.10 -27.96
N HIS A 1509 -12.33 12.38 -28.14
CA HIS A 1509 -11.92 13.68 -28.67
C HIS A 1509 -12.44 13.89 -30.08
N LEU A 1510 -12.45 12.83 -30.89
CA LEU A 1510 -13.03 12.93 -32.24
C LEU A 1510 -14.54 13.11 -32.18
N SER A 1511 -15.18 12.58 -31.13
CA SER A 1511 -16.61 12.73 -30.94
C SER A 1511 -16.99 14.05 -30.26
N ARG A 1512 -16.00 14.85 -29.86
CA ARG A 1512 -16.22 16.12 -29.18
C ARG A 1512 -17.03 15.91 -27.90
N MET A 1513 -16.59 14.97 -27.07
CA MET A 1513 -17.24 14.65 -25.81
C MET A 1513 -16.46 15.27 -24.68
N GLN A 1514 -17.08 16.21 -23.97
CA GLN A 1514 -16.51 16.74 -22.74
C GLN A 1514 -16.72 15.72 -21.62
N LEU A 1515 -15.62 15.21 -21.07
CA LEU A 1515 -15.70 14.09 -20.15
C LEU A 1515 -15.59 14.52 -18.70
N SER A 1516 -14.43 15.05 -18.30
CA SER A 1516 -14.27 15.57 -16.95
C SER A 1516 -13.25 16.71 -16.99
N ALA A 1517 -12.97 17.26 -15.82
CA ALA A 1517 -12.12 18.45 -15.70
C ALA A 1517 -10.71 18.16 -16.24
N GLU A 1518 -9.93 17.36 -15.52
CA GLU A 1518 -8.54 17.13 -15.88
C GLU A 1518 -8.30 15.77 -16.54
N LEU A 1519 -9.36 15.03 -16.84
CA LEU A 1519 -9.26 14.02 -17.89
C LEU A 1519 -8.93 14.68 -19.23
N GLN A 1520 -9.43 15.90 -19.44
CA GLN A 1520 -9.16 16.60 -20.69
C GLN A 1520 -7.69 16.97 -20.81
N SER A 1521 -7.09 17.48 -19.72
CA SER A 1521 -5.66 17.77 -19.74
C SER A 1521 -4.83 16.50 -19.91
N ASP A 1522 -5.41 15.33 -19.61
CA ASP A 1522 -4.71 14.07 -19.90
C ASP A 1522 -4.68 13.80 -21.40
N THR A 1523 -5.79 14.07 -22.10
CA THR A 1523 -5.81 13.90 -23.54
C THR A 1523 -5.00 14.97 -24.26
N GLU A 1524 -4.77 16.13 -23.62
CA GLU A 1524 -3.81 17.07 -24.16
C GLU A 1524 -2.42 16.44 -24.26
N GLU A 1525 -2.12 15.49 -23.39
CA GLU A 1525 -0.84 14.80 -23.47
C GLU A 1525 -0.88 13.67 -24.48
N ILE A 1526 -2.07 13.09 -24.71
CA ILE A 1526 -2.21 12.09 -25.75
C ILE A 1526 -2.18 12.75 -27.13
N LEU A 1527 -2.76 13.94 -27.26
CA LEU A 1527 -2.76 14.62 -28.55
C LEU A 1527 -1.37 15.14 -28.91
N SER A 1528 -0.55 15.45 -27.91
CA SER A 1528 0.79 15.97 -28.19
C SER A 1528 1.71 14.95 -28.84
N LYS A 1529 1.33 13.67 -28.81
CA LYS A 1529 2.12 12.62 -29.43
C LYS A 1529 1.36 11.87 -30.52
N ALA A 1530 0.09 12.17 -30.73
CA ALA A 1530 -0.72 11.39 -31.66
C ALA A 1530 -0.31 11.64 -33.11
N ILE A 1531 -0.06 12.90 -33.47
CA ILE A 1531 0.28 13.23 -34.86
C ILE A 1531 1.58 12.54 -35.27
N ARG A 1532 2.58 12.53 -34.38
CA ARG A 1532 3.85 11.90 -34.71
C ARG A 1532 3.71 10.39 -34.89
N LEU A 1533 2.77 9.77 -34.19
CA LEU A 1533 2.54 8.34 -34.36
C LEU A 1533 1.71 8.03 -35.60
N ILE A 1534 0.79 8.93 -35.95
CA ILE A 1534 -0.01 8.73 -37.17
C ILE A 1534 0.89 8.81 -38.40
N GLN A 1535 1.79 9.79 -38.44
CA GLN A 1535 2.71 9.92 -39.57
C GLN A 1535 3.64 8.73 -39.67
N ALA A 1536 3.92 8.06 -38.55
CA ALA A 1536 4.82 6.91 -38.57
C ALA A 1536 4.21 5.75 -39.35
N CYS A 1537 2.93 5.46 -39.11
CA CYS A 1537 2.25 4.40 -39.84
C CYS A 1537 2.05 4.80 -41.31
N VAL A 1538 1.79 6.08 -41.56
CA VAL A 1538 1.74 6.59 -42.92
C VAL A 1538 3.03 6.24 -43.65
N ASP A 1539 4.16 6.31 -42.95
CA ASP A 1539 5.42 5.89 -43.53
C ASP A 1539 5.49 4.38 -43.69
N VAL A 1540 4.98 3.64 -42.69
CA VAL A 1540 5.04 2.19 -42.74
C VAL A 1540 4.16 1.65 -43.85
N LEU A 1541 2.93 2.16 -43.96
CA LEU A 1541 1.99 1.65 -44.96
C LEU A 1541 2.46 1.98 -46.37
N SER A 1542 2.97 3.19 -46.59
CA SER A 1542 3.41 3.58 -47.93
C SER A 1542 4.66 2.82 -48.36
N SER A 1543 5.58 2.58 -47.42
CA SER A 1543 6.80 1.85 -47.75
C SER A 1543 6.50 0.45 -48.25
N ASN A 1544 5.44 -0.17 -47.74
CA ASN A 1544 5.04 -1.50 -48.17
C ASN A 1544 4.20 -1.49 -49.45
N GLY A 1545 3.86 -0.31 -49.97
CA GLY A 1545 3.09 -0.23 -51.19
C GLY A 1545 1.60 -0.43 -51.02
N TRP A 1546 1.05 -0.04 -49.88
CA TRP A 1546 -0.36 -0.20 -49.59
C TRP A 1546 -1.06 1.16 -49.72
N LEU A 1547 -2.12 1.21 -50.51
CA LEU A 1547 -2.76 2.47 -50.86
C LEU A 1547 -3.91 2.83 -49.91
N SER A 1548 -4.90 1.94 -49.80
CA SER A 1548 -6.07 2.25 -48.98
C SER A 1548 -5.72 2.55 -47.52
N PRO A 1549 -4.89 1.77 -46.82
CA PRO A 1549 -4.62 2.10 -45.40
C PRO A 1549 -3.85 3.39 -45.22
N ALA A 1550 -2.92 3.71 -46.12
CA ALA A 1550 -2.12 4.92 -45.96
C ALA A 1550 -2.99 6.18 -46.03
N LEU A 1551 -3.96 6.20 -46.95
CA LEU A 1551 -4.80 7.37 -47.10
C LEU A 1551 -5.79 7.51 -45.96
N ALA A 1552 -6.16 6.39 -45.33
CA ALA A 1552 -7.02 6.46 -44.15
C ALA A 1552 -6.26 7.05 -42.96
N ALA A 1553 -4.98 6.69 -42.81
CA ALA A 1553 -4.18 7.28 -41.75
C ALA A 1553 -3.86 8.73 -42.03
N MET A 1554 -3.66 9.08 -43.30
CA MET A 1554 -3.43 10.47 -43.66
C MET A 1554 -4.66 11.35 -43.42
N GLU A 1555 -5.84 10.75 -43.23
CA GLU A 1555 -7.04 11.51 -42.92
C GLU A 1555 -7.38 11.52 -41.44
N LEU A 1556 -6.91 10.55 -40.65
CA LEU A 1556 -7.04 10.69 -39.20
C LEU A 1556 -6.06 11.73 -38.68
N ALA A 1557 -4.99 12.02 -39.41
CA ALA A 1557 -4.17 13.18 -39.10
C ALA A 1557 -5.01 14.44 -39.07
N GLN A 1558 -5.79 14.68 -40.13
CA GLN A 1558 -6.69 15.82 -40.15
C GLN A 1558 -7.95 15.59 -39.33
N MET A 1559 -8.29 14.33 -39.05
CA MET A 1559 -9.40 14.06 -38.13
C MET A 1559 -9.03 14.45 -36.71
N VAL A 1560 -7.89 13.95 -36.21
CA VAL A 1560 -7.47 14.26 -34.85
C VAL A 1560 -7.09 15.73 -34.70
N THR A 1561 -6.85 16.44 -35.79
CA THR A 1561 -6.52 17.86 -35.70
C THR A 1561 -7.77 18.71 -35.53
N GLN A 1562 -8.79 18.45 -36.35
CA GLN A 1562 -10.04 19.20 -36.29
C GLN A 1562 -11.08 18.55 -35.39
N ALA A 1563 -10.79 17.36 -34.84
CA ALA A 1563 -11.70 16.61 -34.00
C ALA A 1563 -13.03 16.34 -34.72
N MET A 1564 -12.93 15.56 -35.80
CA MET A 1564 -14.09 15.18 -36.60
C MET A 1564 -13.92 13.71 -36.98
N TRP A 1565 -14.83 13.23 -37.83
CA TRP A 1565 -14.78 11.89 -38.37
C TRP A 1565 -14.89 11.95 -39.89
N SER A 1566 -14.67 10.80 -40.53
CA SER A 1566 -14.91 10.71 -41.96
C SER A 1566 -16.40 10.66 -42.27
N LYS A 1567 -17.21 10.14 -41.33
CA LYS A 1567 -18.65 10.15 -41.50
C LYS A 1567 -19.21 11.57 -41.48
N ASP A 1568 -18.48 12.52 -40.93
CA ASP A 1568 -19.05 13.77 -40.47
C ASP A 1568 -19.03 14.83 -41.58
N SER A 1569 -19.25 16.07 -41.18
CA SER A 1569 -19.39 17.19 -42.09
C SER A 1569 -18.04 17.57 -42.69
N TYR A 1570 -18.02 18.72 -43.36
CA TYR A 1570 -16.83 19.50 -43.59
C TYR A 1570 -16.88 20.86 -42.91
N LEU A 1571 -18.07 21.41 -42.71
CA LEU A 1571 -18.29 22.70 -42.07
C LEU A 1571 -18.32 22.61 -40.55
N LYS A 1572 -18.00 21.44 -39.98
CA LYS A 1572 -17.89 21.28 -38.53
C LYS A 1572 -16.68 22.02 -37.95
N GLN A 1573 -15.74 22.45 -38.79
CA GLN A 1573 -14.52 23.09 -38.32
C GLN A 1573 -14.58 24.61 -38.39
N LEU A 1574 -15.73 25.18 -38.74
CA LEU A 1574 -15.86 26.63 -38.70
C LEU A 1574 -16.17 27.10 -37.29
N PRO A 1575 -15.60 28.22 -36.86
CA PRO A 1575 -15.76 28.64 -35.47
C PRO A 1575 -17.20 29.00 -35.13
N HIS A 1576 -17.52 28.86 -33.84
CA HIS A 1576 -18.83 29.15 -33.26
C HIS A 1576 -19.97 28.40 -33.93
N PHE A 1577 -19.65 27.39 -34.75
CA PHE A 1577 -20.69 26.66 -35.46
C PHE A 1577 -21.48 25.84 -34.46
N THR A 1578 -22.75 26.20 -34.30
CA THR A 1578 -23.77 25.43 -33.61
C THR A 1578 -23.66 23.91 -33.73
N SER A 1579 -24.45 23.19 -32.94
CA SER A 1579 -24.44 21.74 -33.03
C SER A 1579 -25.15 21.22 -34.30
N GLU A 1580 -26.50 21.26 -34.33
CA GLU A 1580 -27.25 20.73 -35.47
C GLU A 1580 -27.24 21.76 -36.61
N HIS A 1581 -26.05 21.99 -37.18
CA HIS A 1581 -26.01 22.64 -38.48
C HIS A 1581 -25.72 21.68 -39.60
N ILE A 1582 -25.51 20.39 -39.29
CA ILE A 1582 -25.22 19.44 -40.34
C ILE A 1582 -26.49 19.06 -41.10
N LYS A 1583 -27.64 19.04 -40.40
CA LYS A 1583 -28.94 18.86 -41.06
C LYS A 1583 -29.59 20.21 -41.34
N ARG A 1584 -29.41 21.19 -40.44
CA ARG A 1584 -29.68 22.60 -40.73
C ARG A 1584 -29.65 22.90 -42.23
N CYS A 1585 -28.51 22.68 -42.87
CA CYS A 1585 -28.29 23.07 -44.25
C CYS A 1585 -28.68 21.97 -45.23
N THR A 1586 -29.10 20.80 -44.74
CA THR A 1586 -29.56 19.76 -45.66
C THR A 1586 -30.86 20.15 -46.33
N ASP A 1587 -31.68 20.96 -45.65
CA ASP A 1587 -32.88 21.50 -46.30
C ASP A 1587 -32.49 22.26 -47.56
N LYS A 1588 -31.37 22.97 -47.52
CA LYS A 1588 -30.79 23.58 -48.71
C LYS A 1588 -29.82 22.67 -49.43
N GLY A 1589 -29.20 21.74 -48.71
CA GLY A 1589 -28.26 20.82 -49.32
C GLY A 1589 -26.90 21.42 -49.61
N VAL A 1590 -26.39 22.25 -48.71
CA VAL A 1590 -25.22 23.08 -48.94
C VAL A 1590 -24.26 22.79 -47.79
N GLU A 1591 -23.29 21.87 -48.02
CA GLU A 1591 -22.42 21.32 -46.97
C GLU A 1591 -21.00 21.21 -47.53
N SER A 1592 -20.35 22.34 -47.75
CA SER A 1592 -19.13 22.35 -48.54
C SER A 1592 -17.97 23.19 -48.03
N VAL A 1593 -18.20 24.16 -47.14
CA VAL A 1593 -17.21 25.19 -46.82
C VAL A 1593 -16.86 26.02 -48.07
N PHE A 1594 -16.69 25.34 -49.21
CA PHE A 1594 -16.75 25.94 -50.55
C PHE A 1594 -17.82 27.03 -50.59
N ASP A 1595 -19.09 26.63 -50.41
CA ASP A 1595 -20.20 27.58 -50.45
C ASP A 1595 -19.95 28.78 -49.55
N ILE A 1596 -19.69 28.52 -48.27
CA ILE A 1596 -19.77 29.52 -47.22
C ILE A 1596 -18.61 30.51 -47.32
N MET A 1597 -17.81 30.40 -48.38
CA MET A 1597 -16.87 31.45 -48.75
C MET A 1597 -17.36 32.34 -49.87
N GLU A 1598 -18.42 31.91 -50.62
CA GLU A 1598 -18.88 32.62 -51.83
C GLU A 1598 -20.42 32.67 -51.88
N MET A 1599 -21.00 33.59 -51.13
CA MET A 1599 -22.39 33.99 -51.16
C MET A 1599 -22.44 35.50 -50.94
N GLU A 1600 -23.62 36.09 -51.11
CA GLU A 1600 -23.75 37.54 -51.04
C GLU A 1600 -24.01 38.01 -49.61
N ASP A 1601 -23.47 39.20 -49.30
CA ASP A 1601 -23.22 39.60 -47.91
C ASP A 1601 -24.50 39.80 -47.09
N GLU A 1602 -25.60 40.16 -47.73
CA GLU A 1602 -26.84 40.36 -46.96
C GLU A 1602 -27.54 39.05 -46.59
N GLU A 1603 -27.12 37.93 -47.15
CA GLU A 1603 -27.57 36.62 -46.70
C GLU A 1603 -26.41 35.65 -46.52
N ARG A 1604 -25.18 36.07 -46.82
CA ARG A 1604 -24.02 35.24 -46.54
C ARG A 1604 -23.77 35.07 -45.07
N ASN A 1605 -24.58 35.73 -44.25
CA ASN A 1605 -24.98 35.18 -42.96
C ASN A 1605 -25.79 33.92 -43.26
N ALA A 1606 -25.21 32.98 -44.01
CA ALA A 1606 -25.96 31.90 -44.64
C ALA A 1606 -26.82 31.19 -43.62
N LEU A 1607 -28.13 31.21 -43.87
CA LEU A 1607 -29.08 30.54 -42.98
C LEU A 1607 -29.11 31.24 -41.63
N LEU A 1608 -27.99 31.15 -40.92
CA LEU A 1608 -27.88 31.63 -39.55
C LEU A 1608 -27.02 32.88 -39.49
N GLN A 1609 -27.41 33.80 -38.61
CA GLN A 1609 -26.70 35.04 -38.29
C GLN A 1609 -26.36 35.00 -36.81
N LEU A 1610 -25.07 34.98 -36.49
CA LEU A 1610 -24.60 34.90 -35.11
C LEU A 1610 -23.62 36.03 -34.81
N THR A 1611 -24.13 37.16 -34.33
CA THR A 1611 -23.30 38.20 -33.73
C THR A 1611 -22.36 38.85 -34.73
N ASP A 1612 -21.77 39.99 -34.35
CA ASP A 1612 -20.92 40.78 -35.24
C ASP A 1612 -19.51 40.22 -35.36
N SER A 1613 -19.10 39.32 -34.46
CA SER A 1613 -17.75 38.75 -34.50
C SER A 1613 -17.73 37.26 -34.78
N GLN A 1614 -18.75 36.51 -34.38
CA GLN A 1614 -18.78 35.07 -34.65
C GLN A 1614 -18.90 34.77 -36.14
N ILE A 1615 -19.23 35.76 -36.97
CA ILE A 1615 -19.07 35.63 -38.40
C ILE A 1615 -17.67 36.08 -38.84
N ALA A 1616 -17.10 37.07 -38.14
CA ALA A 1616 -15.73 37.49 -38.40
C ALA A 1616 -14.71 36.44 -37.98
N ASP A 1617 -15.12 35.46 -37.17
CA ASP A 1617 -14.28 34.30 -36.90
C ASP A 1617 -14.43 33.23 -37.97
N VAL A 1618 -15.62 33.10 -38.56
CA VAL A 1618 -15.78 32.28 -39.75
C VAL A 1618 -15.00 32.90 -40.90
N ALA A 1619 -14.91 34.23 -40.94
CA ALA A 1619 -14.20 34.91 -42.01
C ALA A 1619 -12.71 34.59 -41.98
N ARG A 1620 -12.10 34.65 -40.80
CA ARG A 1620 -10.66 34.42 -40.70
C ARG A 1620 -10.31 32.96 -40.98
N PHE A 1621 -11.22 32.02 -40.67
CA PHE A 1621 -10.94 30.62 -40.98
C PHE A 1621 -11.04 30.37 -42.48
N CYS A 1622 -12.06 30.93 -43.13
CA CYS A 1622 -12.18 30.78 -44.58
C CYS A 1622 -11.02 31.44 -45.30
N ASN A 1623 -10.50 32.55 -44.76
CA ASN A 1623 -9.37 33.21 -45.38
C ASN A 1623 -8.09 32.39 -45.26
N ARG A 1624 -7.92 31.65 -44.15
CA ARG A 1624 -6.84 30.70 -44.05
C ARG A 1624 -7.30 29.26 -44.23
N TYR A 1625 -8.41 29.07 -44.91
CA TYR A 1625 -8.74 27.74 -45.40
C TYR A 1625 -7.92 27.44 -46.65
N PRO A 1626 -7.29 26.27 -46.75
CA PRO A 1626 -6.40 26.01 -47.88
C PRO A 1626 -7.13 26.03 -49.22
N ASN A 1627 -6.89 27.08 -50.00
CA ASN A 1627 -7.39 27.20 -51.36
C ASN A 1627 -6.17 27.10 -52.27
N ILE A 1628 -5.91 25.88 -52.77
CA ILE A 1628 -4.66 25.58 -53.45
C ILE A 1628 -4.96 25.16 -54.89
N GLU A 1629 -4.23 25.75 -55.83
CA GLU A 1629 -4.30 25.37 -57.24
C GLU A 1629 -3.27 24.30 -57.52
N LEU A 1630 -3.70 23.20 -58.14
CA LEU A 1630 -2.84 22.07 -58.44
C LEU A 1630 -2.71 21.94 -59.96
N SER A 1631 -1.47 21.97 -60.45
CA SER A 1631 -1.16 21.68 -61.84
C SER A 1631 -0.26 20.46 -61.88
N TYR A 1632 -0.64 19.47 -62.68
CA TYR A 1632 0.09 18.22 -62.78
C TYR A 1632 0.32 17.88 -64.25
N GLU A 1633 1.46 17.26 -64.53
CA GLU A 1633 1.80 16.85 -65.88
C GLU A 1633 2.69 15.63 -65.83
N VAL A 1634 2.55 14.77 -66.85
CA VAL A 1634 3.39 13.59 -67.00
C VAL A 1634 4.43 13.90 -68.06
N VAL A 1635 5.70 13.97 -67.66
CA VAL A 1635 6.76 14.40 -68.56
C VAL A 1635 7.05 13.27 -69.55
N ASP A 1636 6.96 13.58 -70.85
CA ASP A 1636 7.22 12.65 -71.94
C ASP A 1636 6.28 11.44 -71.86
N LYS A 1637 5.02 11.71 -72.24
CA LYS A 1637 4.00 10.66 -72.28
C LYS A 1637 4.12 9.76 -73.51
N ASP A 1638 5.02 10.08 -74.44
CA ASP A 1638 5.16 9.34 -75.68
C ASP A 1638 6.49 8.59 -75.79
N SER A 1639 7.29 8.59 -74.71
CA SER A 1639 8.61 7.97 -74.74
C SER A 1639 8.85 7.20 -73.45
N ILE A 1640 7.88 6.37 -73.06
CA ILE A 1640 7.98 5.56 -71.85
C ILE A 1640 8.35 4.13 -72.24
N ARG A 1641 9.37 3.59 -71.59
CA ARG A 1641 9.75 2.20 -71.75
C ARG A 1641 9.23 1.39 -70.57
N SER A 1642 9.45 0.08 -70.62
CA SER A 1642 8.90 -0.84 -69.62
C SER A 1642 9.89 -0.98 -68.44
N GLY A 1643 10.03 0.12 -67.71
CA GLY A 1643 10.84 0.12 -66.51
C GLY A 1643 12.04 1.04 -66.59
N GLY A 1644 11.89 2.21 -67.18
CA GLY A 1644 12.97 3.16 -67.30
C GLY A 1644 12.76 4.39 -66.44
N PRO A 1645 13.46 5.48 -66.77
CA PRO A 1645 13.31 6.73 -66.00
C PRO A 1645 11.94 7.34 -66.22
N VAL A 1646 11.17 7.44 -65.14
CA VAL A 1646 9.82 7.99 -65.18
C VAL A 1646 9.77 9.17 -64.21
N VAL A 1647 9.10 10.25 -64.62
CA VAL A 1647 9.02 11.47 -63.83
C VAL A 1647 7.64 12.07 -64.01
N VAL A 1648 6.98 12.37 -62.90
CA VAL A 1648 5.71 13.10 -62.90
C VAL A 1648 5.90 14.37 -62.08
N LEU A 1649 5.48 15.50 -62.64
CA LEU A 1649 5.68 16.81 -62.04
C LEU A 1649 4.33 17.37 -61.60
N VAL A 1650 4.17 17.58 -60.31
CA VAL A 1650 2.97 18.18 -59.73
C VAL A 1650 3.35 19.54 -59.17
N GLN A 1651 2.49 20.54 -59.41
CA GLN A 1651 2.77 21.92 -59.03
C GLN A 1651 1.62 22.45 -58.19
N LEU A 1652 1.96 23.09 -57.07
CA LEU A 1652 0.98 23.59 -56.12
C LEU A 1652 1.08 25.12 -56.02
N GLU A 1653 -0.05 25.75 -55.71
CA GLU A 1653 -0.14 27.20 -55.69
C GLU A 1653 -1.14 27.61 -54.62
N ARG A 1654 -0.74 28.51 -53.72
CA ARG A 1654 -1.66 29.02 -52.70
C ARG A 1654 -2.33 30.28 -53.23
N GLU A 1655 -3.64 30.20 -53.45
CA GLU A 1655 -4.43 31.37 -53.82
C GLU A 1655 -4.55 32.30 -52.63
N GLU A 1656 -3.41 32.77 -52.11
CA GLU A 1656 -3.32 33.48 -50.84
C GLU A 1656 -1.89 33.97 -50.63
N GLU A 1657 -1.51 34.24 -49.36
CA GLU A 1657 -0.12 34.38 -48.95
C GLU A 1657 0.03 33.49 -47.71
N VAL A 1658 0.10 34.05 -46.48
CA VAL A 1658 -0.08 33.22 -45.26
C VAL A 1658 -0.22 34.05 -43.99
N THR A 1659 -1.14 33.59 -43.14
CA THR A 1659 -1.75 34.28 -42.01
C THR A 1659 -1.47 33.54 -40.71
N GLY A 1660 -0.25 33.04 -40.53
CA GLY A 1660 0.05 32.22 -39.37
C GLY A 1660 -0.30 30.76 -39.57
N PRO A 1661 -0.41 30.02 -38.47
CA PRO A 1661 -0.52 28.56 -38.56
C PRO A 1661 -1.94 28.06 -38.78
N VAL A 1662 -2.11 26.73 -38.66
CA VAL A 1662 -3.40 26.10 -38.89
C VAL A 1662 -4.38 26.50 -37.79
N ILE A 1663 -5.65 26.65 -38.17
CA ILE A 1663 -6.71 26.99 -37.23
C ILE A 1663 -7.34 25.68 -36.76
N ALA A 1664 -6.96 25.24 -35.56
CA ALA A 1664 -7.52 24.04 -34.95
C ALA A 1664 -7.67 24.29 -33.46
N PRO A 1665 -8.81 24.83 -33.04
CA PRO A 1665 -8.97 25.19 -31.62
C PRO A 1665 -9.02 23.99 -30.69
N LEU A 1666 -9.48 22.83 -31.17
CA LEU A 1666 -9.56 21.64 -30.34
C LEU A 1666 -8.24 20.87 -30.27
N PHE A 1667 -7.16 21.45 -30.78
CA PHE A 1667 -5.84 20.85 -30.73
C PHE A 1667 -4.89 21.77 -29.96
N PRO A 1668 -4.13 21.26 -29.00
CA PRO A 1668 -3.31 22.14 -28.16
C PRO A 1668 -2.18 22.83 -28.92
N GLN A 1669 -1.27 22.06 -29.50
CA GLN A 1669 -0.13 22.64 -30.19
C GLN A 1669 -0.55 23.25 -31.51
N LYS A 1670 0.06 24.40 -31.83
CA LYS A 1670 -0.19 25.07 -33.11
C LYS A 1670 0.58 24.36 -34.20
N ARG A 1671 -0.14 23.75 -35.14
CA ARG A 1671 0.46 22.99 -36.23
C ARG A 1671 0.57 23.86 -37.49
N GLU A 1672 1.36 23.36 -38.43
CA GLU A 1672 1.46 23.96 -39.76
C GLU A 1672 1.00 22.95 -40.80
N GLU A 1673 0.61 23.46 -41.96
CA GLU A 1673 0.03 22.62 -43.00
C GLU A 1673 1.07 21.64 -43.55
N GLY A 1674 0.73 20.35 -43.50
CA GLY A 1674 1.48 19.32 -44.17
C GLY A 1674 0.66 18.77 -45.31
N TRP A 1675 1.33 18.27 -46.34
CA TRP A 1675 0.66 17.81 -47.55
C TRP A 1675 1.35 16.58 -48.10
N TRP A 1676 0.56 15.62 -48.56
CA TRP A 1676 1.05 14.43 -49.24
C TRP A 1676 0.59 14.44 -50.69
N VAL A 1677 1.51 14.11 -51.60
CA VAL A 1677 1.19 13.88 -53.01
C VAL A 1677 1.31 12.38 -53.25
N VAL A 1678 0.22 11.78 -53.71
CA VAL A 1678 0.04 10.33 -53.70
C VAL A 1678 -0.32 9.86 -55.10
N ILE A 1679 0.33 8.79 -55.55
CA ILE A 1679 0.01 8.17 -56.83
C ILE A 1679 -0.23 6.69 -56.59
N GLY A 1680 -1.15 6.11 -57.36
CA GLY A 1680 -1.50 4.71 -57.24
C GLY A 1680 -2.97 4.48 -57.54
N ASP A 1681 -3.29 3.36 -58.20
CA ASP A 1681 -4.67 3.05 -58.54
C ASP A 1681 -5.32 2.26 -57.40
N ALA A 1682 -6.55 2.64 -57.07
CA ALA A 1682 -7.28 1.98 -55.99
C ALA A 1682 -7.73 0.58 -56.35
N LYS A 1683 -7.65 0.19 -57.63
CA LYS A 1683 -8.03 -1.16 -58.03
C LYS A 1683 -7.08 -2.20 -57.45
N SER A 1684 -5.77 -1.95 -57.56
CA SER A 1684 -4.78 -2.91 -57.11
C SER A 1684 -4.45 -2.78 -55.63
N ASN A 1685 -4.91 -1.73 -54.96
CA ASN A 1685 -4.47 -1.39 -53.61
C ASN A 1685 -2.95 -1.27 -53.58
N SER A 1686 -2.45 -0.33 -54.38
CA SER A 1686 -1.02 -0.16 -54.57
C SER A 1686 -0.68 1.31 -54.63
N LEU A 1687 0.25 1.73 -53.77
CA LEU A 1687 0.86 3.04 -53.86
C LEU A 1687 2.22 2.90 -54.53
N ILE A 1688 2.51 3.83 -55.44
CA ILE A 1688 3.68 3.73 -56.28
C ILE A 1688 4.68 4.86 -56.03
N SER A 1689 4.22 6.01 -55.56
CA SER A 1689 5.09 7.15 -55.32
C SER A 1689 4.40 8.10 -54.34
N ILE A 1690 5.17 8.60 -53.37
CA ILE A 1690 4.62 9.51 -52.36
C ILE A 1690 5.72 10.45 -51.88
N LYS A 1691 5.35 11.71 -51.68
CA LYS A 1691 6.27 12.73 -51.17
C LYS A 1691 5.48 13.69 -50.28
N ARG A 1692 6.20 14.37 -49.40
CA ARG A 1692 5.62 15.32 -48.47
C ARG A 1692 6.18 16.71 -48.71
N LEU A 1693 5.39 17.73 -48.37
CA LEU A 1693 5.79 19.11 -48.60
C LEU A 1693 5.00 20.02 -47.65
N THR A 1694 5.41 21.29 -47.61
CA THR A 1694 4.81 22.27 -46.72
C THR A 1694 4.21 23.48 -47.44
N LEU A 1695 4.22 23.47 -48.78
CA LEU A 1695 3.67 24.55 -49.59
C LEU A 1695 4.35 25.89 -49.34
N GLN A 1696 3.69 26.76 -48.57
CA GLN A 1696 4.05 28.17 -48.45
C GLN A 1696 4.09 28.84 -49.84
N GLN A 1697 2.95 29.37 -50.26
CA GLN A 1697 2.68 29.98 -51.56
C GLN A 1697 2.85 29.03 -52.75
N LYS A 1698 4.06 28.87 -53.28
CA LYS A 1698 4.26 28.11 -54.50
C LYS A 1698 5.40 27.12 -54.35
N ALA A 1699 5.22 25.94 -54.93
CA ALA A 1699 6.22 24.88 -54.89
C ALA A 1699 5.83 23.79 -55.89
N LYS A 1700 6.83 23.05 -56.36
CA LYS A 1700 6.62 21.90 -57.23
C LYS A 1700 7.18 20.65 -56.55
N VAL A 1701 6.51 19.52 -56.80
CA VAL A 1701 6.95 18.22 -56.30
C VAL A 1701 7.19 17.30 -57.49
N LYS A 1702 8.04 16.30 -57.27
CA LYS A 1702 8.39 15.34 -58.31
C LYS A 1702 8.37 13.94 -57.74
N LEU A 1703 7.78 13.01 -58.48
CA LEU A 1703 7.66 11.61 -58.08
C LEU A 1703 8.32 10.75 -59.13
N ASP A 1704 9.37 10.00 -58.74
CA ASP A 1704 10.03 9.06 -59.63
C ASP A 1704 9.63 7.65 -59.23
N PHE A 1705 9.00 6.93 -60.15
CA PHE A 1705 8.52 5.59 -59.86
C PHE A 1705 9.21 4.56 -60.74
N VAL A 1706 8.53 3.47 -61.07
CA VAL A 1706 9.06 2.48 -62.01
C VAL A 1706 7.89 1.92 -62.82
N ALA A 1707 8.11 1.79 -64.13
CA ALA A 1707 7.03 1.37 -65.00
C ALA A 1707 6.75 -0.12 -64.83
N PRO A 1708 5.48 -0.52 -64.76
CA PRO A 1708 5.12 -1.95 -64.58
C PRO A 1708 4.90 -2.68 -65.91
N ALA A 1709 6.00 -2.97 -66.60
CA ALA A 1709 6.01 -3.75 -67.84
C ALA A 1709 5.15 -3.03 -68.88
N THR A 1710 4.14 -3.66 -69.47
CA THR A 1710 3.34 -3.08 -70.53
C THR A 1710 1.87 -3.06 -70.13
N GLY A 1711 1.05 -2.43 -70.97
CA GLY A 1711 -0.39 -2.41 -70.80
C GLY A 1711 -0.93 -1.00 -70.89
N ALA A 1712 -2.15 -0.82 -70.36
CA ALA A 1712 -2.84 0.47 -70.35
C ALA A 1712 -3.42 0.69 -68.95
N HIS A 1713 -2.53 0.94 -67.99
CA HIS A 1713 -2.96 1.23 -66.63
C HIS A 1713 -3.31 2.71 -66.51
N ASN A 1714 -4.16 3.02 -65.53
CA ASN A 1714 -4.59 4.40 -65.28
C ASN A 1714 -4.52 4.67 -63.79
N TYR A 1715 -3.55 5.49 -63.38
CA TYR A 1715 -3.33 5.79 -61.98
C TYR A 1715 -4.17 6.97 -61.52
N THR A 1716 -4.22 7.15 -60.20
CA THR A 1716 -5.05 8.16 -59.56
C THR A 1716 -4.18 9.02 -58.66
N LEU A 1717 -4.30 10.34 -58.81
CA LEU A 1717 -3.45 11.29 -58.11
C LEU A 1717 -4.20 11.82 -56.88
N TYR A 1718 -3.63 11.58 -55.70
CA TYR A 1718 -4.22 12.04 -54.45
C TYR A 1718 -3.36 13.17 -53.88
N PHE A 1719 -4.02 14.23 -53.41
CA PHE A 1719 -3.37 15.38 -52.78
C PHE A 1719 -4.10 15.64 -51.47
N MET A 1720 -3.48 15.25 -50.35
CA MET A 1720 -4.15 15.20 -49.07
C MET A 1720 -3.44 16.07 -48.04
N SER A 1721 -4.22 16.57 -47.09
CA SER A 1721 -3.73 17.37 -45.97
C SER A 1721 -3.60 16.52 -44.72
N ASP A 1722 -2.89 17.05 -43.74
CA ASP A 1722 -2.78 16.42 -42.43
C ASP A 1722 -3.43 17.24 -41.33
N ALA A 1723 -4.00 18.40 -41.66
CA ALA A 1723 -4.63 19.28 -40.68
C ALA A 1723 -6.10 19.51 -40.97
N TYR A 1724 -6.44 19.99 -42.16
CA TYR A 1724 -7.82 20.32 -42.50
C TYR A 1724 -8.50 19.16 -43.20
N MET A 1725 -9.82 19.10 -43.04
CA MET A 1725 -10.68 18.15 -43.74
C MET A 1725 -11.47 18.88 -44.81
N GLY A 1726 -11.61 18.25 -45.97
CA GLY A 1726 -12.39 18.81 -47.06
C GLY A 1726 -11.59 19.48 -48.16
N CYS A 1727 -10.34 19.06 -48.39
CA CYS A 1727 -9.53 19.62 -49.47
C CYS A 1727 -8.81 18.54 -50.26
N ASP A 1728 -9.13 17.27 -50.05
CA ASP A 1728 -8.42 16.17 -50.71
C ASP A 1728 -8.85 16.10 -52.16
N GLN A 1729 -8.03 16.68 -53.05
CA GLN A 1729 -8.30 16.62 -54.48
C GLN A 1729 -8.00 15.22 -55.01
N GLU A 1730 -8.41 14.98 -56.26
CA GLU A 1730 -8.25 13.66 -56.86
C GLU A 1730 -8.35 13.79 -58.38
N TYR A 1731 -7.23 13.60 -59.07
CA TYR A 1731 -7.19 13.53 -60.52
C TYR A 1731 -6.65 12.17 -60.94
N LYS A 1732 -7.04 11.72 -62.12
CA LYS A 1732 -6.60 10.43 -62.64
C LYS A 1732 -5.76 10.63 -63.90
N PHE A 1733 -4.77 9.77 -64.05
CA PHE A 1733 -3.67 10.01 -64.98
C PHE A 1733 -4.12 9.92 -66.43
N SER A 1734 -3.17 10.20 -67.33
CA SER A 1734 -3.33 10.04 -68.78
C SER A 1734 -1.97 9.58 -69.30
N VAL A 1735 -1.74 8.26 -69.19
CA VAL A 1735 -0.46 7.61 -69.46
C VAL A 1735 -0.54 6.89 -70.80
N ASP A 1736 0.54 6.21 -71.17
CA ASP A 1736 0.51 5.19 -72.22
C ASP A 1736 1.83 4.44 -72.29
N VAL A 1737 1.82 3.17 -71.88
CA VAL A 1737 3.04 2.39 -71.83
C VAL A 1737 3.37 1.84 -73.21
N LYS A 1738 4.59 1.37 -73.37
CA LYS A 1738 5.03 0.70 -74.59
C LYS A 1738 5.88 -0.53 -74.27
N PRO B 2 0.83 -47.86 60.00
CA PRO B 2 1.30 -46.64 60.66
C PRO B 2 1.09 -45.38 59.81
N LEU B 3 1.83 -45.27 58.72
CA LEU B 3 1.78 -44.11 57.84
C LEU B 3 1.03 -44.48 56.57
N GLY B 4 0.01 -43.69 56.23
CA GLY B 4 -0.69 -43.87 54.98
C GLY B 4 0.11 -43.35 53.80
N SER B 5 0.64 -44.26 52.99
CA SER B 5 1.40 -43.87 51.81
C SER B 5 0.42 -43.32 50.76
N MET B 6 0.90 -43.20 49.51
CA MET B 6 0.16 -42.56 48.42
C MET B 6 -0.21 -41.12 48.77
N THR B 7 0.49 -40.51 49.72
CA THR B 7 0.05 -39.22 50.26
C THR B 7 0.25 -38.10 49.26
N GLN B 8 1.38 -38.08 48.55
CA GLN B 8 1.70 -37.00 47.63
C GLN B 8 2.29 -37.56 46.34
N THR B 9 1.98 -36.88 45.24
CA THR B 9 2.39 -37.31 43.91
C THR B 9 3.56 -36.44 43.42
N PHE B 10 4.52 -37.10 42.77
CA PHE B 10 5.67 -36.38 42.25
C PHE B 10 5.26 -35.53 41.04
N SER B 11 5.89 -34.36 40.92
CA SER B 11 5.63 -33.43 39.83
C SER B 11 6.97 -33.09 39.19
N SER B 12 7.10 -33.42 37.91
CA SER B 12 8.38 -33.26 37.21
C SER B 12 8.75 -31.79 37.12
N LYS B 13 10.00 -31.46 37.44
CA LYS B 13 10.54 -30.11 37.36
C LYS B 13 11.88 -30.19 36.64
N THR B 14 11.82 -30.20 35.30
CA THR B 14 13.04 -30.26 34.50
C THR B 14 13.96 -29.10 34.82
N GLU B 15 15.27 -29.38 34.84
CA GLU B 15 16.24 -28.36 35.23
C GLU B 15 16.56 -27.40 34.09
N TRP B 16 16.41 -27.83 32.84
CA TRP B 16 16.72 -26.96 31.71
C TRP B 16 15.79 -25.75 31.65
N ARG B 17 14.60 -25.84 32.26
CA ARG B 17 13.70 -24.69 32.29
C ARG B 17 14.27 -23.58 33.17
N VAL B 18 14.86 -23.93 34.32
CA VAL B 18 15.44 -22.94 35.20
C VAL B 18 16.61 -22.24 34.52
N ARG B 19 17.40 -23.00 33.75
CA ARG B 19 18.52 -22.39 33.03
C ARG B 19 18.06 -21.59 31.83
N ALA B 20 16.97 -22.03 31.17
CA ALA B 20 16.43 -21.26 30.06
C ALA B 20 15.93 -19.89 30.53
N ILE B 21 15.22 -19.86 31.65
CA ILE B 21 14.82 -18.59 32.25
C ILE B 21 16.07 -17.77 32.61
N SER B 22 17.10 -18.44 33.12
CA SER B 22 18.32 -17.74 33.50
C SER B 22 19.11 -17.28 32.28
N ALA B 23 19.02 -18.02 31.17
CA ALA B 23 19.75 -17.63 29.95
C ALA B 23 19.14 -16.40 29.30
N ALA B 24 17.86 -16.12 29.54
CA ALA B 24 17.21 -14.97 28.92
C ALA B 24 17.70 -13.65 29.50
N ASN B 25 18.37 -13.68 30.65
CA ASN B 25 18.89 -12.46 31.28
C ASN B 25 20.38 -12.28 31.07
N LEU B 26 20.99 -13.07 30.17
CA LEU B 26 22.42 -12.96 29.92
C LEU B 26 22.81 -11.62 29.32
N HIS B 27 21.88 -10.94 28.65
CA HIS B 27 22.19 -9.66 28.01
C HIS B 27 22.60 -8.58 29.01
N LEU B 28 22.20 -8.73 30.28
CA LEU B 28 22.59 -7.74 31.29
C LEU B 28 24.08 -7.78 31.56
N ARG B 29 24.72 -8.93 31.42
CA ARG B 29 26.14 -9.05 31.70
C ARG B 29 27.00 -8.38 30.62
N THR B 30 26.43 -8.08 29.45
CA THR B 30 27.20 -7.51 28.36
C THR B 30 27.51 -6.03 28.55
N ASN B 31 26.90 -5.37 29.52
CA ASN B 31 27.23 -3.99 29.85
C ASN B 31 28.41 -3.88 30.81
N HIS B 32 28.78 -4.97 31.48
CA HIS B 32 29.86 -4.99 32.48
C HIS B 32 30.76 -6.18 32.16
N ILE B 33 31.62 -6.01 31.15
CA ILE B 33 32.57 -7.02 30.74
C ILE B 33 33.96 -6.49 31.09
N TYR B 34 34.70 -7.25 31.89
CA TYR B 34 36.01 -6.83 32.36
C TYR B 34 37.09 -7.77 31.83
N VAL B 35 38.29 -7.22 31.66
CA VAL B 35 39.45 -7.97 31.18
C VAL B 35 40.47 -8.01 32.31
N SER B 36 41.02 -9.20 32.57
CA SER B 36 42.12 -9.32 33.53
C SER B 36 43.29 -8.47 33.07
N SER B 37 43.79 -7.62 33.97
CA SER B 37 44.62 -6.49 33.59
C SER B 37 46.09 -6.66 33.95
N ASP B 38 46.40 -6.84 35.25
CA ASP B 38 47.75 -6.57 35.73
C ASP B 38 48.80 -7.42 35.01
N ASP B 39 48.51 -8.68 34.75
CA ASP B 39 49.33 -9.51 33.86
C ASP B 39 50.79 -9.56 34.32
N ILE B 40 51.70 -9.87 33.39
CA ILE B 40 53.14 -9.74 33.61
C ILE B 40 53.66 -8.86 32.47
N LYS B 41 53.02 -8.99 31.32
CA LYS B 41 52.81 -7.90 30.38
C LYS B 41 53.83 -7.73 29.27
N GLU B 42 53.38 -6.97 28.27
CA GLU B 42 54.18 -6.35 27.23
C GLU B 42 54.37 -7.21 25.98
N THR B 43 54.21 -8.53 26.09
CA THR B 43 55.01 -9.35 25.21
C THR B 43 54.34 -10.65 24.76
N GLY B 44 54.48 -10.90 23.47
CA GLY B 44 53.82 -11.97 22.78
C GLY B 44 53.16 -11.31 21.60
N TYR B 45 51.88 -11.59 21.37
CA TYR B 45 51.06 -10.72 20.54
C TYR B 45 49.96 -10.11 21.40
N THR B 46 49.52 -8.90 21.05
CA THR B 46 48.40 -8.28 21.72
C THR B 46 47.14 -8.56 20.91
N TYR B 47 46.20 -9.26 21.53
CA TYR B 47 44.99 -9.71 20.85
C TYR B 47 43.85 -8.76 21.19
N ILE B 48 43.25 -8.18 20.15
CA ILE B 48 42.18 -7.20 20.29
C ILE B 48 40.87 -7.87 19.90
N LEU B 49 39.94 -7.93 20.86
CA LEU B 49 38.66 -8.59 20.64
C LEU B 49 37.56 -7.56 20.41
N PRO B 50 36.87 -7.61 19.28
CA PRO B 50 35.77 -6.65 19.06
C PRO B 50 34.59 -6.95 19.96
N LYS B 51 33.93 -5.88 20.42
CA LYS B 51 32.89 -6.03 21.44
C LYS B 51 31.62 -6.65 20.88
N ASN B 52 31.29 -6.37 19.61
CA ASN B 52 29.98 -6.77 19.10
C ASN B 52 29.82 -8.28 19.07
N VAL B 53 30.85 -9.01 18.64
CA VAL B 53 30.75 -10.46 18.61
C VAL B 53 30.93 -11.04 20.01
N LEU B 54 31.65 -10.34 20.89
CA LEU B 54 31.82 -10.81 22.26
C LEU B 54 30.50 -10.76 23.01
N LYS B 55 29.77 -9.64 22.90
CA LYS B 55 28.46 -9.54 23.52
C LYS B 55 27.50 -10.59 22.97
N LYS B 56 27.55 -10.82 21.65
CA LYS B 56 26.72 -11.86 21.05
C LYS B 56 27.13 -13.24 21.54
N PHE B 57 28.43 -13.45 21.75
CA PHE B 57 28.89 -14.74 22.26
C PHE B 57 28.39 -15.01 23.65
N ILE B 58 28.22 -13.96 24.47
CA ILE B 58 27.68 -14.14 25.81
C ILE B 58 26.18 -14.41 25.75
N CYS B 59 25.48 -13.77 24.81
CA CYS B 59 24.03 -13.89 24.74
C CYS B 59 23.60 -15.30 24.35
N ILE B 60 24.38 -15.97 23.48
CA ILE B 60 24.00 -17.28 22.99
C ILE B 60 24.45 -18.42 23.89
N SER B 61 25.09 -18.12 25.02
CA SER B 61 25.72 -19.14 25.85
C SER B 61 24.76 -19.61 26.94
N ASP B 62 25.27 -20.38 27.89
CA ASP B 62 24.51 -20.89 29.01
C ASP B 62 25.34 -20.74 30.28
N LEU B 63 24.65 -20.61 31.41
CA LEU B 63 25.35 -20.31 32.67
C LEU B 63 26.24 -21.45 33.13
N ARG B 64 25.91 -22.68 32.79
CA ARG B 64 26.74 -23.78 33.30
C ARG B 64 27.30 -24.68 32.21
N ALA B 65 26.58 -24.87 31.10
CA ALA B 65 27.11 -25.64 29.97
C ALA B 65 27.99 -24.74 29.13
N GLN B 66 29.27 -25.08 29.03
CA GLN B 66 30.22 -24.27 28.29
C GLN B 66 29.93 -24.33 26.79
N ILE B 67 30.27 -23.25 26.10
CA ILE B 67 30.24 -23.19 24.64
C ILE B 67 31.55 -22.59 24.16
N ALA B 68 31.90 -22.88 22.91
CA ALA B 68 33.19 -22.45 22.37
C ALA B 68 33.05 -21.99 20.93
N GLY B 69 33.91 -21.06 20.55
CA GLY B 69 33.97 -20.59 19.17
C GLY B 69 35.41 -20.37 18.75
N TYR B 70 35.67 -20.62 17.47
CA TYR B 70 37.02 -20.50 16.93
C TYR B 70 37.35 -19.06 16.57
N LEU B 71 38.60 -18.68 16.84
CA LEU B 71 39.06 -17.31 16.62
C LEU B 71 39.82 -17.21 15.31
N TYR B 72 39.51 -16.19 14.53
CA TYR B 72 40.21 -15.90 13.28
C TYR B 72 40.42 -14.39 13.17
N GLY B 73 41.52 -14.00 12.55
CA GLY B 73 41.80 -12.58 12.40
C GLY B 73 43.10 -12.37 11.67
N VAL B 74 43.54 -11.11 11.67
CA VAL B 74 44.79 -10.71 11.02
C VAL B 74 45.50 -9.70 11.90
N SER B 75 46.57 -9.11 11.37
CA SER B 75 47.28 -8.02 12.01
C SER B 75 46.95 -6.71 11.32
N PRO B 76 47.11 -5.58 12.00
CA PRO B 76 47.05 -4.29 11.32
C PRO B 76 48.08 -4.23 10.21
N PRO B 77 47.89 -3.35 9.22
CA PRO B 77 48.78 -3.38 8.05
C PRO B 77 50.26 -3.24 8.38
N ASP B 78 50.61 -2.31 9.27
CA ASP B 78 52.01 -2.03 9.57
C ASP B 78 52.45 -2.59 10.92
N ASN B 79 51.54 -3.10 11.74
CA ASN B 79 51.85 -3.54 13.10
C ASN B 79 51.66 -5.06 13.21
N PRO B 80 52.72 -5.86 13.07
CA PRO B 80 52.54 -7.32 13.13
C PRO B 80 52.41 -7.86 14.54
N GLN B 81 52.81 -7.12 15.57
CA GLN B 81 52.74 -7.61 16.94
C GLN B 81 51.33 -7.54 17.52
N VAL B 82 50.37 -6.98 16.79
CA VAL B 82 48.98 -6.88 17.23
C VAL B 82 48.15 -7.82 16.38
N LYS B 83 47.22 -8.52 17.04
CA LYS B 83 46.32 -9.47 16.37
C LYS B 83 44.89 -9.02 16.59
N GLU B 84 44.27 -8.48 15.54
CA GLU B 84 42.86 -8.13 15.58
C GLU B 84 42.02 -9.37 15.30
N ILE B 85 41.17 -9.75 16.24
CA ILE B 85 40.24 -10.85 16.04
C ILE B 85 39.09 -10.36 15.17
N ARG B 86 38.87 -11.04 14.04
CA ARG B 86 37.90 -10.56 13.05
C ARG B 86 36.68 -11.44 12.89
N CYS B 87 36.73 -12.69 13.35
CA CYS B 87 35.61 -13.60 13.14
C CYS B 87 35.61 -14.69 14.19
N ILE B 88 34.42 -15.04 14.66
CA ILE B 88 34.22 -16.16 15.57
C ILE B 88 33.35 -17.19 14.86
N VAL B 89 33.79 -18.44 14.84
CA VAL B 89 33.12 -19.52 14.12
C VAL B 89 32.47 -20.44 15.13
N MET B 90 31.17 -20.62 15.02
CA MET B 90 30.42 -21.57 15.83
C MET B 90 30.26 -22.87 15.06
N VAL B 91 30.68 -23.97 15.66
CA VAL B 91 30.65 -25.28 15.01
C VAL B 91 29.77 -26.19 15.85
N PRO B 92 29.29 -27.29 15.27
CA PRO B 92 28.52 -28.26 16.06
C PRO B 92 29.28 -28.67 17.31
N GLN B 93 28.60 -28.62 18.45
CA GLN B 93 29.29 -28.78 19.72
C GLN B 93 28.29 -29.13 20.81
N TRP B 94 28.83 -29.71 21.89
CA TRP B 94 28.12 -29.83 23.15
C TRP B 94 29.17 -29.72 24.25
N GLY B 95 28.71 -29.50 25.48
CA GLY B 95 29.67 -29.28 26.54
C GLY B 95 29.08 -29.57 27.91
N THR B 96 29.95 -29.45 28.91
CA THR B 96 29.56 -29.58 30.30
C THR B 96 30.02 -28.36 31.08
N HIS B 97 29.96 -28.43 32.41
CA HIS B 97 30.52 -27.36 33.23
C HIS B 97 32.03 -27.29 33.18
N GLN B 98 32.69 -28.32 32.66
CA GLN B 98 34.15 -28.39 32.63
C GLN B 98 34.73 -28.13 31.25
N THR B 99 34.15 -28.67 30.19
CA THR B 99 34.73 -28.54 28.86
C THR B 99 33.65 -28.44 27.81
N VAL B 100 34.10 -28.30 26.55
CA VAL B 100 33.28 -28.39 25.36
C VAL B 100 33.81 -29.53 24.50
N HIS B 101 33.01 -29.95 23.54
CA HIS B 101 33.37 -31.05 22.64
C HIS B 101 33.21 -30.58 21.20
N LEU B 102 34.31 -30.14 20.60
CA LEU B 102 34.36 -29.76 19.20
C LEU B 102 34.63 -30.97 18.32
N PRO B 103 34.25 -30.91 17.05
CA PRO B 103 34.63 -31.98 16.12
C PRO B 103 36.11 -31.91 15.79
N GLY B 104 36.58 -32.94 15.10
CA GLY B 104 37.98 -32.96 14.69
C GLY B 104 38.28 -31.96 13.58
N GLN B 105 37.32 -31.76 12.68
CA GLN B 105 37.53 -30.87 11.55
C GLN B 105 37.53 -29.41 12.00
N LEU B 106 38.51 -28.65 11.53
CA LEU B 106 38.57 -27.22 11.77
C LEU B 106 37.68 -26.48 10.78
N PRO B 107 37.29 -25.25 11.10
CA PRO B 107 36.55 -24.45 10.12
C PRO B 107 37.33 -24.28 8.83
N GLN B 108 36.62 -24.46 7.71
CA GLN B 108 37.22 -24.34 6.38
C GLN B 108 36.21 -23.63 5.48
N HIS B 109 36.54 -22.42 5.05
CA HIS B 109 35.64 -21.64 4.21
C HIS B 109 36.46 -20.59 3.47
N GLU B 110 35.88 -20.10 2.36
CA GLU B 110 36.57 -19.13 1.53
C GLU B 110 36.89 -17.84 2.29
N TYR B 111 35.92 -17.33 3.07
CA TYR B 111 36.11 -16.06 3.74
C TYR B 111 37.26 -16.07 4.73
N LEU B 112 37.58 -17.24 5.29
CA LEU B 112 38.58 -17.34 6.33
C LEU B 112 39.99 -17.63 5.80
N LYS B 113 40.11 -18.03 4.52
CA LYS B 113 41.40 -18.50 4.03
C LYS B 113 42.45 -17.40 4.02
N GLU B 114 42.04 -16.14 3.91
CA GLU B 114 42.96 -15.02 3.98
C GLU B 114 43.15 -14.50 5.40
N MET B 115 42.60 -15.19 6.40
CA MET B 115 42.79 -14.86 7.80
C MET B 115 43.56 -15.99 8.50
N GLU B 116 44.22 -15.63 9.59
CA GLU B 116 44.95 -16.68 10.30
C GLU B 116 44.20 -17.06 11.58
N PRO B 117 44.21 -18.34 11.94
CA PRO B 117 43.52 -18.76 13.16
C PRO B 117 44.29 -18.31 14.40
N LEU B 118 43.56 -17.80 15.38
CA LEU B 118 44.14 -17.27 16.60
C LEU B 118 43.78 -18.09 17.84
N GLY B 119 43.12 -19.24 17.66
CA GLY B 119 42.76 -20.06 18.80
C GLY B 119 41.27 -20.25 18.98
N TRP B 120 40.80 -20.15 20.22
CA TRP B 120 39.39 -20.37 20.51
C TRP B 120 39.02 -19.61 21.77
N ILE B 121 37.73 -19.28 21.89
CA ILE B 121 37.17 -18.64 23.06
C ILE B 121 36.06 -19.54 23.60
N HIS B 122 35.96 -19.63 24.92
CA HIS B 122 34.93 -20.46 25.53
C HIS B 122 34.55 -19.90 26.89
N THR B 123 33.29 -20.12 27.26
CA THR B 123 32.78 -19.73 28.56
C THR B 123 33.05 -20.82 29.59
N GLN B 124 32.92 -20.45 30.87
CA GLN B 124 33.02 -21.41 31.95
C GLN B 124 32.31 -20.82 33.16
N PRO B 125 31.70 -21.66 34.01
CA PRO B 125 30.87 -21.12 35.10
C PRO B 125 31.63 -20.28 36.10
N ASN B 126 32.78 -20.75 36.58
CA ASN B 126 33.48 -20.13 37.70
C ASN B 126 34.77 -19.49 37.23
N GLU B 127 35.01 -18.26 37.67
CA GLU B 127 36.28 -17.60 37.43
C GLU B 127 37.39 -18.33 38.19
N SER B 128 38.49 -18.62 37.50
CA SER B 128 39.58 -19.40 38.06
C SER B 128 40.89 -18.66 37.92
N PRO B 129 41.80 -18.82 38.87
CA PRO B 129 43.13 -18.19 38.72
C PRO B 129 44.00 -18.90 37.70
N GLN B 130 43.76 -20.19 37.46
CA GLN B 130 44.58 -21.00 36.58
C GLN B 130 43.82 -21.36 35.32
N LEU B 131 44.56 -21.55 34.23
CA LEU B 131 43.98 -22.11 33.01
C LEU B 131 43.60 -23.56 33.27
N SER B 132 42.44 -23.97 32.73
CA SER B 132 41.95 -25.31 32.96
C SER B 132 42.96 -26.33 32.43
N PRO B 133 43.20 -27.42 33.17
CA PRO B 133 44.07 -28.48 32.63
C PRO B 133 43.46 -29.15 31.42
N GLN B 134 42.14 -29.23 31.36
CA GLN B 134 41.47 -29.76 30.18
C GLN B 134 41.58 -28.80 29.00
N ASP B 135 41.61 -27.50 29.26
CA ASP B 135 41.84 -26.53 28.19
C ASP B 135 43.22 -26.72 27.59
N VAL B 136 44.22 -27.02 28.43
CA VAL B 136 45.56 -27.30 27.93
C VAL B 136 45.55 -28.56 27.07
N THR B 137 44.81 -29.59 27.51
CA THR B 137 44.72 -30.83 26.74
C THR B 137 43.99 -30.59 25.42
N THR B 138 42.87 -29.86 25.47
CA THR B 138 42.10 -29.59 24.25
C THR B 138 42.93 -28.78 23.26
N HIS B 139 43.61 -27.74 23.74
CA HIS B 139 44.39 -26.88 22.84
C HIS B 139 45.58 -27.62 22.25
N ALA B 140 46.21 -28.49 23.04
CA ALA B 140 47.38 -29.21 22.55
C ALA B 140 46.98 -30.29 21.54
N LYS B 141 45.90 -31.03 21.84
CA LYS B 141 45.45 -32.06 20.90
C LYS B 141 45.00 -31.45 19.58
N ILE B 142 44.55 -30.19 19.59
CA ILE B 142 44.22 -29.51 18.34
C ILE B 142 45.49 -29.16 17.58
N MET B 143 46.51 -28.64 18.30
CA MET B 143 47.78 -28.31 17.65
C MET B 143 48.42 -29.55 17.04
N ALA B 144 48.31 -30.69 17.72
CA ALA B 144 48.92 -31.92 17.22
C ALA B 144 48.29 -32.36 15.91
N ASP B 145 46.98 -32.16 15.76
CA ASP B 145 46.26 -32.55 14.55
C ASP B 145 46.24 -31.47 13.48
N ASN B 146 46.57 -30.22 13.84
CA ASN B 146 46.46 -29.09 12.93
C ASN B 146 47.71 -28.23 13.03
N PRO B 147 48.66 -28.37 12.10
CA PRO B 147 49.89 -27.57 12.16
C PRO B 147 49.66 -26.08 11.94
N SER B 148 48.50 -25.68 11.43
CA SER B 148 48.21 -24.25 11.26
C SER B 148 48.08 -23.53 12.60
N TRP B 149 47.89 -24.26 13.69
CA TRP B 149 47.82 -23.68 15.03
C TRP B 149 49.22 -23.70 15.63
N ASP B 150 49.94 -22.59 15.48
CA ASP B 150 51.25 -22.46 16.10
C ASP B 150 51.10 -22.07 17.56
N GLY B 151 51.92 -22.68 18.42
CA GLY B 151 51.83 -22.43 19.85
C GLY B 151 52.08 -21.00 20.25
N GLU B 152 52.78 -20.24 19.42
CA GLU B 152 53.07 -18.83 19.70
C GLU B 152 52.04 -17.88 19.08
N LYS B 153 51.05 -18.41 18.36
CA LYS B 153 50.07 -17.59 17.68
C LYS B 153 48.65 -17.79 18.17
N THR B 154 48.32 -18.95 18.73
CA THR B 154 46.97 -19.28 19.14
C THR B 154 46.82 -19.15 20.65
N ILE B 155 45.63 -18.73 21.08
CA ILE B 155 45.35 -18.46 22.49
C ILE B 155 44.05 -19.15 22.90
N ILE B 156 43.79 -19.13 24.20
CA ILE B 156 42.56 -19.65 24.78
C ILE B 156 41.94 -18.53 25.60
N ILE B 157 40.86 -17.94 25.10
CA ILE B 157 40.14 -16.89 25.82
C ILE B 157 39.02 -17.54 26.62
N THR B 158 39.01 -17.28 27.93
CA THR B 158 37.97 -17.78 28.81
C THR B 158 37.06 -16.63 29.22
N CYS B 159 35.76 -16.84 29.10
CA CYS B 159 34.75 -15.87 29.50
C CYS B 159 34.10 -16.39 30.77
N SER B 160 34.58 -15.91 31.92
CA SER B 160 34.10 -16.39 33.21
C SER B 160 32.87 -15.62 33.65
N PHE B 161 31.92 -16.33 34.27
CA PHE B 161 30.67 -15.73 34.74
C PHE B 161 30.87 -15.27 36.18
N THR B 162 31.26 -14.01 36.33
CA THR B 162 31.34 -13.42 37.66
C THR B 162 30.06 -12.64 37.95
N PRO B 163 29.46 -12.84 39.14
CA PRO B 163 28.09 -12.35 39.40
C PRO B 163 27.78 -10.96 38.87
N GLY B 164 26.77 -10.88 38.00
CA GLY B 164 26.38 -9.62 37.40
C GLY B 164 27.36 -9.07 36.39
N SER B 165 28.29 -9.89 35.90
CA SER B 165 29.34 -9.40 35.02
C SER B 165 29.91 -10.58 34.24
N CYS B 166 30.96 -10.30 33.47
CA CYS B 166 31.71 -11.32 32.76
C CYS B 166 33.17 -10.89 32.72
N THR B 167 34.06 -11.80 33.11
CA THR B 167 35.49 -11.51 33.19
C THR B 167 36.22 -12.32 32.14
N LEU B 168 37.07 -11.65 31.35
CA LEU B 168 37.81 -12.28 30.27
C LEU B 168 39.28 -12.34 30.64
N THR B 169 39.83 -13.55 30.66
CA THR B 169 41.27 -13.76 30.76
C THR B 169 41.69 -14.67 29.62
N ALA B 170 42.89 -14.42 29.10
CA ALA B 170 43.39 -15.12 27.92
C ALA B 170 44.76 -15.70 28.19
N TYR B 171 44.98 -16.92 27.70
CA TYR B 171 46.24 -17.63 27.91
C TYR B 171 46.74 -18.21 26.58
N LYS B 172 48.03 -18.50 26.55
CA LYS B 172 48.65 -19.25 25.48
C LYS B 172 49.36 -20.46 26.06
N LEU B 173 49.71 -21.40 25.18
CA LEU B 173 50.38 -22.62 25.62
C LEU B 173 51.89 -22.43 25.63
N THR B 174 52.57 -23.33 26.35
CA THR B 174 54.01 -23.42 26.36
C THR B 174 54.46 -24.68 25.65
N PRO B 175 55.72 -24.73 25.19
CA PRO B 175 56.25 -26.01 24.68
C PRO B 175 56.09 -27.15 25.67
N SER B 176 56.35 -26.90 26.95
CA SER B 176 56.08 -27.90 27.98
C SER B 176 54.59 -28.21 28.06
N GLY B 177 53.75 -27.18 27.95
CA GLY B 177 52.32 -27.41 28.00
C GLY B 177 51.79 -28.16 26.79
N TYR B 178 52.32 -27.84 25.60
CA TYR B 178 51.91 -28.56 24.40
C TYR B 178 52.32 -30.03 24.48
N GLU B 179 53.50 -30.30 25.05
CA GLU B 179 53.98 -31.67 25.12
C GLU B 179 53.13 -32.51 26.07
N TRP B 180 52.75 -31.94 27.21
CA TRP B 180 51.94 -32.69 28.18
C TRP B 180 50.49 -32.79 27.72
N GLY B 181 49.97 -31.80 27.00
CA GLY B 181 48.59 -31.84 26.59
C GLY B 181 48.28 -32.94 25.58
N ARG B 182 49.26 -33.29 24.76
CA ARG B 182 49.05 -34.38 23.80
C ARG B 182 48.87 -35.72 24.51
N GLN B 183 49.73 -36.02 25.47
CA GLN B 183 49.69 -37.31 26.13
C GLN B 183 48.49 -37.47 27.06
N ASN B 184 47.92 -36.36 27.54
CA ASN B 184 46.95 -36.42 28.62
C ASN B 184 45.66 -37.13 28.16
N THR B 185 45.35 -38.24 28.80
CA THR B 185 44.08 -38.93 28.61
C THR B 185 43.24 -38.92 29.89
N ASP B 186 43.59 -38.09 30.86
CA ASP B 186 42.88 -37.99 32.13
C ASP B 186 42.05 -36.72 32.12
N LYS B 187 40.72 -36.89 32.06
CA LYS B 187 39.81 -35.76 32.05
C LYS B 187 39.61 -35.16 33.44
N GLY B 188 39.97 -35.88 34.50
CA GLY B 188 39.82 -35.42 35.86
C GLY B 188 40.32 -34.01 36.11
N ASN B 189 39.77 -33.34 37.13
CA ASN B 189 40.06 -31.93 37.34
C ASN B 189 41.48 -31.66 37.81
N ASN B 190 42.24 -32.69 38.18
CA ASN B 190 43.65 -32.54 38.51
C ASN B 190 44.40 -33.82 38.15
N PRO B 191 44.78 -33.97 36.89
CA PRO B 191 45.57 -35.14 36.48
C PRO B 191 47.03 -34.98 36.90
N LYS B 192 47.79 -36.06 36.71
CA LYS B 192 49.21 -36.05 37.02
C LYS B 192 49.99 -35.48 35.84
N GLY B 193 50.91 -34.57 36.13
CA GLY B 193 51.69 -33.90 35.12
C GLY B 193 51.27 -32.47 34.86
N TYR B 194 50.04 -32.11 35.21
CA TYR B 194 49.56 -30.74 35.01
C TYR B 194 50.21 -29.79 35.99
N LEU B 195 50.83 -28.74 35.48
CA LEU B 195 51.55 -27.76 36.28
C LEU B 195 51.25 -26.38 35.75
N PRO B 196 51.40 -25.34 36.59
CA PRO B 196 51.24 -23.96 36.09
C PRO B 196 52.28 -23.56 35.05
N SER B 197 53.35 -24.35 34.89
CA SER B 197 54.37 -24.09 33.89
C SER B 197 53.90 -24.36 32.47
N HIS B 198 52.65 -24.77 32.28
CA HIS B 198 52.14 -25.19 30.98
C HIS B 198 51.48 -24.07 30.19
N TYR B 199 51.45 -22.84 30.72
CA TYR B 199 50.78 -21.75 30.02
C TYR B 199 51.27 -20.41 30.58
N GLU B 200 50.96 -19.36 29.85
CA GLU B 200 51.22 -17.98 30.27
C GLU B 200 50.01 -17.13 29.89
N ARG B 201 49.96 -15.92 30.43
CA ARG B 201 48.90 -14.99 30.09
C ARG B 201 49.30 -14.14 28.91
N VAL B 202 48.30 -13.71 28.14
CA VAL B 202 48.50 -12.81 27.01
C VAL B 202 47.66 -11.57 27.23
N GLN B 203 48.10 -10.45 26.63
CA GLN B 203 47.37 -9.20 26.77
C GLN B 203 46.20 -9.16 25.80
N MET B 204 45.04 -8.75 26.32
CA MET B 204 43.81 -8.73 25.55
C MET B 204 43.14 -7.37 25.71
N LEU B 205 42.63 -6.84 24.61
CA LEU B 205 42.04 -5.50 24.59
C LEU B 205 40.67 -5.57 23.92
N LEU B 206 39.67 -4.96 24.55
CA LEU B 206 38.36 -4.81 23.95
C LEU B 206 38.31 -3.50 23.17
N SER B 207 37.72 -3.54 21.98
CA SER B 207 37.73 -2.41 21.07
C SER B 207 36.33 -2.13 20.54
N ASP B 208 36.09 -0.87 20.22
CA ASP B 208 34.89 -0.43 19.52
C ASP B 208 35.18 0.12 18.14
N ARG B 209 36.45 0.11 17.72
CA ARG B 209 36.84 0.75 16.46
C ARG B 209 36.41 -0.06 15.25
N PHE B 210 36.45 -1.39 15.34
CA PHE B 210 36.04 -2.26 14.25
C PHE B 210 35.01 -3.26 14.75
N LEU B 211 34.45 -4.02 13.82
CA LEU B 211 33.43 -5.00 14.12
C LEU B 211 33.83 -6.36 13.57
N GLY B 212 33.62 -7.40 14.37
CA GLY B 212 33.79 -8.77 13.91
C GLY B 212 32.51 -9.31 13.30
N PHE B 213 32.59 -10.56 12.85
CA PHE B 213 31.43 -11.24 12.29
C PHE B 213 31.47 -12.71 12.68
N PHE B 214 30.34 -13.38 12.48
CA PHE B 214 30.19 -14.78 12.86
C PHE B 214 30.07 -15.65 11.62
N MET B 215 30.48 -16.92 11.76
CA MET B 215 30.24 -17.95 10.78
C MET B 215 29.64 -19.16 11.48
N VAL B 216 28.52 -19.65 10.97
CA VAL B 216 27.78 -20.74 11.60
C VAL B 216 27.65 -21.87 10.58
N PRO B 217 27.26 -23.09 11.00
CA PRO B 217 27.14 -24.19 10.03
C PRO B 217 26.16 -23.86 8.92
N ALA B 218 26.44 -24.40 7.73
CA ALA B 218 25.62 -24.13 6.55
C ALA B 218 24.19 -24.67 6.76
N GLN B 219 24.06 -25.98 6.86
CA GLN B 219 22.82 -26.55 7.38
C GLN B 219 22.93 -26.55 8.91
N SER B 220 22.32 -27.52 9.57
CA SER B 220 22.61 -27.77 10.99
C SER B 220 22.24 -26.60 11.88
N SER B 221 22.88 -26.53 13.04
CA SER B 221 23.09 -25.32 13.80
C SER B 221 24.36 -25.56 14.62
N TRP B 222 24.59 -24.75 15.64
CA TRP B 222 25.80 -24.96 16.42
C TRP B 222 25.56 -25.69 17.74
N ASN B 223 24.39 -25.54 18.34
CA ASN B 223 24.11 -26.11 19.66
C ASN B 223 23.58 -27.52 19.54
N TYR B 224 24.33 -28.49 20.06
CA TYR B 224 23.91 -29.88 20.09
C TYR B 224 23.75 -30.43 21.51
N ASN B 225 23.68 -29.55 22.51
CA ASN B 225 23.57 -29.99 23.91
C ASN B 225 22.26 -30.69 24.20
N PHE B 226 21.28 -30.62 23.30
CA PHE B 226 20.06 -31.40 23.40
C PHE B 226 20.00 -32.51 22.35
N MET B 227 21.03 -32.65 21.54
CA MET B 227 21.10 -33.69 20.50
C MET B 227 22.49 -34.32 20.53
N GLY B 228 22.97 -34.66 21.72
CA GLY B 228 24.31 -35.20 21.85
C GLY B 228 24.53 -36.49 21.08
N VAL B 229 23.46 -37.24 20.83
CA VAL B 229 23.58 -38.48 20.06
C VAL B 229 24.02 -38.17 18.63
N ARG B 230 23.45 -37.13 18.03
CA ARG B 230 23.78 -36.75 16.67
C ARG B 230 25.13 -36.05 16.55
N HIS B 231 25.82 -35.81 17.67
CA HIS B 231 27.16 -35.23 17.64
C HIS B 231 28.20 -36.34 17.71
N ASP B 232 29.20 -36.26 16.84
CA ASP B 232 30.25 -37.25 16.73
C ASP B 232 31.55 -36.54 16.42
N PRO B 233 32.65 -36.90 17.09
CA PRO B 233 33.93 -36.21 16.84
C PRO B 233 34.37 -36.25 15.38
N ASN B 234 33.95 -37.25 14.62
CA ASN B 234 34.32 -37.36 13.22
C ASN B 234 33.32 -36.69 12.28
N MET B 235 32.37 -35.91 12.82
CA MET B 235 31.36 -35.29 11.98
C MET B 235 31.96 -34.16 11.14
N LYS B 236 31.43 -34.01 9.93
CA LYS B 236 31.85 -32.97 9.01
C LYS B 236 30.80 -31.88 8.94
N TYR B 237 31.24 -30.68 8.57
CA TYR B 237 30.35 -29.53 8.54
C TYR B 237 30.96 -28.45 7.64
N GLU B 238 30.09 -27.67 7.02
CA GLU B 238 30.49 -26.49 6.27
C GLU B 238 29.76 -25.28 6.83
N LEU B 239 30.24 -24.09 6.47
CA LEU B 239 29.85 -22.88 7.15
C LEU B 239 29.12 -21.91 6.22
N GLN B 240 28.46 -20.94 6.83
CA GLN B 240 27.80 -19.86 6.13
C GLN B 240 28.03 -18.56 6.89
N LEU B 241 27.83 -17.44 6.22
CA LEU B 241 28.00 -16.12 6.82
C LEU B 241 26.67 -15.71 7.45
N ALA B 242 26.51 -15.97 8.74
CA ALA B 242 25.28 -15.66 9.45
C ALA B 242 25.54 -15.64 10.94
N ASN B 243 24.67 -14.92 11.69
CA ASN B 243 24.78 -14.79 13.13
C ASN B 243 24.12 -15.98 13.83
N PRO B 244 24.68 -16.43 14.95
CA PRO B 244 24.18 -17.65 15.60
C PRO B 244 22.94 -17.40 16.44
N LYS B 245 22.20 -18.47 16.68
CA LYS B 245 21.02 -18.45 17.52
C LYS B 245 21.40 -18.66 18.98
N GLU B 246 20.55 -18.16 19.88
CA GLU B 246 20.80 -18.30 21.30
C GLU B 246 20.68 -19.77 21.71
N PHE B 247 21.14 -20.06 22.94
CA PHE B 247 21.28 -21.43 23.41
C PHE B 247 19.96 -22.19 23.33
N TYR B 248 18.91 -21.66 23.96
CA TYR B 248 17.63 -22.34 24.06
C TYR B 248 16.68 -21.98 22.92
N HIS B 249 17.20 -21.58 21.77
CA HIS B 249 16.36 -21.35 20.61
C HIS B 249 15.64 -22.64 20.21
N GLU B 250 14.49 -22.49 19.56
CA GLU B 250 13.63 -23.61 19.26
C GLU B 250 14.33 -24.66 18.39
N VAL B 251 15.17 -24.21 17.45
CA VAL B 251 15.81 -25.14 16.54
C VAL B 251 16.85 -26.02 17.24
N HIS B 252 17.26 -25.65 18.45
CA HIS B 252 18.25 -26.42 19.19
C HIS B 252 17.64 -27.50 20.08
N ARG B 253 16.32 -27.50 20.25
CA ARG B 253 15.63 -28.48 21.10
C ARG B 253 14.29 -28.85 20.48
N PRO B 254 14.30 -29.45 19.28
CA PRO B 254 13.02 -29.77 18.63
C PRO B 254 12.20 -30.82 19.36
N SER B 255 12.83 -31.67 20.18
CA SER B 255 12.09 -32.72 20.87
C SER B 255 11.17 -32.14 21.94
N HIS B 256 11.55 -31.02 22.55
CA HIS B 256 10.67 -30.39 23.54
C HIS B 256 9.38 -29.91 22.90
N PHE B 257 9.41 -29.55 21.62
CA PHE B 257 8.24 -29.03 20.93
C PHE B 257 7.40 -30.11 20.28
N LEU B 258 8.01 -31.24 19.90
CA LEU B 258 7.28 -32.33 19.27
C LEU B 258 6.72 -33.32 20.27
N ASN B 259 7.44 -33.57 21.37
CA ASN B 259 6.95 -34.49 22.39
C ASN B 259 5.84 -33.86 23.23
N PHE B 260 5.86 -32.54 23.41
CA PHE B 260 4.75 -31.87 24.08
C PHE B 260 3.49 -31.92 23.21
N ALA B 261 3.64 -31.71 21.90
CA ALA B 261 2.50 -31.79 20.99
C ALA B 261 1.98 -33.20 20.83
N LEU B 262 2.81 -34.21 21.06
CA LEU B 262 2.37 -35.60 20.92
C LEU B 262 1.44 -35.97 22.08
N LEU B 263 0.15 -35.68 21.90
CA LEU B 263 -0.91 -36.10 22.83
C LEU B 263 -0.54 -36.00 24.31
#